data_8DQV
#
_entry.id   8DQV
#
_cell.length_a   1.00
_cell.length_b   1.00
_cell.length_c   1.00
_cell.angle_alpha   90.00
_cell.angle_beta   90.00
_cell.angle_gamma   90.00
#
_symmetry.space_group_name_H-M   'P 1'
#
loop_
_entity.id
_entity.type
_entity.pdbx_description
1 polymer 'Hydrogenase-2, large subunit'
2 polymer 'Hydrogenase-2, small subunit'
3 non-polymer 'OXYGEN ATOM'
4 non-polymer 'MAGNESIUM ION'
5 non-polymer 'CARBONMONOXIDE-(DICYANO) IRON'
6 non-polymer 'NICKEL (III) ION'
7 non-polymer MENADIONE
8 non-polymer 'FE3-S4 CLUSTER'
9 water water
#
loop_
_entity_poly.entity_id
_entity_poly.type
_entity_poly.pdbx_seq_one_letter_code
_entity_poly.pdbx_strand_id
1 'polypeptide(L)'
;LDLFVSPLGRVEGDLDVRVTINDGVVTSAWTEAAMFRGFEIILRGKDPQAGLIVCPRICGICGGSHLYKSAYALDTAWRT
HMPPNATLIRNICQACETLQSIPRYFYALFAIDLTNKNYAKSKLYDEAVRRFAPYVGTSYQPGVVLSAKPVEVYAIFGGQ
WP(DHI)SSFMVPGGVMSAPTLSDVTRAIAILEHWNDNWLEKQWLGCSVDRWLENKTWNDVLAWVDENESQYNSDCGFFI
RYCLDVGLDKYGQGVGNYLATGTYFEPSLYENPTIEGRNAALIGRSGVFADGRYFEFDQANVTEDVTHSFYEGNRPLHPF
EGETIPVNPEDGRRQGKYSWAKSPRYAVPGLGNVPLETGPLARRMAASAPDAETHQDDDPLFADIYNAIGPSVMVRQLAR
MHEGPKYYKWVRQWLDDLELKESFYTKPVEYAEGKGFGSTEAARGALSDWIVIEDSKIKNYQVVTPTAWNIGPRDASEVL
GPIEQALVGSPIVDAEDPVELGHVARSFDSCLVCTVH
;
A,C
2 'polypeptide(L)'
;ASVLWFQGGACSGNTMSFLNADEPNVVDLIVDFGLDLLWHPSLGLELGNNAQKVFWDCAKGERPLDIFVFEGTVIEAPNG
TGQMDMFAGRPMKDWVTDLAGAAQIVVAIGDCACFGGIPAMEPNPSGSTGLQFHKREKGGFLGPDFRSKMGLPVINVPGC
PAHPDWITQILVALATGRAGDITLDDLHRPETFFKTFTQTGCTRVQFFEYKQSTLSFGEGTRTGCLFYEFGCRGPMTHSP
CNRILWNRQSSKTRAGMPCLGCTEPEFPHFDLAPGTVFKTQKVSGMIPKEVPEGTDHLTYMGLAAAARIAAPQWSKEDMF
VV
;
B,D
#
loop_
_chem_comp.id
_chem_comp.type
_chem_comp.name
_chem_comp.formula
3NI non-polymer 'NICKEL (III) ION' 'Ni 3'
F3S non-polymer 'FE3-S4 CLUSTER' 'Fe3 S4'
FCO non-polymer 'CARBONMONOXIDE-(DICYANO) IRON' 'C3 Fe N2 O'
MG non-polymer 'MAGNESIUM ION' 'Mg 2'
O non-polymer 'OXYGEN ATOM' O
VK3 non-polymer MENADIONE 'C11 H8 O2'
#
# COMPACT_ATOMS: atom_id res chain seq x y z
N LEU A 1 -40.66 5.88 31.89
CA LEU A 1 -39.29 5.86 32.39
C LEU A 1 -38.44 6.88 31.63
N ASP A 2 -37.79 7.78 32.37
CA ASP A 2 -36.90 8.77 31.79
C ASP A 2 -35.48 8.20 31.78
N LEU A 3 -34.94 7.98 30.60
CA LEU A 3 -33.63 7.36 30.44
C LEU A 3 -32.73 8.34 29.70
N PHE A 4 -31.53 8.55 30.24
CA PHE A 4 -30.54 9.45 29.66
C PHE A 4 -29.32 8.63 29.26
N VAL A 5 -29.11 8.48 27.96
CA VAL A 5 -27.98 7.69 27.45
C VAL A 5 -26.84 8.66 27.15
N SER A 6 -25.75 8.52 27.88
CA SER A 6 -24.59 9.36 27.71
C SER A 6 -23.34 8.56 28.04
N PRO A 7 -22.44 8.33 27.08
CA PRO A 7 -22.46 8.73 25.67
C PRO A 7 -23.12 7.68 24.78
N LEU A 8 -23.80 8.11 23.72
CA LEU A 8 -24.24 7.23 22.65
C LEU A 8 -23.18 7.35 21.56
N GLY A 9 -22.22 6.43 21.57
CA GLY A 9 -21.05 6.52 20.73
C GLY A 9 -21.32 6.02 19.32
N ARG A 10 -20.24 5.98 18.55
CA ARG A 10 -20.28 5.55 17.15
C ARG A 10 -21.27 6.40 16.36
N VAL A 11 -21.32 7.69 16.69
CA VAL A 11 -22.09 8.68 15.94
C VAL A 11 -21.19 9.84 15.58
N GLU A 12 -19.90 9.53 15.44
CA GLU A 12 -18.92 10.56 15.09
C GLU A 12 -19.09 11.86 15.86
N GLY A 13 -18.92 11.80 17.14
CA GLY A 13 -18.99 12.94 18.02
C GLY A 13 -19.74 12.61 19.28
N ASP A 14 -20.03 13.64 20.06
CA ASP A 14 -20.66 13.49 21.36
C ASP A 14 -22.17 13.59 21.21
N LEU A 15 -22.86 12.51 21.53
CA LEU A 15 -24.32 12.48 21.51
C LEU A 15 -24.81 11.96 22.84
N ASP A 16 -25.76 12.67 23.42
CA ASP A 16 -26.52 12.20 24.56
C ASP A 16 -27.98 12.15 24.17
N VAL A 17 -28.61 11.00 24.38
CA VAL A 17 -30.00 10.79 24.01
C VAL A 17 -30.81 10.62 25.29
N ARG A 18 -31.83 11.46 25.45
CA ARG A 18 -32.79 11.32 26.51
C ARG A 18 -34.11 10.84 25.90
N VAL A 19 -34.70 9.81 26.49
CA VAL A 19 -35.95 9.26 26.01
C VAL A 19 -36.89 9.05 27.18
N THR A 20 -38.18 9.09 26.89
CA THR A 20 -39.23 8.73 27.83
C THR A 20 -39.79 7.40 27.37
N ILE A 21 -39.55 6.35 28.15
CA ILE A 21 -39.96 5.00 27.79
C ILE A 21 -41.21 4.64 28.59
N ASN A 22 -42.25 4.23 27.87
CA ASN A 22 -43.49 3.75 28.48
C ASN A 22 -43.77 2.35 27.95
N ASP A 23 -43.84 1.38 28.85
CA ASP A 23 -44.11 -0.01 28.49
C ASP A 23 -43.10 -0.52 27.46
N GLY A 24 -41.84 -0.14 27.63
CA GLY A 24 -40.78 -0.64 26.79
C GLY A 24 -40.63 0.05 25.45
N VAL A 25 -41.39 1.13 25.20
CA VAL A 25 -41.37 1.83 23.93
C VAL A 25 -41.06 3.29 24.21
N VAL A 26 -40.16 3.87 23.41
CA VAL A 26 -39.86 5.29 23.54
C VAL A 26 -41.06 6.09 23.06
N THR A 27 -41.57 6.94 23.95
CA THR A 27 -42.67 7.83 23.61
C THR A 27 -42.21 9.24 23.27
N SER A 28 -41.10 9.68 23.86
CA SER A 28 -40.49 10.94 23.53
C SER A 28 -38.97 10.76 23.55
N ALA A 29 -38.30 11.57 22.75
CA ALA A 29 -36.85 11.48 22.62
C ALA A 29 -36.27 12.87 22.47
N TRP A 30 -35.10 13.07 23.08
CA TRP A 30 -34.32 14.29 22.93
C TRP A 30 -32.92 13.91 22.50
N THR A 31 -32.47 14.50 21.40
CA THR A 31 -31.10 14.32 20.93
C THR A 31 -30.29 15.53 21.37
N GLU A 32 -29.22 15.28 22.11
CA GLU A 32 -28.39 16.34 22.68
C GLU A 32 -27.01 16.24 22.06
N ALA A 33 -26.73 17.14 21.11
CA ALA A 33 -25.38 17.32 20.62
C ALA A 33 -24.60 18.11 21.65
N ALA A 34 -23.55 17.50 22.19
CA ALA A 34 -22.91 17.99 23.41
C ALA A 34 -21.55 18.63 23.19
N MET A 35 -21.08 18.72 21.95
CA MET A 35 -19.77 19.29 21.65
C MET A 35 -19.91 20.36 20.58
N PHE A 36 -19.30 21.51 20.83
CA PHE A 36 -19.38 22.66 19.95
C PHE A 36 -17.99 23.21 19.71
N ARG A 37 -17.67 23.50 18.44
CA ARG A 37 -16.40 24.09 18.06
C ARG A 37 -16.54 25.48 17.45
N GLY A 38 -17.69 25.80 16.88
CA GLY A 38 -17.93 27.13 16.34
C GLY A 38 -17.11 27.49 15.12
N PHE A 39 -17.02 26.57 14.15
CA PHE A 39 -16.28 26.86 12.94
C PHE A 39 -16.91 28.00 12.15
N GLU A 40 -18.24 28.09 12.17
CA GLU A 40 -18.90 29.20 11.49
C GLU A 40 -18.48 30.53 12.08
N ILE A 41 -18.35 30.58 13.41
CA ILE A 41 -17.85 31.77 14.08
C ILE A 41 -16.41 32.04 13.66
N ILE A 42 -15.59 30.99 13.65
CA ILE A 42 -14.19 31.15 13.32
C ILE A 42 -14.03 31.66 11.89
N LEU A 43 -14.87 31.16 10.98
CA LEU A 43 -14.72 31.51 9.57
C LEU A 43 -15.02 32.97 9.31
N ARG A 44 -15.77 33.64 10.19
CA ARG A 44 -16.06 35.04 10.00
C ARG A 44 -14.77 35.85 9.95
N GLY A 45 -14.68 36.73 8.96
CA GLY A 45 -13.52 37.58 8.81
C GLY A 45 -12.32 36.90 8.23
N LYS A 46 -12.42 35.63 7.87
CA LYS A 46 -11.30 34.88 7.35
C LYS A 46 -11.25 34.99 5.84
N ASP A 47 -10.21 34.41 5.27
CA ASP A 47 -10.06 34.42 3.83
C ASP A 47 -11.28 33.74 3.19
N PRO A 48 -11.76 34.24 2.05
CA PRO A 48 -12.95 33.62 1.44
C PRO A 48 -12.78 32.13 1.19
N GLN A 49 -11.56 31.67 0.96
CA GLN A 49 -11.28 30.26 0.73
C GLN A 49 -10.94 29.51 2.01
N ALA A 50 -11.04 30.17 3.17
CA ALA A 50 -10.74 29.50 4.43
C ALA A 50 -11.66 28.32 4.68
N GLY A 51 -12.86 28.34 4.11
CA GLY A 51 -13.77 27.23 4.26
C GLY A 51 -13.23 25.95 3.66
N LEU A 52 -12.44 26.06 2.59
CA LEU A 52 -11.83 24.88 1.99
C LEU A 52 -10.89 24.19 2.96
N ILE A 53 -10.32 24.93 3.90
CA ILE A 53 -9.47 24.35 4.92
C ILE A 53 -10.26 24.00 6.16
N VAL A 54 -11.13 24.91 6.60
CA VAL A 54 -11.82 24.75 7.88
C VAL A 54 -12.93 23.72 7.76
N CYS A 55 -13.78 23.86 6.75
CA CYS A 55 -14.98 23.03 6.69
C CYS A 55 -14.67 21.54 6.65
N PRO A 56 -13.67 21.07 5.90
CA PRO A 56 -13.34 19.64 6.01
C PRO A 56 -13.05 19.22 7.43
N ARG A 57 -12.48 20.12 8.24
CA ARG A 57 -12.23 19.81 9.63
C ARG A 57 -13.48 19.80 10.47
N ILE A 58 -14.64 20.04 9.87
CA ILE A 58 -15.88 19.84 10.60
C ILE A 58 -16.03 18.37 10.95
N CYS A 59 -15.42 17.55 10.06
CA CYS A 59 -15.63 16.13 10.21
C CYS A 59 -14.61 15.27 9.45
N GLY A 60 -14.16 14.20 10.08
CA GLY A 60 -13.10 13.44 9.46
C GLY A 60 -13.58 12.49 8.39
N ILE A 61 -14.80 12.09 8.63
CA ILE A 61 -15.30 11.08 7.74
C ILE A 61 -15.96 11.70 6.58
N CYS A 62 -16.44 12.88 6.77
CA CYS A 62 -17.15 13.50 5.67
C CYS A 62 -16.59 14.85 5.26
N GLY A 63 -15.34 15.04 5.63
CA GLY A 63 -14.70 16.32 5.37
C GLY A 63 -14.57 16.62 3.89
N GLY A 64 -14.33 15.59 3.08
CA GLY A 64 -14.28 15.80 1.64
C GLY A 64 -15.60 16.30 1.09
N SER A 65 -16.71 15.84 1.66
CA SER A 65 -18.01 16.37 1.28
C SER A 65 -18.12 17.84 1.64
N HIS A 66 -17.61 18.21 2.81
CA HIS A 66 -17.56 19.63 3.17
C HIS A 66 -16.72 20.41 2.17
N LEU A 67 -15.58 19.83 1.78
CA LEU A 67 -14.73 20.47 0.80
C LEU A 67 -15.47 20.64 -0.52
N TYR A 68 -16.18 19.59 -0.94
CA TYR A 68 -16.91 19.61 -2.19
C TYR A 68 -17.91 20.76 -2.22
N LYS A 69 -18.75 20.86 -1.19
CA LYS A 69 -19.74 21.93 -1.16
C LYS A 69 -19.11 23.28 -0.82
N SER A 70 -18.06 23.28 0.00
CA SER A 70 -17.38 24.54 0.30
C SER A 70 -16.78 25.13 -0.97
N ALA A 71 -16.19 24.28 -1.81
CA ALA A 71 -15.65 24.75 -3.08
C ALA A 71 -16.77 25.26 -3.97
N TYR A 72 -17.88 24.53 -4.04
CA TYR A 72 -18.98 24.95 -4.91
C TYR A 72 -19.65 26.20 -4.39
N ALA A 73 -19.64 26.42 -3.08
CA ALA A 73 -20.11 27.69 -2.54
C ALA A 73 -19.28 28.83 -3.11
N LEU A 74 -17.96 28.65 -3.15
CA LEU A 74 -17.09 29.66 -3.75
C LEU A 74 -17.30 29.74 -5.26
N ASP A 75 -17.48 28.59 -5.91
CA ASP A 75 -17.70 28.59 -7.35
C ASP A 75 -18.94 29.40 -7.70
N THR A 76 -20.01 29.25 -6.92
CA THR A 76 -21.21 30.04 -7.15
C THR A 76 -21.01 31.49 -6.73
N ALA A 77 -20.36 31.70 -5.58
CA ALA A 77 -20.14 33.06 -5.10
C ALA A 77 -19.32 33.87 -6.08
N TRP A 78 -18.29 33.25 -6.66
CA TRP A 78 -17.38 33.91 -7.57
C TRP A 78 -17.71 33.64 -9.02
N ARG A 79 -18.86 33.01 -9.30
CA ARG A 79 -19.30 32.78 -10.67
C ARG A 79 -18.19 32.15 -11.50
N THR A 80 -17.53 31.16 -10.89
CA THR A 80 -16.37 30.54 -11.50
C THR A 80 -16.78 29.65 -12.66
N HIS A 81 -15.77 29.21 -13.40
CA HIS A 81 -15.93 28.20 -14.42
C HIS A 81 -15.34 26.89 -13.92
N MET A 82 -16.09 25.82 -14.08
CA MET A 82 -15.70 24.51 -13.58
C MET A 82 -15.39 23.62 -14.78
N PRO A 83 -14.12 23.35 -15.09
CA PRO A 83 -13.83 22.44 -16.18
C PRO A 83 -14.48 21.09 -15.92
N PRO A 84 -14.95 20.41 -16.97
CA PRO A 84 -15.61 19.12 -16.74
C PRO A 84 -14.78 18.15 -15.94
N ASN A 85 -13.47 18.09 -16.19
CA ASN A 85 -12.62 17.19 -15.44
C ASN A 85 -12.67 17.50 -13.96
N ALA A 86 -12.62 18.77 -13.60
CA ALA A 86 -12.67 19.14 -12.19
C ALA A 86 -13.97 18.67 -11.56
N THR A 87 -15.08 18.86 -12.26
CA THR A 87 -16.36 18.35 -11.77
C THR A 87 -16.29 16.84 -11.59
N LEU A 88 -15.68 16.14 -12.54
CA LEU A 88 -15.55 14.69 -12.42
C LEU A 88 -14.71 14.32 -11.20
N ILE A 89 -13.59 15.02 -11.01
CA ILE A 89 -12.73 14.71 -9.88
C ILE A 89 -13.48 14.97 -8.57
N ARG A 90 -14.19 16.09 -8.51
CA ARG A 90 -14.98 16.38 -7.32
C ARG A 90 -16.03 15.30 -7.09
N ASN A 91 -16.73 14.91 -8.16
CA ASN A 91 -17.72 13.85 -8.04
C ASN A 91 -17.08 12.56 -7.60
N ILE A 92 -15.96 12.20 -8.22
CA ILE A 92 -15.29 10.94 -7.90
C ILE A 92 -14.89 10.93 -6.44
N CYS A 93 -14.29 12.02 -5.97
CA CYS A 93 -13.77 12.06 -4.62
C CYS A 93 -14.90 12.15 -3.60
N GLN A 94 -15.95 12.89 -3.92
CA GLN A 94 -17.12 12.92 -3.06
C GLN A 94 -17.72 11.53 -2.91
N ALA A 95 -17.91 10.84 -4.03
CA ALA A 95 -18.45 9.49 -3.98
C ALA A 95 -17.49 8.53 -3.29
N CYS A 96 -16.20 8.67 -3.58
CA CYS A 96 -15.21 7.77 -2.98
C CYS A 96 -15.20 7.91 -1.46
N GLU A 97 -15.31 9.14 -0.96
CA GLU A 97 -15.43 9.33 0.48
C GLU A 97 -16.68 8.63 1.00
N THR A 98 -17.80 8.77 0.30
CA THR A 98 -19.02 8.08 0.69
C THR A 98 -18.84 6.58 0.57
N LEU A 99 -18.17 6.11 -0.48
CA LEU A 99 -17.92 4.69 -0.62
C LEU A 99 -17.06 4.16 0.51
N GLN A 100 -16.17 5.00 1.03
CA GLN A 100 -15.40 4.62 2.21
C GLN A 100 -16.28 4.63 3.45
N SER A 101 -17.18 5.62 3.55
CA SER A 101 -18.00 5.77 4.73
C SER A 101 -18.97 4.60 4.87
N ILE A 102 -19.53 4.13 3.75
CA ILE A 102 -20.59 3.14 3.81
C ILE A 102 -20.13 1.88 4.54
N PRO A 103 -19.04 1.22 4.15
CA PRO A 103 -18.60 0.04 4.93
C PRO A 103 -18.04 0.42 6.28
N ARG A 104 -17.24 1.48 6.34
CA ARG A 104 -16.62 1.86 7.62
C ARG A 104 -17.68 2.09 8.67
N TYR A 105 -18.70 2.89 8.33
CA TYR A 105 -19.77 3.14 9.29
C TYR A 105 -20.55 1.86 9.56
N PHE A 106 -20.87 1.11 8.52
CA PHE A 106 -21.76 -0.04 8.68
C PHE A 106 -21.16 -1.06 9.64
N TYR A 107 -19.89 -1.39 9.47
CA TYR A 107 -19.26 -2.41 10.29
C TYR A 107 -18.78 -1.84 11.62
N ALA A 108 -18.08 -0.70 11.56
CA ALA A 108 -17.45 -0.16 12.75
C ALA A 108 -18.43 0.55 13.67
N LEU A 109 -19.41 1.26 13.09
CA LEU A 109 -20.29 2.11 13.86
C LEU A 109 -21.66 1.52 14.10
N PHE A 110 -22.17 0.71 13.16
CA PHE A 110 -23.55 0.23 13.22
C PHE A 110 -23.65 -1.26 13.49
N ALA A 111 -22.98 -2.08 12.68
CA ALA A 111 -23.28 -3.51 12.67
C ALA A 111 -22.89 -4.20 13.97
N ILE A 112 -21.92 -3.67 14.70
CA ILE A 112 -21.48 -4.34 15.93
C ILE A 112 -22.63 -4.42 16.92
N ASP A 113 -23.59 -3.50 16.84
CA ASP A 113 -24.76 -3.58 17.71
C ASP A 113 -25.63 -4.77 17.38
N LEU A 114 -25.49 -5.35 16.18
CA LEU A 114 -26.22 -6.56 15.84
C LEU A 114 -25.78 -7.74 16.69
N THR A 115 -24.65 -7.63 17.36
CA THR A 115 -24.18 -8.65 18.29
C THR A 115 -24.70 -8.42 19.70
N ASN A 116 -25.56 -7.43 19.88
CA ASN A 116 -26.11 -7.15 21.20
C ASN A 116 -26.87 -8.35 21.73
N LYS A 117 -26.75 -8.57 23.04
CA LYS A 117 -27.37 -9.74 23.66
C LYS A 117 -28.87 -9.77 23.50
N ASN A 118 -29.51 -8.63 23.19
CA ASN A 118 -30.94 -8.61 22.97
C ASN A 118 -31.35 -9.53 21.83
N TYR A 119 -30.43 -9.83 20.91
CA TYR A 119 -30.68 -10.72 19.79
C TYR A 119 -30.14 -12.12 20.03
N ALA A 120 -29.75 -12.44 21.27
CA ALA A 120 -29.15 -13.73 21.55
C ALA A 120 -30.07 -14.87 21.16
N LYS A 121 -31.39 -14.66 21.20
CA LYS A 121 -32.34 -15.70 20.88
C LYS A 121 -32.53 -15.91 19.38
N SER A 122 -31.95 -15.04 18.54
CA SER A 122 -32.11 -15.16 17.10
C SER A 122 -31.27 -16.33 16.59
N LYS A 123 -31.84 -17.09 15.67
CA LYS A 123 -31.10 -18.18 15.05
C LYS A 123 -29.89 -17.67 14.28
N LEU A 124 -29.89 -16.39 13.90
CA LEU A 124 -28.80 -15.77 13.17
C LEU A 124 -27.82 -15.05 14.08
N TYR A 125 -28.07 -15.06 15.40
CA TYR A 125 -27.24 -14.26 16.30
C TYR A 125 -25.78 -14.70 16.26
N ASP A 126 -25.55 -16.01 16.32
CA ASP A 126 -24.17 -16.51 16.32
C ASP A 126 -23.45 -16.05 15.06
N GLU A 127 -24.12 -16.15 13.92
CA GLU A 127 -23.52 -15.69 12.67
C GLU A 127 -23.27 -14.19 12.71
N ALA A 128 -24.22 -13.43 13.25
CA ALA A 128 -24.03 -11.99 13.40
C ALA A 128 -22.81 -11.69 14.25
N VAL A 129 -22.63 -12.43 15.34
CA VAL A 129 -21.48 -12.24 16.21
C VAL A 129 -20.20 -12.55 15.45
N ARG A 130 -20.18 -13.67 14.71
CA ARG A 130 -18.99 -14.03 13.95
C ARG A 130 -18.65 -12.97 12.92
N ARG A 131 -19.67 -12.37 12.30
CA ARG A 131 -19.46 -11.43 11.21
C ARG A 131 -19.16 -10.03 11.74
N PHE A 132 -19.98 -9.54 12.65
CA PHE A 132 -20.02 -8.13 13.00
C PHE A 132 -19.45 -7.83 14.38
N ALA A 133 -18.86 -8.81 15.05
CA ALA A 133 -18.26 -8.54 16.34
C ALA A 133 -17.16 -7.49 16.19
N PRO A 134 -17.06 -6.53 17.10
CA PRO A 134 -16.07 -5.46 16.94
C PRO A 134 -14.65 -6.01 16.91
N TYR A 135 -13.92 -5.62 15.86
CA TYR A 135 -12.49 -5.86 15.73
C TYR A 135 -12.13 -7.30 15.42
N VAL A 136 -13.10 -8.22 15.49
CA VAL A 136 -12.83 -9.62 15.23
C VAL A 136 -13.86 -10.20 14.28
N GLY A 137 -14.93 -9.46 14.03
CA GLY A 137 -15.96 -9.91 13.13
C GLY A 137 -15.40 -10.25 11.76
N THR A 138 -15.76 -11.42 11.25
CA THR A 138 -15.22 -11.85 9.95
C THR A 138 -15.62 -10.90 8.84
N SER A 139 -16.76 -10.23 8.98
CA SER A 139 -17.15 -9.16 8.06
C SER A 139 -16.63 -7.81 8.51
N TYR A 140 -16.50 -7.63 9.83
CA TYR A 140 -16.00 -6.37 10.36
C TYR A 140 -14.59 -6.06 9.86
N GLN A 141 -13.69 -7.02 10.01
CA GLN A 141 -12.28 -6.76 9.67
C GLN A 141 -12.10 -6.38 8.21
N PRO A 142 -12.57 -7.16 7.23
CA PRO A 142 -12.35 -6.76 5.84
C PRO A 142 -13.13 -5.52 5.44
N GLY A 143 -14.36 -5.38 5.92
CA GLY A 143 -15.15 -4.21 5.57
C GLY A 143 -14.50 -2.92 6.05
N VAL A 144 -14.03 -2.92 7.30
CA VAL A 144 -13.35 -1.74 7.82
C VAL A 144 -12.01 -1.54 7.15
N VAL A 145 -11.24 -2.62 6.98
CA VAL A 145 -9.92 -2.51 6.39
C VAL A 145 -10.03 -2.02 4.94
N LEU A 146 -10.97 -2.56 4.19
CA LEU A 146 -11.13 -2.19 2.80
C LEU A 146 -11.80 -0.83 2.63
N SER A 147 -12.43 -0.31 3.68
CA SER A 147 -13.08 0.99 3.57
C SER A 147 -12.07 2.10 3.30
N ALA A 148 -10.78 1.84 3.54
CA ALA A 148 -9.75 2.83 3.24
C ALA A 148 -9.46 2.92 1.75
N LYS A 149 -9.84 1.92 0.96
CA LYS A 149 -9.48 1.91 -0.45
C LYS A 149 -10.12 3.07 -1.21
N PRO A 150 -11.42 3.32 -1.09
CA PRO A 150 -12.00 4.43 -1.87
C PRO A 150 -11.33 5.75 -1.61
N VAL A 151 -10.92 6.01 -0.37
CA VAL A 151 -10.28 7.28 -0.05
C VAL A 151 -8.81 7.30 -0.46
N GLU A 152 -8.25 6.15 -0.83
CA GLU A 152 -6.98 6.16 -1.55
C GLU A 152 -7.15 6.84 -2.90
N VAL A 153 -8.27 6.57 -3.57
CA VAL A 153 -8.59 7.27 -4.81
C VAL A 153 -8.72 8.75 -4.54
N TYR A 154 -9.42 9.11 -3.46
CA TYR A 154 -9.51 10.49 -3.04
C TYR A 154 -8.12 11.10 -2.88
N ALA A 155 -7.24 10.36 -2.21
CA ALA A 155 -5.89 10.86 -1.99
C ALA A 155 -5.11 10.98 -3.29
N ILE A 156 -5.39 10.11 -4.25
CA ILE A 156 -4.69 10.19 -5.54
C ILE A 156 -4.93 11.54 -6.17
N PHE A 157 -6.17 12.03 -6.11
CA PHE A 157 -6.52 13.32 -6.69
C PHE A 157 -6.40 14.47 -5.71
N GLY A 158 -6.62 14.20 -4.42
CA GLY A 158 -6.57 15.23 -3.41
C GLY A 158 -5.32 15.26 -2.59
N GLY A 159 -4.40 14.32 -2.80
CA GLY A 159 -3.15 14.25 -2.07
C GLY A 159 -3.27 13.43 -0.81
N GLN A 160 -4.40 13.52 -0.13
CA GLN A 160 -4.60 12.78 1.10
C GLN A 160 -6.07 12.74 1.44
N TRP A 161 -6.41 11.84 2.35
CA TRP A 161 -7.71 11.80 2.92
C TRP A 161 -7.55 11.20 4.31
N PRO A 162 -8.16 11.81 5.33
CA PRO A 162 -8.88 13.08 5.28
C PRO A 162 -7.95 14.28 5.23
N DHI A 163 -8.51 15.45 4.96
CA DHI A 163 -7.80 16.70 5.21
C DHI A 163 -7.15 17.28 3.97
O DHI A 163 -6.14 17.97 4.06
CB DHI A 163 -8.76 17.72 5.77
CG DHI A 163 -9.45 17.29 7.02
ND1 DHI A 163 -10.70 16.71 7.02
CD2 DHI A 163 -9.07 17.33 8.31
CE1 DHI A 163 -11.06 16.42 8.26
NE2 DHI A 163 -10.08 16.80 9.06
HA DHI A 163 -7.10 16.54 5.86
HB2 DHI A 163 -9.44 17.90 5.10
HB3 DHI A 163 -8.28 18.53 5.96
HD1 DHI A 163 -11.18 16.56 6.32
HD2 DHI A 163 -8.26 17.68 8.63
HE1 DHI A 163 -11.86 16.03 8.52
HE2 DHI A 163 -10.07 16.72 9.92
N SER A 164 -7.76 17.03 2.83
CA SER A 164 -7.39 17.73 1.61
C SER A 164 -8.28 18.95 1.47
N SER A 165 -7.76 19.96 0.78
CA SER A 165 -8.53 21.15 0.41
C SER A 165 -8.39 21.38 -1.09
N PHE A 166 -8.16 20.31 -1.84
CA PHE A 166 -7.76 20.40 -3.23
C PHE A 166 -8.90 20.83 -4.15
N MET A 167 -10.12 20.90 -3.66
CA MET A 167 -11.23 21.41 -4.45
C MET A 167 -11.31 22.90 -4.21
N VAL A 168 -11.00 23.68 -5.23
CA VAL A 168 -10.90 25.12 -5.11
C VAL A 168 -11.85 25.74 -6.12
N PRO A 169 -12.25 26.98 -5.90
CA PRO A 169 -13.02 27.68 -6.94
C PRO A 169 -12.26 27.61 -8.25
N GLY A 170 -12.97 27.24 -9.32
CA GLY A 170 -12.37 27.07 -10.62
C GLY A 170 -11.99 25.65 -10.96
N GLY A 171 -12.03 24.73 -10.00
CA GLY A 171 -11.80 23.34 -10.29
C GLY A 171 -11.18 22.58 -9.13
N VAL A 172 -10.05 21.94 -9.40
CA VAL A 172 -9.28 21.23 -8.40
C VAL A 172 -7.83 21.65 -8.53
N MET A 173 -7.10 21.56 -7.42
CA MET A 173 -5.68 21.89 -7.47
C MET A 173 -4.89 20.87 -8.27
N SER A 174 -5.36 19.63 -8.29
CA SER A 174 -4.57 18.53 -8.79
C SER A 174 -4.64 18.43 -10.30
N ALA A 175 -3.65 17.75 -10.86
CA ALA A 175 -3.53 17.49 -12.29
C ALA A 175 -3.33 16.00 -12.45
N PRO A 176 -4.40 15.22 -12.35
CA PRO A 176 -4.25 13.76 -12.39
C PRO A 176 -3.52 13.31 -13.64
N THR A 177 -2.64 12.34 -13.45
CA THR A 177 -1.91 11.71 -14.54
C THR A 177 -2.63 10.43 -14.93
N LEU A 178 -2.11 9.77 -15.96
CA LEU A 178 -2.70 8.52 -16.40
C LEU A 178 -2.63 7.48 -15.30
N SER A 179 -1.47 7.36 -14.64
CA SER A 179 -1.32 6.36 -13.58
C SER A 179 -2.26 6.65 -12.42
N ASP A 180 -2.57 7.92 -12.18
CA ASP A 180 -3.53 8.26 -11.13
C ASP A 180 -4.89 7.66 -11.44
N VAL A 181 -5.36 7.82 -12.68
CA VAL A 181 -6.67 7.35 -13.06
C VAL A 181 -6.69 5.82 -13.12
N THR A 182 -5.69 5.23 -13.74
CA THR A 182 -5.63 3.77 -13.82
C THR A 182 -5.55 3.16 -12.43
N ARG A 183 -4.71 3.73 -11.57
CA ARG A 183 -4.63 3.23 -10.20
C ARG A 183 -5.95 3.41 -9.48
N ALA A 184 -6.59 4.56 -9.67
CA ALA A 184 -7.88 4.81 -9.04
C ALA A 184 -8.90 3.78 -9.49
N ILE A 185 -8.93 3.48 -10.78
CA ILE A 185 -9.82 2.45 -11.30
C ILE A 185 -9.47 1.11 -10.65
N ALA A 186 -8.18 0.79 -10.60
CA ALA A 186 -7.76 -0.48 -10.04
C ALA A 186 -8.13 -0.58 -8.57
N ILE A 187 -7.95 0.51 -7.82
CA ILE A 187 -8.33 0.51 -6.41
C ILE A 187 -9.83 0.32 -6.28
N LEU A 188 -10.59 1.07 -7.07
CA LEU A 188 -12.04 0.99 -7.03
C LEU A 188 -12.52 -0.41 -7.41
N GLU A 189 -11.95 -0.96 -8.49
CA GLU A 189 -12.35 -2.28 -8.93
C GLU A 189 -12.00 -3.32 -7.87
N HIS A 190 -10.82 -3.21 -7.28
CA HIS A 190 -10.42 -4.15 -6.24
C HIS A 190 -11.35 -4.04 -5.04
N TRP A 191 -11.65 -2.81 -4.62
CA TRP A 191 -12.54 -2.62 -3.49
C TRP A 191 -13.93 -3.13 -3.80
N ASN A 192 -14.43 -2.84 -5.00
CA ASN A 192 -15.76 -3.31 -5.37
C ASN A 192 -15.80 -4.83 -5.41
N ASP A 193 -14.78 -5.44 -6.01
CA ASP A 193 -14.74 -6.90 -6.09
C ASP A 193 -14.58 -7.51 -4.70
N ASN A 194 -13.63 -7.00 -3.92
CA ASN A 194 -13.25 -7.67 -2.69
C ASN A 194 -14.28 -7.46 -1.58
N TRP A 195 -14.80 -6.23 -1.43
CA TRP A 195 -15.79 -5.97 -0.40
C TRP A 195 -17.20 -5.90 -0.96
N LEU A 196 -17.45 -4.97 -1.89
CA LEU A 196 -18.83 -4.66 -2.25
C LEU A 196 -19.52 -5.86 -2.88
N GLU A 197 -18.83 -6.56 -3.78
CA GLU A 197 -19.45 -7.67 -4.49
C GLU A 197 -19.27 -8.99 -3.76
N LYS A 198 -18.04 -9.31 -3.35
CA LYS A 198 -17.79 -10.59 -2.71
C LYS A 198 -18.36 -10.63 -1.29
N GLN A 199 -18.16 -9.56 -0.53
CA GLN A 199 -18.54 -9.56 0.88
C GLN A 199 -19.95 -8.99 1.09
N TRP A 200 -20.17 -7.76 0.64
CA TRP A 200 -21.46 -7.12 0.93
C TRP A 200 -22.59 -7.77 0.15
N LEU A 201 -22.41 -7.95 -1.16
CA LEU A 201 -23.50 -8.39 -2.02
C LEU A 201 -23.51 -9.89 -2.26
N GLY A 202 -22.32 -10.50 -2.37
CA GLY A 202 -22.27 -11.86 -2.86
C GLY A 202 -22.67 -11.98 -4.30
N CYS A 203 -22.67 -10.87 -5.03
CA CYS A 203 -23.06 -10.84 -6.43
C CYS A 203 -22.53 -9.53 -7.01
N SER A 204 -22.71 -9.38 -8.33
CA SER A 204 -22.25 -8.18 -9.00
C SER A 204 -23.08 -6.96 -8.57
N VAL A 205 -22.46 -5.78 -8.70
CA VAL A 205 -23.20 -4.55 -8.44
C VAL A 205 -24.37 -4.44 -9.40
N ASP A 206 -24.18 -4.88 -10.65
CA ASP A 206 -25.26 -4.85 -11.62
C ASP A 206 -26.45 -5.68 -11.15
N ARG A 207 -26.19 -6.87 -10.59
CA ARG A 207 -27.28 -7.71 -10.13
C ARG A 207 -28.07 -7.04 -9.03
N TRP A 208 -27.38 -6.41 -8.07
CA TRP A 208 -28.06 -5.73 -6.99
C TRP A 208 -28.90 -4.58 -7.52
N LEU A 209 -28.34 -3.82 -8.46
CA LEU A 209 -29.06 -2.69 -9.02
C LEU A 209 -30.24 -3.11 -9.90
N GLU A 210 -30.35 -4.40 -10.23
CA GLU A 210 -31.57 -4.82 -10.93
C GLU A 210 -32.75 -4.84 -9.96
N ASN A 211 -32.52 -4.71 -8.66
CA ASN A 211 -33.60 -4.69 -7.68
C ASN A 211 -34.32 -3.35 -7.77
N LYS A 212 -35.55 -3.39 -8.28
CA LYS A 212 -36.38 -2.19 -8.41
C LYS A 212 -37.55 -2.19 -7.45
N THR A 213 -37.72 -3.25 -6.66
CA THR A 213 -38.82 -3.35 -5.71
C THR A 213 -38.32 -4.04 -4.46
N TRP A 214 -39.08 -3.88 -3.38
CA TRP A 214 -38.75 -4.58 -2.15
C TRP A 214 -38.79 -6.09 -2.35
N ASN A 215 -39.79 -6.57 -3.09
CA ASN A 215 -39.85 -8.01 -3.39
C ASN A 215 -38.62 -8.46 -4.16
N ASP A 216 -38.11 -7.61 -5.05
CA ASP A 216 -36.87 -7.95 -5.75
C ASP A 216 -35.73 -8.11 -4.76
N VAL A 217 -35.66 -7.23 -3.76
CA VAL A 217 -34.62 -7.36 -2.73
C VAL A 217 -34.78 -8.66 -1.98
N LEU A 218 -36.02 -8.98 -1.59
CA LEU A 218 -36.27 -10.23 -0.88
C LEU A 218 -35.92 -11.43 -1.75
N ALA A 219 -36.33 -11.40 -3.02
CA ALA A 219 -35.98 -12.49 -3.93
C ALA A 219 -34.47 -12.55 -4.15
N TRP A 220 -33.83 -11.39 -4.18
CA TRP A 220 -32.38 -11.34 -4.36
C TRP A 220 -31.68 -12.05 -3.20
N VAL A 221 -32.19 -11.88 -1.98
CA VAL A 221 -31.60 -12.54 -0.82
C VAL A 221 -31.68 -14.05 -0.97
N ASP A 222 -32.84 -14.54 -1.41
CA ASP A 222 -33.08 -15.98 -1.52
C ASP A 222 -32.73 -16.54 -2.89
N GLU A 223 -32.23 -15.71 -3.81
CA GLU A 223 -31.93 -16.19 -5.15
C GLU A 223 -30.87 -17.28 -5.14
N ASN A 224 -29.82 -17.10 -4.34
CA ASN A 224 -28.73 -18.07 -4.30
C ASN A 224 -28.00 -17.92 -2.98
N GLU A 225 -27.09 -18.86 -2.74
CA GLU A 225 -26.36 -18.89 -1.47
C GLU A 225 -25.50 -17.65 -1.29
N SER A 226 -24.83 -17.21 -2.35
CA SER A 226 -23.88 -16.10 -2.22
C SER A 226 -24.59 -14.83 -1.74
N GLN A 227 -25.72 -14.51 -2.37
CA GLN A 227 -26.48 -13.34 -1.95
C GLN A 227 -27.17 -13.58 -0.62
N TYR A 228 -27.63 -14.80 -0.38
CA TYR A 228 -28.28 -15.12 0.89
C TYR A 228 -27.33 -14.92 2.06
N ASN A 229 -26.09 -15.38 1.93
CA ASN A 229 -25.10 -15.30 2.99
C ASN A 229 -24.19 -14.09 2.86
N SER A 230 -24.43 -13.23 1.89
CA SER A 230 -23.71 -11.97 1.83
C SER A 230 -24.08 -11.12 3.04
N ASP A 231 -23.19 -10.19 3.38
CA ASP A 231 -23.49 -9.28 4.49
C ASP A 231 -24.82 -8.57 4.25
N CYS A 232 -25.09 -8.19 3.00
CA CYS A 232 -26.36 -7.56 2.68
C CYS A 232 -27.51 -8.53 2.92
N GLY A 233 -27.42 -9.72 2.36
CA GLY A 233 -28.49 -10.69 2.54
C GLY A 233 -28.66 -11.09 3.98
N PHE A 234 -27.55 -11.33 4.67
CA PHE A 234 -27.64 -11.63 6.09
C PHE A 234 -28.23 -10.46 6.86
N PHE A 235 -27.78 -9.25 6.54
CA PHE A 235 -28.29 -8.07 7.23
C PHE A 235 -29.79 -7.93 7.07
N ILE A 236 -30.28 -8.12 5.83
CA ILE A 236 -31.71 -8.04 5.59
C ILE A 236 -32.45 -9.11 6.39
N ARG A 237 -31.95 -10.34 6.33
CA ARG A 237 -32.57 -11.43 7.08
C ARG A 237 -32.47 -11.18 8.58
N TYR A 238 -31.33 -10.69 9.03
CA TYR A 238 -31.18 -10.37 10.44
C TYR A 238 -32.15 -9.28 10.88
N CYS A 239 -32.26 -8.22 10.07
CA CYS A 239 -33.18 -7.14 10.39
C CYS A 239 -34.61 -7.64 10.48
N LEU A 240 -35.02 -8.45 9.51
CA LEU A 240 -36.38 -8.98 9.51
C LEU A 240 -36.59 -9.96 10.66
N ASP A 241 -35.52 -10.63 11.10
CA ASP A 241 -35.65 -11.59 12.19
C ASP A 241 -35.68 -10.91 13.55
N VAL A 242 -34.85 -9.88 13.74
CA VAL A 242 -34.74 -9.23 15.05
C VAL A 242 -35.62 -8.00 15.16
N GLY A 243 -36.23 -7.55 14.06
CA GLY A 243 -37.21 -6.47 14.12
C GLY A 243 -36.68 -5.09 13.84
N LEU A 244 -35.52 -4.96 13.19
CA LEU A 244 -35.01 -3.65 12.82
C LEU A 244 -35.84 -2.99 11.73
N ASP A 245 -36.72 -3.73 11.07
CA ASP A 245 -37.67 -3.18 10.11
C ASP A 245 -38.93 -2.66 10.78
N LYS A 246 -39.05 -2.83 12.10
CA LYS A 246 -40.28 -2.48 12.81
C LYS A 246 -40.23 -1.11 13.46
N TYR A 247 -39.05 -0.50 13.57
CA TYR A 247 -38.95 0.80 14.22
C TYR A 247 -37.85 1.61 13.55
N GLY A 248 -37.66 2.84 14.03
CA GLY A 248 -36.77 3.78 13.38
C GLY A 248 -37.35 4.43 12.15
N GLN A 249 -38.69 4.39 11.99
CA GLN A 249 -39.31 4.91 10.79
C GLN A 249 -39.01 6.39 10.61
N GLY A 250 -39.17 7.17 11.67
CA GLY A 250 -38.87 8.58 11.60
C GLY A 250 -39.98 9.40 10.96
N VAL A 251 -39.58 10.57 10.47
CA VAL A 251 -40.56 11.53 9.95
C VAL A 251 -41.26 10.98 8.72
N GLY A 252 -40.53 10.27 7.87
CA GLY A 252 -41.06 9.87 6.59
C GLY A 252 -40.97 10.94 5.52
N ASN A 253 -40.47 12.12 5.88
CA ASN A 253 -40.23 13.20 4.94
C ASN A 253 -38.73 13.40 4.80
N TYR A 254 -38.29 13.65 3.58
CA TYR A 254 -36.87 13.55 3.26
C TYR A 254 -36.39 14.76 2.49
N LEU A 255 -35.14 15.11 2.75
CA LEU A 255 -34.45 16.19 2.06
C LEU A 255 -33.23 15.62 1.38
N ALA A 256 -33.13 15.82 0.07
CA ALA A 256 -31.94 15.49 -0.69
C ALA A 256 -31.54 16.73 -1.47
N THR A 257 -30.39 17.30 -1.13
CA THR A 257 -29.82 18.38 -1.92
C THR A 257 -29.10 17.86 -3.14
N GLY A 258 -28.82 16.57 -3.19
CA GLY A 258 -28.17 15.98 -4.34
C GLY A 258 -26.73 16.42 -4.49
N THR A 259 -25.98 15.69 -5.29
CA THR A 259 -24.62 16.06 -5.65
C THR A 259 -24.27 15.34 -6.95
N TYR A 260 -22.98 15.30 -7.27
CA TYR A 260 -22.51 14.64 -8.48
C TYR A 260 -23.04 15.33 -9.74
N PHE A 261 -22.55 16.53 -9.96
CA PHE A 261 -22.95 17.31 -11.12
C PHE A 261 -22.49 16.65 -12.42
N GLU A 262 -23.36 16.70 -13.41
CA GLU A 262 -22.97 16.34 -14.76
C GLU A 262 -21.99 17.40 -15.26
N PRO A 263 -20.79 17.02 -15.69
CA PRO A 263 -19.77 18.05 -15.97
C PRO A 263 -20.23 19.09 -16.98
N SER A 264 -20.99 18.70 -17.99
CA SER A 264 -21.38 19.64 -19.04
C SER A 264 -22.44 20.63 -18.57
N LEU A 265 -23.14 20.33 -17.48
CA LEU A 265 -24.27 21.13 -17.03
C LEU A 265 -23.95 22.04 -15.86
N TYR A 266 -22.76 21.94 -15.29
CA TYR A 266 -22.37 22.77 -14.15
C TYR A 266 -20.96 23.32 -14.36
N GLU A 267 -20.64 23.67 -15.61
CA GLU A 267 -19.36 24.31 -15.90
C GLU A 267 -19.29 25.72 -15.33
N ASN A 268 -20.43 26.34 -15.08
CA ASN A 268 -20.50 27.68 -14.49
C ASN A 268 -21.45 27.57 -13.31
N PRO A 269 -20.98 27.09 -12.18
CA PRO A 269 -21.87 26.83 -11.05
C PRO A 269 -22.71 28.04 -10.68
N THR A 270 -24.01 27.81 -10.55
CA THR A 270 -24.94 28.80 -10.04
C THR A 270 -25.89 28.10 -9.09
N ILE A 271 -26.48 28.89 -8.20
CA ILE A 271 -27.49 28.34 -7.29
C ILE A 271 -28.69 27.85 -8.09
N GLU A 272 -29.12 28.64 -9.09
CA GLU A 272 -30.34 28.30 -9.82
C GLU A 272 -30.17 27.06 -10.67
N GLY A 273 -29.01 26.91 -11.32
CA GLY A 273 -28.77 25.80 -12.21
C GLY A 273 -28.29 24.55 -11.54
N ARG A 274 -28.24 24.54 -10.20
CA ARG A 274 -27.67 23.41 -9.48
C ARG A 274 -28.51 22.15 -9.68
N ASN A 275 -29.82 22.25 -9.45
CA ASN A 275 -30.66 21.05 -9.41
C ASN A 275 -30.61 20.30 -10.73
N ALA A 276 -30.70 21.03 -11.85
CA ALA A 276 -30.76 20.37 -13.15
C ALA A 276 -29.47 19.62 -13.46
N ALA A 277 -28.33 20.16 -13.01
CA ALA A 277 -27.03 19.55 -13.32
C ALA A 277 -26.72 18.37 -12.42
N LEU A 278 -27.49 18.14 -11.37
CA LEU A 278 -27.20 17.05 -10.45
C LEU A 278 -27.44 15.70 -11.10
N ILE A 279 -26.53 14.76 -10.85
CA ILE A 279 -26.75 13.37 -11.18
C ILE A 279 -27.47 12.67 -10.05
N GLY A 280 -26.95 12.79 -8.84
CA GLY A 280 -27.66 12.33 -7.68
C GLY A 280 -28.66 13.41 -7.33
N ARG A 281 -29.89 13.19 -7.76
CA ARG A 281 -30.85 14.27 -7.80
C ARG A 281 -31.16 14.81 -6.42
N SER A 282 -31.33 16.13 -6.36
CA SER A 282 -31.94 16.74 -5.20
C SER A 282 -33.43 16.42 -5.20
N GLY A 283 -34.06 16.64 -4.06
CA GLY A 283 -35.48 16.43 -3.97
C GLY A 283 -35.96 16.35 -2.54
N VAL A 284 -37.11 16.96 -2.28
CA VAL A 284 -37.76 16.91 -0.99
C VAL A 284 -38.99 16.03 -1.14
N PHE A 285 -39.03 14.95 -0.37
CA PHE A 285 -40.15 14.03 -0.37
C PHE A 285 -40.89 14.22 0.96
N ALA A 286 -42.07 14.79 0.89
CA ALA A 286 -42.84 15.12 2.08
C ALA A 286 -44.31 14.87 1.82
N ASP A 287 -44.98 14.23 2.78
CA ASP A 287 -46.41 13.96 2.66
C ASP A 287 -46.70 13.11 1.42
N GLY A 288 -45.76 12.26 1.05
CA GLY A 288 -45.93 11.38 -0.09
C GLY A 288 -45.75 12.04 -1.44
N ARG A 289 -45.37 13.30 -1.45
CA ARG A 289 -45.20 14.08 -2.67
C ARG A 289 -43.75 14.46 -2.86
N TYR A 290 -43.36 14.62 -4.11
CA TYR A 290 -42.01 15.02 -4.49
C TYR A 290 -41.99 16.52 -4.71
N PHE A 291 -41.00 17.19 -4.12
CA PHE A 291 -40.79 18.61 -4.29
C PHE A 291 -39.36 18.85 -4.75
N GLU A 292 -39.18 19.91 -5.54
CA GLU A 292 -37.86 20.32 -5.95
C GLU A 292 -37.18 21.06 -4.80
N PHE A 293 -35.94 20.68 -4.51
CA PHE A 293 -35.22 21.32 -3.43
C PHE A 293 -34.93 22.78 -3.79
N ASP A 294 -35.13 23.67 -2.82
CA ASP A 294 -34.77 25.07 -2.97
C ASP A 294 -34.09 25.52 -1.68
N GLN A 295 -32.82 25.90 -1.77
CA GLN A 295 -32.07 26.29 -0.59
C GLN A 295 -32.73 27.46 0.12
N ALA A 296 -33.50 28.27 -0.59
CA ALA A 296 -34.18 29.41 0.01
C ALA A 296 -35.20 28.96 1.06
N ASN A 297 -35.68 27.73 0.96
CA ASN A 297 -36.66 27.20 1.91
C ASN A 297 -36.01 26.63 3.15
N VAL A 298 -34.68 26.62 3.21
CA VAL A 298 -33.98 26.10 4.38
C VAL A 298 -33.95 27.17 5.45
N THR A 299 -34.36 26.81 6.66
CA THR A 299 -34.23 27.65 7.83
C THR A 299 -33.65 26.83 8.96
N GLU A 300 -32.90 27.49 9.82
CA GLU A 300 -32.34 26.86 11.00
C GLU A 300 -32.94 27.53 12.22
N ASP A 301 -33.57 26.73 13.07
CA ASP A 301 -34.15 27.20 14.31
C ASP A 301 -33.24 26.79 15.47
N VAL A 302 -33.12 27.67 16.45
CA VAL A 302 -32.26 27.43 17.60
C VAL A 302 -33.06 27.57 18.88
N THR A 303 -34.37 27.35 18.79
CA THR A 303 -35.21 27.50 19.97
C THR A 303 -34.79 26.54 21.07
N HIS A 304 -34.53 25.29 20.71
CA HIS A 304 -34.03 24.29 21.65
C HIS A 304 -32.55 24.04 21.48
N SER A 305 -31.86 24.89 20.72
CA SER A 305 -30.43 24.80 20.51
C SER A 305 -29.71 25.83 21.38
N PHE A 306 -28.46 25.53 21.70
CA PHE A 306 -27.64 26.40 22.55
C PHE A 306 -27.10 27.58 21.73
N TYR A 307 -28.02 28.29 21.10
CA TYR A 307 -27.69 29.49 20.35
C TYR A 307 -28.74 30.55 20.60
N GLU A 308 -28.34 31.80 20.44
CA GLU A 308 -29.27 32.90 20.52
C GLU A 308 -30.07 33.00 19.23
N GLY A 309 -31.31 33.43 19.36
CA GLY A 309 -32.20 33.58 18.23
C GLY A 309 -33.63 33.31 18.67
N ASN A 310 -34.56 34.02 18.02
CA ASN A 310 -35.97 33.89 18.31
C ASN A 310 -36.80 33.38 17.13
N ARG A 311 -36.27 33.43 15.92
CA ARG A 311 -36.99 32.98 14.74
C ARG A 311 -36.05 32.20 13.83
N PRO A 312 -36.58 31.30 13.01
CA PRO A 312 -35.73 30.57 12.06
C PRO A 312 -35.01 31.53 11.13
N LEU A 313 -33.75 31.21 10.84
CA LEU A 313 -32.93 32.03 9.98
C LEU A 313 -32.52 31.23 8.75
N HIS A 314 -32.69 31.83 7.59
CA HIS A 314 -32.04 31.27 6.42
C HIS A 314 -30.53 31.39 6.59
N PRO A 315 -29.76 30.36 6.23
CA PRO A 315 -28.33 30.38 6.58
C PRO A 315 -27.55 31.52 5.96
N PHE A 316 -28.05 32.16 4.90
CA PHE A 316 -27.35 33.32 4.37
C PHE A 316 -27.28 34.43 5.42
N GLU A 317 -28.37 34.62 6.17
CA GLU A 317 -28.40 35.53 7.30
C GLU A 317 -28.33 34.79 8.63
N GLY A 318 -27.92 33.53 8.60
CA GLY A 318 -27.86 32.75 9.81
C GLY A 318 -26.81 33.25 10.77
N GLU A 319 -27.00 32.92 12.04
CA GLU A 319 -26.09 33.30 13.10
C GLU A 319 -25.77 32.09 13.95
N THR A 320 -24.55 32.06 14.45
CA THR A 320 -24.09 31.03 15.37
C THR A 320 -23.58 31.75 16.60
N ILE A 321 -24.50 32.07 17.51
CA ILE A 321 -24.19 32.82 18.72
C ILE A 321 -24.43 31.89 19.91
N PRO A 322 -23.38 31.26 20.44
CA PRO A 322 -23.59 30.27 21.50
C PRO A 322 -24.20 30.89 22.75
N VAL A 323 -24.99 30.09 23.43
CA VAL A 323 -25.45 30.37 24.78
C VAL A 323 -24.90 29.27 25.68
N ASN A 324 -24.55 29.64 26.90
CA ASN A 324 -24.03 28.67 27.83
C ASN A 324 -25.05 27.55 28.01
N PRO A 325 -24.64 26.28 27.93
CA PRO A 325 -25.62 25.19 28.12
C PRO A 325 -26.38 25.30 29.44
N GLU A 326 -25.71 25.78 30.50
CA GLU A 326 -26.40 25.92 31.78
C GLU A 326 -27.60 26.86 31.66
N ASP A 327 -27.41 28.00 31.01
CA ASP A 327 -28.52 28.93 30.80
C ASP A 327 -29.48 28.41 29.75
N GLY A 328 -28.97 27.77 28.71
CA GLY A 328 -29.83 27.27 27.65
C GLY A 328 -30.80 26.23 28.14
N ARG A 329 -30.33 25.33 29.03
CA ARG A 329 -31.20 24.28 29.55
C ARG A 329 -32.31 24.86 30.40
N ARG A 330 -32.06 25.99 31.06
CA ARG A 330 -33.13 26.68 31.78
C ARG A 330 -34.17 27.24 30.82
N GLN A 331 -33.81 27.43 29.55
CA GLN A 331 -34.73 27.91 28.52
C GLN A 331 -35.27 26.77 27.65
N GLY A 332 -35.05 25.52 28.06
CA GLY A 332 -35.52 24.38 27.30
C GLY A 332 -34.58 23.93 26.21
N LYS A 333 -33.44 24.58 26.04
CA LYS A 333 -32.48 24.17 25.03
C LYS A 333 -31.68 22.98 25.53
N TYR A 334 -31.43 22.03 24.63
CA TYR A 334 -30.80 20.78 25.05
C TYR A 334 -29.78 20.24 24.05
N SER A 335 -29.44 21.00 23.01
CA SER A 335 -28.52 20.50 22.01
C SER A 335 -27.74 21.64 21.37
N TRP A 336 -26.50 21.35 21.00
CA TRP A 336 -25.71 22.25 20.18
C TRP A 336 -26.07 22.14 18.72
N ALA A 337 -26.92 21.18 18.37
CA ALA A 337 -27.41 21.06 17.01
C ALA A 337 -28.47 22.12 16.78
N LYS A 338 -28.30 22.88 15.70
CA LYS A 338 -29.39 23.71 15.25
C LYS A 338 -30.53 22.82 14.77
N SER A 339 -31.67 23.43 14.51
CA SER A 339 -32.84 22.71 14.03
C SER A 339 -33.14 23.13 12.61
N PRO A 340 -32.47 22.55 11.61
CA PRO A 340 -32.79 22.91 10.23
C PRO A 340 -34.19 22.44 9.88
N ARG A 341 -34.94 23.32 9.24
CA ARG A 341 -36.28 23.02 8.79
C ARG A 341 -36.44 23.51 7.36
N TYR A 342 -37.28 22.81 6.61
CA TYR A 342 -37.52 23.11 5.21
C TYR A 342 -38.96 23.53 5.03
N ALA A 343 -39.16 24.63 4.30
CA ALA A 343 -40.49 25.15 4.06
C ALA A 343 -41.11 24.37 2.91
N VAL A 344 -41.89 23.35 3.25
CA VAL A 344 -42.64 22.58 2.28
C VAL A 344 -44.04 23.21 2.18
N PRO A 345 -44.50 23.59 0.99
CA PRO A 345 -45.83 24.21 0.89
C PRO A 345 -46.91 23.31 1.49
N GLY A 346 -47.83 23.93 2.21
CA GLY A 346 -48.88 23.22 2.90
C GLY A 346 -48.49 22.62 4.23
N LEU A 347 -47.19 22.36 4.44
CA LEU A 347 -46.71 21.80 5.69
C LEU A 347 -45.89 22.77 6.52
N GLY A 348 -45.52 23.93 5.96
CA GLY A 348 -44.69 24.86 6.67
C GLY A 348 -43.26 24.36 6.79
N ASN A 349 -42.58 24.88 7.81
CA ASN A 349 -41.20 24.49 8.09
C ASN A 349 -41.23 23.17 8.84
N VAL A 350 -40.82 22.10 8.15
CA VAL A 350 -40.93 20.76 8.71
C VAL A 350 -39.55 20.13 8.78
N PRO A 351 -39.29 19.26 9.75
CA PRO A 351 -38.05 18.49 9.71
C PRO A 351 -38.05 17.55 8.53
N LEU A 352 -36.88 17.39 7.92
CA LEU A 352 -36.71 16.47 6.80
C LEU A 352 -35.54 15.56 7.11
N GLU A 353 -35.77 14.26 6.98
CA GLU A 353 -34.70 13.30 7.17
C GLU A 353 -33.76 13.37 5.98
N THR A 354 -32.49 13.61 6.27
CA THR A 354 -31.45 13.60 5.26
C THR A 354 -30.70 12.29 5.31
N GLY A 355 -30.09 11.92 4.20
CA GLY A 355 -29.28 10.74 4.13
C GLY A 355 -29.52 9.93 2.89
N PRO A 356 -28.89 8.77 2.82
CA PRO A 356 -29.08 7.92 1.64
C PRO A 356 -30.55 7.65 1.34
N LEU A 357 -31.35 7.36 2.36
CA LEU A 357 -32.77 7.12 2.13
C LEU A 357 -33.41 8.33 1.46
N ALA A 358 -33.08 9.53 1.93
CA ALA A 358 -33.60 10.74 1.29
C ALA A 358 -33.19 10.79 -0.17
N ARG A 359 -31.93 10.45 -0.46
CA ARG A 359 -31.47 10.42 -1.84
C ARG A 359 -32.23 9.39 -2.66
N ARG A 360 -32.44 8.20 -2.08
CA ARG A 360 -33.12 7.15 -2.82
C ARG A 360 -34.54 7.56 -3.18
N MET A 361 -35.24 8.21 -2.26
CA MET A 361 -36.58 8.73 -2.58
C MET A 361 -36.48 9.82 -3.63
N ALA A 362 -35.48 10.69 -3.53
CA ALA A 362 -35.30 11.72 -4.56
C ALA A 362 -35.01 11.09 -5.90
N ALA A 363 -34.21 10.03 -5.93
CA ALA A 363 -33.91 9.33 -7.17
C ALA A 363 -35.14 8.66 -7.75
N SER A 364 -36.16 8.41 -6.94
CA SER A 364 -37.41 7.82 -7.42
C SER A 364 -38.38 8.88 -7.93
N ALA A 365 -38.03 10.15 -7.82
CA ALA A 365 -38.91 11.20 -8.31
C ALA A 365 -39.03 11.10 -9.83
N PRO A 366 -40.15 11.51 -10.38
CA PRO A 366 -40.31 11.47 -11.84
C PRO A 366 -39.54 12.56 -12.55
N ASP A 367 -39.62 12.57 -13.88
CA ASP A 367 -38.98 13.61 -14.69
C ASP A 367 -37.47 13.63 -14.49
N ALA A 368 -36.87 12.45 -14.39
CA ALA A 368 -35.42 12.34 -14.32
C ALA A 368 -34.82 12.53 -15.71
N GLU A 369 -33.81 13.38 -15.80
CA GLU A 369 -33.07 13.52 -17.04
C GLU A 369 -32.10 12.35 -17.21
N THR A 370 -31.51 12.26 -18.39
CA THR A 370 -30.71 11.10 -18.74
C THR A 370 -29.52 10.93 -17.80
N HIS A 371 -28.89 12.05 -17.42
CA HIS A 371 -27.74 12.02 -16.54
C HIS A 371 -28.12 11.80 -15.09
N GLN A 372 -29.40 11.80 -14.75
CA GLN A 372 -29.86 11.82 -13.38
C GLN A 372 -30.20 10.42 -12.89
N ASP A 373 -29.96 10.22 -11.60
CA ASP A 373 -30.30 8.95 -10.96
C ASP A 373 -31.80 8.76 -10.97
N ASP A 374 -32.24 7.69 -11.63
CA ASP A 374 -33.66 7.34 -11.71
C ASP A 374 -33.80 5.91 -11.18
N ASP A 375 -34.16 5.80 -9.91
CA ASP A 375 -34.22 4.51 -9.22
C ASP A 375 -35.52 4.45 -8.43
N PRO A 376 -36.49 3.62 -8.84
CA PRO A 376 -37.75 3.50 -8.09
C PRO A 376 -37.70 2.53 -6.93
N LEU A 377 -36.54 1.98 -6.60
CA LEU A 377 -36.48 0.90 -5.62
C LEU A 377 -37.07 1.34 -4.27
N PHE A 378 -36.60 2.47 -3.74
CA PHE A 378 -36.97 2.87 -2.40
C PHE A 378 -38.27 3.64 -2.35
N ALA A 379 -38.81 4.08 -3.48
CA ALA A 379 -40.22 4.46 -3.52
C ALA A 379 -41.09 3.24 -3.26
N ASP A 380 -40.73 2.10 -3.85
CA ASP A 380 -41.47 0.87 -3.61
C ASP A 380 -41.26 0.36 -2.19
N ILE A 381 -40.02 0.38 -1.71
CA ILE A 381 -39.76 -0.04 -0.33
C ILE A 381 -40.51 0.87 0.63
N TYR A 382 -40.46 2.17 0.38
CA TYR A 382 -41.16 3.13 1.24
C TYR A 382 -42.66 2.85 1.27
N ASN A 383 -43.25 2.59 0.11
CA ASN A 383 -44.68 2.29 0.07
C ASN A 383 -44.97 0.89 0.63
N ALA A 384 -44.08 -0.06 0.36
CA ALA A 384 -44.32 -1.44 0.77
C ALA A 384 -44.17 -1.60 2.29
N ILE A 385 -43.01 -1.27 2.83
CA ILE A 385 -42.72 -1.50 4.24
C ILE A 385 -42.43 -0.22 5.00
N GLY A 386 -42.24 0.91 4.31
CA GLY A 386 -41.99 2.16 4.97
C GLY A 386 -40.56 2.27 5.45
N PRO A 387 -40.21 3.43 6.00
CA PRO A 387 -38.87 3.61 6.55
C PRO A 387 -38.67 2.82 7.83
N SER A 388 -37.42 2.55 8.14
CA SER A 388 -37.04 1.82 9.33
C SER A 388 -35.52 1.88 9.43
N VAL A 389 -34.98 1.32 10.51
CA VAL A 389 -33.54 1.18 10.63
C VAL A 389 -33.00 0.38 9.45
N MET A 390 -33.70 -0.71 9.11
CA MET A 390 -33.24 -1.58 8.03
C MET A 390 -33.32 -0.85 6.69
N VAL A 391 -34.48 -0.27 6.39
CA VAL A 391 -34.66 0.41 5.11
C VAL A 391 -33.70 1.58 4.98
N ARG A 392 -33.55 2.35 6.06
CA ARG A 392 -32.58 3.43 6.05
C ARG A 392 -31.17 2.90 5.79
N GLN A 393 -30.81 1.80 6.43
CA GLN A 393 -29.51 1.20 6.19
C GLN A 393 -29.39 0.72 4.74
N LEU A 394 -30.42 0.05 4.24
CA LEU A 394 -30.36 -0.50 2.90
C LEU A 394 -30.19 0.62 1.87
N ALA A 395 -30.83 1.76 2.10
CA ALA A 395 -30.61 2.91 1.23
C ALA A 395 -29.14 3.30 1.20
N ARG A 396 -28.51 3.31 2.38
CA ARG A 396 -27.09 3.62 2.46
C ARG A 396 -26.27 2.62 1.67
N MET A 397 -26.51 1.32 1.88
CA MET A 397 -25.73 0.30 1.23
C MET A 397 -26.12 0.13 -0.23
N HIS A 398 -27.31 0.59 -0.61
CA HIS A 398 -27.70 0.56 -2.01
C HIS A 398 -26.87 1.52 -2.84
N GLU A 399 -26.35 2.58 -2.22
CA GLU A 399 -25.57 3.57 -2.95
C GLU A 399 -24.14 3.09 -3.23
N GLY A 400 -23.66 2.09 -2.51
CA GLY A 400 -22.36 1.54 -2.77
C GLY A 400 -22.23 1.09 -4.21
N PRO A 401 -23.05 0.12 -4.61
CA PRO A 401 -23.03 -0.31 -6.01
C PRO A 401 -23.36 0.82 -6.97
N LYS A 402 -24.29 1.70 -6.58
CA LYS A 402 -24.70 2.77 -7.46
C LYS A 402 -23.58 3.79 -7.63
N TYR A 403 -22.98 4.24 -6.53
CA TYR A 403 -21.91 5.23 -6.61
C TYR A 403 -20.66 4.63 -7.24
N TYR A 404 -20.37 3.37 -6.94
CA TYR A 404 -19.21 2.72 -7.55
C TYR A 404 -19.28 2.81 -9.07
N LYS A 405 -20.44 2.47 -9.63
CA LYS A 405 -20.61 2.53 -11.07
C LYS A 405 -20.42 3.95 -11.58
N TRP A 406 -20.97 4.93 -10.87
CA TRP A 406 -20.78 6.33 -11.25
C TRP A 406 -19.31 6.72 -11.23
N VAL A 407 -18.62 6.36 -10.15
CA VAL A 407 -17.20 6.70 -10.05
C VAL A 407 -16.41 6.00 -11.14
N ARG A 408 -16.72 4.72 -11.35
CA ARG A 408 -16.02 3.98 -12.39
C ARG A 408 -16.20 4.63 -13.75
N GLN A 409 -17.39 5.16 -14.01
CA GLN A 409 -17.65 5.83 -15.27
C GLN A 409 -16.99 7.20 -15.32
N TRP A 410 -17.04 7.94 -14.21
CA TRP A 410 -16.42 9.25 -14.17
C TRP A 410 -14.91 9.15 -14.42
N LEU A 411 -14.28 8.13 -13.85
CA LEU A 411 -12.86 7.91 -14.11
C LEU A 411 -12.62 7.71 -15.60
N ASP A 412 -13.50 6.96 -16.26
CA ASP A 412 -13.42 6.81 -17.71
C ASP A 412 -13.66 8.15 -18.41
N ASP A 413 -14.60 8.94 -17.87
CA ASP A 413 -14.96 10.20 -18.51
C ASP A 413 -13.84 11.23 -18.45
N LEU A 414 -12.87 11.06 -17.56
CA LEU A 414 -11.82 12.05 -17.42
C LEU A 414 -11.05 12.17 -18.73
N GLU A 415 -10.86 13.41 -19.16
CA GLU A 415 -10.08 13.73 -20.36
C GLU A 415 -8.78 14.36 -19.86
N LEU A 416 -7.76 13.52 -19.70
CA LEU A 416 -6.57 13.93 -18.95
C LEU A 416 -5.80 15.04 -19.65
N LYS A 417 -6.04 15.27 -20.94
CA LYS A 417 -5.41 16.39 -21.62
C LYS A 417 -6.13 17.71 -21.37
N GLU A 418 -7.34 17.67 -20.81
CA GLU A 418 -8.15 18.85 -20.64
C GLU A 418 -7.94 19.48 -19.27
N SER A 419 -8.49 20.67 -19.11
CA SER A 419 -8.24 21.47 -17.92
C SER A 419 -8.90 20.85 -16.70
N PHE A 420 -8.22 20.98 -15.56
CA PHE A 420 -8.77 20.63 -14.26
C PHE A 420 -9.05 21.84 -13.41
N TYR A 421 -8.79 23.04 -13.92
CA TYR A 421 -8.86 24.24 -13.12
C TYR A 421 -8.94 25.44 -14.04
N THR A 422 -9.89 26.31 -13.75
CA THR A 422 -9.98 27.61 -14.41
C THR A 422 -9.74 28.67 -13.35
N LYS A 423 -8.69 29.47 -13.53
CA LYS A 423 -8.35 30.52 -12.59
C LYS A 423 -9.57 31.41 -12.38
N PRO A 424 -10.19 31.37 -11.20
CA PRO A 424 -11.34 32.24 -10.95
C PRO A 424 -10.90 33.65 -10.58
N VAL A 425 -11.86 34.56 -10.68
CA VAL A 425 -11.69 35.90 -10.14
C VAL A 425 -12.14 35.88 -8.69
N GLU A 426 -11.20 36.14 -7.77
CA GLU A 426 -11.49 36.14 -6.35
C GLU A 426 -12.22 37.44 -6.00
N TYR A 427 -13.49 37.48 -6.38
CA TYR A 427 -14.30 38.67 -6.14
C TYR A 427 -14.35 38.98 -4.65
N ALA A 428 -14.19 40.26 -4.33
CA ALA A 428 -14.33 40.71 -2.96
C ALA A 428 -15.75 40.55 -2.44
N GLU A 429 -16.72 40.40 -3.35
CA GLU A 429 -18.12 40.30 -3.01
C GLU A 429 -18.68 39.01 -3.61
N GLY A 430 -19.64 38.42 -2.91
CA GLY A 430 -20.31 37.26 -3.45
C GLY A 430 -21.04 36.44 -2.40
N LYS A 431 -22.22 35.96 -2.75
CA LYS A 431 -22.97 35.02 -1.95
C LYS A 431 -22.98 33.69 -2.67
N GLY A 432 -22.53 32.65 -1.99
CA GLY A 432 -22.40 31.34 -2.59
C GLY A 432 -23.21 30.31 -1.82
N PHE A 433 -23.78 29.37 -2.54
CA PHE A 433 -24.47 28.24 -1.94
C PHE A 433 -23.85 26.98 -2.55
N GLY A 434 -23.10 26.26 -1.72
CA GLY A 434 -22.56 24.97 -2.11
C GLY A 434 -23.25 23.88 -1.30
N SER A 435 -23.75 22.88 -1.99
CA SER A 435 -24.40 21.77 -1.35
C SER A 435 -23.97 20.48 -2.02
N THR A 436 -23.97 19.42 -1.23
CA THR A 436 -23.66 18.10 -1.74
C THR A 436 -24.42 17.09 -0.92
N GLU A 437 -24.18 15.82 -1.22
CA GLU A 437 -24.74 14.71 -0.48
C GLU A 437 -23.55 13.99 0.11
N ALA A 438 -23.16 14.41 1.30
CA ALA A 438 -22.21 13.63 2.05
C ALA A 438 -22.84 12.26 2.32
N ALA A 439 -22.04 11.37 2.89
CA ALA A 439 -22.53 10.01 3.12
C ALA A 439 -23.80 10.01 3.97
N ARG A 440 -23.99 11.08 4.73
CA ARG A 440 -25.06 11.13 5.66
C ARG A 440 -26.22 11.97 5.19
N GLY A 441 -26.12 12.59 4.07
CA GLY A 441 -27.21 13.31 3.47
C GLY A 441 -26.87 14.71 3.00
N ALA A 442 -27.85 15.59 3.05
CA ALA A 442 -27.72 16.93 2.51
C ALA A 442 -26.75 17.75 3.33
N LEU A 443 -25.64 18.12 2.71
CA LEU A 443 -24.64 18.98 3.30
C LEU A 443 -24.58 20.27 2.50
N SER A 444 -24.77 21.39 3.17
CA SER A 444 -24.95 22.67 2.50
C SER A 444 -24.12 23.76 3.17
N ASP A 445 -23.55 24.62 2.33
CA ASP A 445 -22.80 25.78 2.77
C ASP A 445 -23.47 27.02 2.19
N TRP A 446 -23.76 27.99 3.05
CA TRP A 446 -24.18 29.32 2.62
C TRP A 446 -23.08 30.27 3.06
N ILE A 447 -22.41 30.88 2.08
CA ILE A 447 -21.28 31.75 2.34
C ILE A 447 -21.60 33.13 1.79
N VAL A 448 -21.24 34.14 2.57
CA VAL A 448 -21.35 35.54 2.15
C VAL A 448 -19.96 36.13 2.22
N ILE A 449 -19.44 36.54 1.07
CA ILE A 449 -18.14 37.16 0.97
C ILE A 449 -18.33 38.65 0.80
N GLU A 450 -17.71 39.44 1.67
CA GLU A 450 -17.74 40.89 1.57
C GLU A 450 -16.38 41.44 1.98
N ASP A 451 -15.90 42.42 1.21
CA ASP A 451 -14.59 43.02 1.45
C ASP A 451 -13.49 41.96 1.44
N SER A 452 -13.60 41.02 0.51
CA SER A 452 -12.60 39.97 0.35
C SER A 452 -12.44 39.17 1.63
N LYS A 453 -13.51 39.08 2.41
CA LYS A 453 -13.52 38.40 3.69
C LYS A 453 -14.80 37.58 3.79
N ILE A 454 -14.77 36.58 4.65
CA ILE A 454 -15.97 35.79 4.94
C ILE A 454 -16.84 36.64 5.87
N LYS A 455 -17.90 37.22 5.32
CA LYS A 455 -18.85 37.96 6.14
C LYS A 455 -19.74 37.02 6.92
N ASN A 456 -20.24 35.98 6.28
CA ASN A 456 -21.07 34.98 6.92
C ASN A 456 -20.77 33.63 6.31
N TYR A 457 -20.79 32.61 7.16
CA TYR A 457 -20.50 31.24 6.74
C TYR A 457 -21.37 30.34 7.59
N GLN A 458 -22.41 29.78 6.98
CA GLN A 458 -23.33 28.89 7.67
C GLN A 458 -23.28 27.53 7.02
N VAL A 459 -23.05 26.51 7.84
CA VAL A 459 -22.99 25.12 7.41
C VAL A 459 -24.18 24.42 8.01
N VAL A 460 -24.96 23.75 7.16
CA VAL A 460 -26.04 22.88 7.59
C VAL A 460 -25.66 21.48 7.17
N THR A 461 -25.41 20.63 8.14
CA THR A 461 -24.97 19.27 7.87
C THR A 461 -26.15 18.32 7.89
N PRO A 462 -26.02 17.17 7.21
CA PRO A 462 -27.14 16.23 7.16
C PRO A 462 -27.61 15.77 8.52
N THR A 463 -26.70 15.57 9.47
CA THR A 463 -27.10 15.10 10.78
C THR A 463 -27.71 16.22 11.61
N ALA A 464 -27.40 17.48 11.30
CA ALA A 464 -28.15 18.57 11.89
C ALA A 464 -29.60 18.51 11.45
N TRP A 465 -29.85 18.20 10.18
CA TRP A 465 -31.21 17.98 9.72
C TRP A 465 -31.86 16.84 10.50
N ASN A 466 -31.13 15.74 10.65
CA ASN A 466 -31.69 14.53 11.24
C ASN A 466 -31.72 14.60 12.76
N ILE A 467 -30.62 15.04 13.37
CA ILE A 467 -30.47 15.01 14.82
C ILE A 467 -30.79 16.35 15.46
N GLY A 468 -31.06 17.37 14.67
CA GLY A 468 -31.41 18.66 15.20
C GLY A 468 -32.58 18.54 16.15
N PRO A 469 -32.59 19.35 17.19
CA PRO A 469 -33.63 19.22 18.21
C PRO A 469 -34.97 19.75 17.75
N ARG A 470 -35.93 19.78 18.66
CA ARG A 470 -37.24 20.30 18.34
C ARG A 470 -37.13 21.76 17.89
N ASP A 471 -37.97 22.12 16.93
CA ASP A 471 -38.03 23.49 16.45
C ASP A 471 -38.94 24.29 17.37
N ALA A 472 -39.22 25.55 16.99
CA ALA A 472 -40.04 26.41 17.83
C ALA A 472 -41.43 25.82 18.04
N SER A 473 -41.90 25.02 17.10
CA SER A 473 -43.21 24.37 17.21
C SER A 473 -43.15 23.05 17.96
N GLU A 474 -42.02 22.75 18.60
CA GLU A 474 -41.84 21.53 19.38
C GLU A 474 -41.93 20.29 18.52
N VAL A 475 -41.76 20.44 17.21
CA VAL A 475 -41.76 19.30 16.29
C VAL A 475 -40.41 18.60 16.39
N LEU A 476 -40.44 17.32 16.71
CA LEU A 476 -39.21 16.57 16.92
C LEU A 476 -38.43 16.47 15.63
N GLY A 477 -37.10 16.44 15.77
CA GLY A 477 -36.23 16.22 14.64
C GLY A 477 -36.36 14.80 14.15
N PRO A 478 -35.91 14.54 12.92
CA PRO A 478 -36.13 13.21 12.32
C PRO A 478 -35.63 12.05 13.18
N ILE A 479 -34.46 12.19 13.79
CA ILE A 479 -33.95 11.11 14.62
C ILE A 479 -34.77 11.00 15.89
N GLU A 480 -35.18 12.15 16.46
CA GLU A 480 -36.01 12.12 17.65
C GLU A 480 -37.32 11.38 17.39
N GLN A 481 -37.98 11.67 16.26
CA GLN A 481 -39.20 10.92 15.93
C GLN A 481 -38.88 9.47 15.61
N ALA A 482 -37.76 9.21 14.94
CA ALA A 482 -37.37 7.83 14.66
C ALA A 482 -37.13 7.08 15.96
N LEU A 483 -36.54 7.75 16.95
CA LEU A 483 -36.37 7.13 18.25
C LEU A 483 -37.71 6.84 18.90
N VAL A 484 -38.67 7.75 18.75
CA VAL A 484 -40.00 7.53 19.29
C VAL A 484 -40.60 6.31 18.60
N GLY A 485 -41.15 5.40 19.40
CA GLY A 485 -41.62 4.13 18.92
C GLY A 485 -40.59 3.02 18.94
N SER A 486 -39.35 3.33 19.28
CA SER A 486 -38.32 2.31 19.35
C SER A 486 -38.47 1.49 20.63
N PRO A 487 -38.53 0.16 20.53
CA PRO A 487 -38.59 -0.64 21.76
C PRO A 487 -37.28 -0.55 22.52
N ILE A 488 -37.38 -0.71 23.84
CA ILE A 488 -36.21 -0.72 24.72
C ILE A 488 -36.30 -1.99 25.54
N VAL A 489 -35.65 -3.06 25.08
CA VAL A 489 -35.66 -4.31 25.80
C VAL A 489 -34.86 -4.19 27.10
N ASP A 490 -33.70 -3.54 27.03
CA ASP A 490 -32.80 -3.40 28.18
C ASP A 490 -32.50 -1.92 28.36
N ALA A 491 -33.01 -1.35 29.45
CA ALA A 491 -32.75 0.07 29.73
C ALA A 491 -31.27 0.31 30.03
N GLU A 492 -30.60 -0.67 30.65
CA GLU A 492 -29.17 -0.51 30.94
C GLU A 492 -28.34 -0.47 29.67
N ASP A 493 -28.77 -1.17 28.62
CA ASP A 493 -28.07 -1.19 27.32
C ASP A 493 -29.10 -0.91 26.23
N PRO A 494 -29.55 0.34 26.12
CA PRO A 494 -30.58 0.67 25.12
C PRO A 494 -30.03 0.66 23.70
N VAL A 495 -29.74 -0.53 23.18
CA VAL A 495 -29.12 -0.62 21.86
C VAL A 495 -30.04 -0.08 20.78
N GLU A 496 -31.37 -0.24 20.96
CA GLU A 496 -32.30 0.22 19.94
C GLU A 496 -32.14 1.71 19.67
N LEU A 497 -31.85 2.49 20.71
CA LEU A 497 -31.56 3.90 20.50
C LEU A 497 -30.33 4.08 19.62
N GLY A 498 -29.29 3.27 19.87
CA GLY A 498 -28.13 3.31 19.01
C GLY A 498 -28.46 2.92 17.58
N HIS A 499 -29.26 1.88 17.40
CA HIS A 499 -29.64 1.47 16.06
C HIS A 499 -30.26 2.62 15.31
N VAL A 500 -31.23 3.29 15.93
CA VAL A 500 -31.95 4.36 15.25
C VAL A 500 -31.01 5.52 14.95
N ALA A 501 -30.28 5.98 15.96
CA ALA A 501 -29.37 7.09 15.74
C ALA A 501 -28.28 6.71 14.75
N ARG A 502 -27.76 5.50 14.86
CA ARG A 502 -26.71 5.06 13.94
C ARG A 502 -27.27 4.72 12.57
N SER A 503 -28.54 4.33 12.48
CA SER A 503 -29.13 4.07 11.18
C SER A 503 -29.09 5.31 10.30
N PHE A 504 -29.11 6.49 10.91
CA PHE A 504 -28.88 7.73 10.19
C PHE A 504 -27.41 7.99 9.94
N ASP A 505 -26.53 7.11 10.42
CA ASP A 505 -25.09 7.33 10.30
C ASP A 505 -24.72 8.66 10.96
N SER A 506 -25.39 8.96 12.05
CA SER A 506 -25.31 10.28 12.66
C SER A 506 -23.87 10.67 12.90
N CYS A 507 -23.55 11.93 12.53
CA CYS A 507 -22.21 12.49 12.72
C CYS A 507 -22.40 13.77 13.54
N LEU A 508 -22.05 13.71 14.84
CA LEU A 508 -22.29 14.83 15.75
C LEU A 508 -21.30 15.97 15.56
N VAL A 509 -20.15 15.59 15.00
CA VAL A 509 -19.17 16.65 14.77
C VAL A 509 -19.71 17.48 13.63
N CYS A 510 -20.31 16.83 12.67
CA CYS A 510 -20.96 17.55 11.58
C CYS A 510 -22.15 18.32 12.09
N THR A 511 -22.92 17.70 12.95
CA THR A 511 -24.16 18.27 13.45
C THR A 511 -23.95 19.69 13.94
N VAL A 512 -22.87 19.90 14.68
CA VAL A 512 -22.66 21.15 15.40
C VAL A 512 -21.66 22.05 14.68
N HIS A 513 -20.59 21.45 14.15
CA HIS A 513 -19.45 22.19 13.62
C HIS A 513 -19.14 23.39 14.51
N ALA B 1 -1.53 -3.64 25.84
CA ALA B 1 -1.63 -2.37 26.57
C ALA B 1 -3.00 -1.74 26.35
N SER B 2 -3.63 -1.32 27.43
CA SER B 2 -4.96 -0.73 27.36
C SER B 2 -4.89 0.65 26.72
N VAL B 3 -5.78 0.89 25.76
CA VAL B 3 -5.86 2.15 25.04
C VAL B 3 -7.25 2.72 25.23
N LEU B 4 -7.32 3.96 25.71
CA LEU B 4 -8.58 4.70 25.79
C LEU B 4 -8.46 5.91 24.89
N TRP B 5 -9.34 5.99 23.89
CA TRP B 5 -9.31 7.04 22.89
C TRP B 5 -10.53 7.92 23.09
N PHE B 6 -10.27 9.18 23.43
CA PHE B 6 -11.32 10.15 23.68
C PHE B 6 -11.25 11.24 22.63
N GLN B 7 -12.42 11.81 22.32
CA GLN B 7 -12.54 12.90 21.38
C GLN B 7 -13.12 14.11 22.11
N GLY B 8 -12.38 15.21 22.09
CA GLY B 8 -12.89 16.45 22.62
C GLY B 8 -13.42 17.32 21.50
N GLY B 9 -12.79 18.48 21.30
CA GLY B 9 -13.15 19.32 20.18
C GLY B 9 -12.59 18.74 18.90
N ALA B 10 -13.05 17.54 18.56
CA ALA B 10 -12.51 16.76 17.47
C ALA B 10 -13.48 16.74 16.29
N CYS B 11 -12.92 16.52 15.12
CA CYS B 11 -13.67 16.19 13.93
C CYS B 11 -13.60 14.71 13.58
N SER B 12 -12.83 13.94 14.34
CA SER B 12 -12.62 12.52 14.14
C SER B 12 -11.73 12.23 12.93
N GLY B 13 -11.13 13.26 12.34
CA GLY B 13 -10.26 13.05 11.20
C GLY B 13 -9.08 12.16 11.53
N ASN B 14 -8.52 12.32 12.72
CA ASN B 14 -7.40 11.48 13.11
C ASN B 14 -7.86 10.04 13.31
N THR B 15 -9.07 9.85 13.83
CA THR B 15 -9.64 8.50 13.90
C THR B 15 -9.82 7.92 12.50
N MET B 16 -10.43 8.69 11.60
CA MET B 16 -10.62 8.19 10.23
C MET B 16 -9.29 7.99 9.54
N SER B 17 -8.35 8.92 9.71
CA SER B 17 -7.02 8.70 9.19
C SER B 17 -6.40 7.47 9.83
N PHE B 18 -6.57 7.34 11.15
CA PHE B 18 -6.10 6.18 11.88
C PHE B 18 -6.71 4.90 11.31
N LEU B 19 -8.00 4.93 10.98
CA LEU B 19 -8.67 3.76 10.42
C LEU B 19 -8.15 3.41 9.03
N ASN B 20 -7.57 4.36 8.32
CA ASN B 20 -6.92 4.08 7.04
C ASN B 20 -5.57 3.41 7.21
N ALA B 21 -5.15 3.16 8.45
CA ALA B 21 -3.83 2.62 8.70
C ALA B 21 -3.64 1.34 7.92
N ASP B 22 -2.42 1.16 7.43
CA ASP B 22 -2.00 -0.07 6.79
C ASP B 22 -0.58 -0.35 7.24
N GLU B 23 -0.31 -1.61 7.56
CA GLU B 23 1.00 -2.02 8.04
C GLU B 23 1.35 -1.30 9.32
N PRO B 24 0.60 -1.53 10.41
CA PRO B 24 -0.56 -2.41 10.53
C PRO B 24 -1.86 -1.71 10.22
N ASN B 25 -2.90 -2.44 9.84
CA ASN B 25 -4.22 -1.86 9.80
C ASN B 25 -4.77 -1.76 11.22
N VAL B 26 -5.82 -0.96 11.37
CA VAL B 26 -6.35 -0.67 12.69
C VAL B 26 -6.80 -1.95 13.39
N VAL B 27 -7.45 -2.85 12.64
CA VAL B 27 -7.98 -4.06 13.25
C VAL B 27 -6.85 -4.92 13.81
N ASP B 28 -5.81 -5.12 13.01
CA ASP B 28 -4.66 -5.89 13.48
C ASP B 28 -3.97 -5.19 14.64
N LEU B 29 -3.88 -3.87 14.57
CA LEU B 29 -3.27 -3.11 15.67
C LEU B 29 -4.07 -3.29 16.96
N ILE B 30 -5.39 -3.23 16.86
CA ILE B 30 -6.23 -3.34 18.05
C ILE B 30 -6.17 -4.76 18.62
N VAL B 31 -6.15 -5.75 17.75
CA VAL B 31 -6.28 -7.15 18.14
C VAL B 31 -4.92 -7.84 18.24
N ASP B 32 -4.09 -7.69 17.21
CA ASP B 32 -2.90 -8.52 17.04
C ASP B 32 -1.64 -7.95 17.65
N PHE B 33 -1.68 -6.74 18.22
CA PHE B 33 -0.49 -6.12 18.79
C PHE B 33 -0.62 -5.91 20.30
N GLY B 34 -1.56 -6.61 20.94
CA GLY B 34 -1.68 -6.52 22.39
C GLY B 34 -2.21 -5.19 22.88
N LEU B 35 -2.79 -4.38 22.00
CA LEU B 35 -3.29 -3.05 22.35
C LEU B 35 -4.79 -3.15 22.58
N ASP B 36 -5.19 -3.26 23.83
CA ASP B 36 -6.58 -3.43 24.20
C ASP B 36 -7.26 -2.07 24.11
N LEU B 37 -7.94 -1.82 22.99
CA LEU B 37 -8.71 -0.59 22.85
C LEU B 37 -9.95 -0.66 23.72
N LEU B 38 -9.85 -0.11 24.93
CA LEU B 38 -10.96 -0.19 25.86
C LEU B 38 -12.20 0.48 25.30
N TRP B 39 -12.04 1.66 24.71
CA TRP B 39 -13.17 2.37 24.15
C TRP B 39 -12.66 3.41 23.17
N HIS B 40 -13.55 3.77 22.26
CA HIS B 40 -13.33 4.80 21.27
C HIS B 40 -14.69 5.32 20.84
N PRO B 41 -14.88 6.64 20.80
CA PRO B 41 -16.22 7.14 20.47
C PRO B 41 -16.74 6.65 19.14
N SER B 42 -15.87 6.50 18.15
CA SER B 42 -16.26 6.05 16.81
C SER B 42 -16.28 4.54 16.66
N LEU B 43 -15.70 3.80 17.60
CA LEU B 43 -15.58 2.35 17.48
C LEU B 43 -16.03 1.60 18.73
N GLY B 44 -16.07 2.23 19.89
CA GLY B 44 -16.42 1.55 21.12
C GLY B 44 -17.81 0.98 21.09
N LEU B 45 -17.94 -0.28 21.48
CA LEU B 45 -19.24 -0.93 21.53
C LEU B 45 -20.10 -0.33 22.64
N GLU B 46 -19.49 -0.05 23.79
CA GLU B 46 -20.25 0.40 24.95
C GLU B 46 -20.85 1.78 24.72
N LEU B 47 -21.99 2.00 25.37
CA LEU B 47 -22.65 3.29 25.36
C LEU B 47 -23.30 3.51 26.72
N GLY B 48 -23.61 4.77 27.01
CA GLY B 48 -24.27 5.09 28.26
C GLY B 48 -23.43 4.69 29.45
N ASN B 49 -24.10 4.17 30.48
CA ASN B 49 -23.42 3.83 31.71
C ASN B 49 -22.36 2.76 31.49
N ASN B 50 -22.58 1.85 30.54
CA ASN B 50 -21.58 0.82 30.27
C ASN B 50 -20.27 1.46 29.83
N ALA B 51 -20.35 2.45 28.94
CA ALA B 51 -19.15 3.18 28.54
C ALA B 51 -18.58 3.98 29.70
N GLN B 52 -19.46 4.61 30.48
CA GLN B 52 -19.00 5.41 31.62
C GLN B 52 -18.23 4.55 32.61
N LYS B 53 -18.67 3.30 32.80
CA LYS B 53 -17.97 2.42 33.72
C LYS B 53 -16.52 2.23 33.31
N VAL B 54 -16.28 2.07 32.01
CA VAL B 54 -14.91 1.96 31.51
C VAL B 54 -14.15 3.24 31.80
N PHE B 55 -14.76 4.39 31.51
CA PHE B 55 -14.06 5.66 31.68
C PHE B 55 -13.70 5.89 33.14
N TRP B 56 -14.66 5.66 34.04
CA TRP B 56 -14.43 5.91 35.45
C TRP B 56 -13.35 4.98 36.01
N ASP B 57 -13.37 3.72 35.59
CA ASP B 57 -12.34 2.78 36.05
C ASP B 57 -10.96 3.28 35.67
N CYS B 58 -10.79 3.72 34.43
CA CYS B 58 -9.52 4.31 34.03
C CYS B 58 -9.25 5.59 34.81
N ALA B 59 -10.27 6.45 34.94
CA ALA B 59 -10.08 7.73 35.62
C ALA B 59 -9.72 7.53 37.09
N LYS B 60 -10.40 6.61 37.76
CA LYS B 60 -10.20 6.37 39.18
C LYS B 60 -9.11 5.35 39.47
N GLY B 61 -8.52 4.76 38.44
CA GLY B 61 -7.46 3.78 38.65
C GLY B 61 -7.95 2.38 38.95
N GLU B 62 -9.24 2.11 38.78
CA GLU B 62 -9.75 0.76 39.02
C GLU B 62 -9.12 -0.24 38.05
N ARG B 63 -8.95 0.16 36.80
CA ARG B 63 -8.32 -0.66 35.79
C ARG B 63 -7.16 0.11 35.16
N PRO B 64 -6.09 -0.58 34.75
CA PRO B 64 -4.96 0.13 34.16
C PRO B 64 -5.34 0.87 32.90
N LEU B 65 -4.75 2.04 32.72
CA LEU B 65 -4.84 2.78 31.47
C LEU B 65 -3.42 3.04 30.99
N ASP B 66 -3.00 2.31 29.97
CA ASP B 66 -1.63 2.43 29.50
C ASP B 66 -1.46 3.62 28.57
N ILE B 67 -2.34 3.75 27.59
CA ILE B 67 -2.26 4.83 26.60
C ILE B 67 -3.59 5.55 26.58
N PHE B 68 -3.56 6.84 26.87
CA PHE B 68 -4.71 7.71 26.72
C PHE B 68 -4.50 8.54 25.46
N VAL B 69 -5.26 8.24 24.43
CA VAL B 69 -5.21 8.98 23.18
C VAL B 69 -6.33 10.01 23.23
N PHE B 70 -5.97 11.27 23.07
CA PHE B 70 -6.95 12.34 23.01
C PHE B 70 -6.93 12.96 21.63
N GLU B 71 -8.10 13.02 21.02
CA GLU B 71 -8.31 13.64 19.73
C GLU B 71 -9.22 14.84 19.93
N GLY B 72 -8.95 15.90 19.19
CA GLY B 72 -9.69 17.12 19.34
C GLY B 72 -9.13 17.99 20.45
N THR B 73 -9.67 19.19 20.54
CA THR B 73 -9.20 20.15 21.52
C THR B 73 -9.77 19.83 22.89
N VAL B 74 -9.09 20.37 23.90
CA VAL B 74 -9.68 20.44 25.23
C VAL B 74 -10.53 21.70 25.26
N ILE B 75 -11.84 21.52 25.26
CA ILE B 75 -12.77 22.63 25.21
C ILE B 75 -13.02 23.09 26.64
N GLU B 76 -12.67 24.34 26.92
CA GLU B 76 -12.83 24.92 28.24
C GLU B 76 -13.99 25.90 28.32
N ALA B 77 -14.44 26.42 27.18
CA ALA B 77 -15.58 27.33 27.20
C ALA B 77 -16.85 26.57 27.57
N PRO B 78 -17.84 27.26 28.14
CA PRO B 78 -17.85 28.67 28.51
C PRO B 78 -17.17 28.94 29.85
N ASN B 79 -16.38 30.01 29.94
CA ASN B 79 -15.82 30.48 31.21
C ASN B 79 -15.03 29.36 31.91
N GLY B 80 -14.28 28.60 31.14
CA GLY B 80 -13.44 27.56 31.71
C GLY B 80 -14.17 26.36 32.26
N THR B 81 -15.49 26.29 32.06
CA THR B 81 -16.27 25.16 32.57
C THR B 81 -16.22 23.96 31.63
N GLY B 82 -15.91 24.16 30.36
CA GLY B 82 -15.83 23.07 29.43
C GLY B 82 -17.16 22.51 28.99
N GLN B 83 -18.26 23.18 29.32
CA GLN B 83 -19.58 22.66 28.99
C GLN B 83 -19.91 22.75 27.51
N MET B 84 -19.09 23.43 26.71
CA MET B 84 -19.24 23.32 25.27
C MET B 84 -18.80 21.96 24.76
N ASP B 85 -18.22 21.12 25.62
CA ASP B 85 -17.87 19.74 25.31
C ASP B 85 -18.23 18.90 26.53
N MET B 86 -19.47 18.42 26.57
CA MET B 86 -19.96 17.55 27.62
C MET B 86 -19.90 16.12 27.13
N PHE B 87 -19.19 15.27 27.86
CA PHE B 87 -19.03 13.88 27.49
C PHE B 87 -19.19 13.00 28.70
N ALA B 88 -20.08 12.02 28.60
CA ALA B 88 -20.27 11.03 29.65
C ALA B 88 -20.58 11.70 30.99
N GLY B 89 -21.37 12.76 30.95
CA GLY B 89 -21.84 13.42 32.14
C GLY B 89 -20.90 14.45 32.74
N ARG B 90 -19.74 14.66 32.13
CA ARG B 90 -18.77 15.63 32.61
C ARG B 90 -18.29 16.48 31.46
N PRO B 91 -17.77 17.68 31.73
CA PRO B 91 -16.98 18.37 30.71
C PRO B 91 -15.82 17.50 30.29
N MET B 92 -15.56 17.48 28.98
CA MET B 92 -14.48 16.64 28.47
C MET B 92 -13.16 16.97 29.14
N LYS B 93 -12.94 18.25 29.47
CA LYS B 93 -11.69 18.62 30.12
C LYS B 93 -11.50 17.87 31.43
N ASP B 94 -12.58 17.66 32.17
CA ASP B 94 -12.49 16.91 33.41
C ASP B 94 -12.05 15.47 33.16
N TRP B 95 -12.59 14.85 32.11
CA TRP B 95 -12.12 13.52 31.72
C TRP B 95 -10.64 13.56 31.38
N VAL B 96 -10.22 14.59 30.64
CA VAL B 96 -8.82 14.69 30.26
C VAL B 96 -7.94 14.79 31.49
N THR B 97 -8.33 15.59 32.46
CA THR B 97 -7.55 15.74 33.68
C THR B 97 -7.35 14.39 34.36
N ASP B 98 -8.43 13.64 34.53
CA ASP B 98 -8.34 12.37 35.24
C ASP B 98 -7.62 11.32 34.42
N LEU B 99 -7.97 11.18 33.15
CA LEU B 99 -7.43 10.10 32.34
C LEU B 99 -5.98 10.36 31.97
N ALA B 100 -5.63 11.61 31.67
CA ALA B 100 -4.24 11.93 31.38
C ALA B 100 -3.36 11.66 32.59
N GLY B 101 -3.84 12.00 33.78
CA GLY B 101 -3.09 11.72 34.99
C GLY B 101 -3.06 10.26 35.38
N ALA B 102 -4.04 9.48 34.91
CA ALA B 102 -4.08 8.05 35.20
C ALA B 102 -3.41 7.21 34.12
N ALA B 103 -3.00 7.81 33.01
CA ALA B 103 -2.47 7.07 31.88
C ALA B 103 -0.96 6.98 31.95
N GLN B 104 -0.44 5.82 31.57
CA GLN B 104 1.01 5.65 31.47
C GLN B 104 1.58 6.52 30.35
N ILE B 105 0.86 6.62 29.25
CA ILE B 105 1.23 7.45 28.12
C ILE B 105 0.01 8.24 27.69
N VAL B 106 0.21 9.51 27.40
CA VAL B 106 -0.82 10.38 26.86
C VAL B 106 -0.38 10.78 25.47
N VAL B 107 -1.20 10.47 24.48
CA VAL B 107 -0.92 10.80 23.09
C VAL B 107 -1.98 11.79 22.64
N ALA B 108 -1.53 12.97 22.25
CA ALA B 108 -2.39 13.94 21.58
C ALA B 108 -2.28 13.68 20.09
N ILE B 109 -3.37 13.24 19.48
CA ILE B 109 -3.40 12.93 18.07
C ILE B 109 -4.17 14.05 17.37
N GLY B 110 -3.52 14.68 16.42
CA GLY B 110 -4.11 15.81 15.73
C GLY B 110 -3.76 17.13 16.36
N ASP B 111 -3.72 18.17 15.53
CA ASP B 111 -3.37 19.51 15.99
C ASP B 111 -4.29 19.96 17.11
N CYS B 112 -5.56 19.62 17.01
CA CYS B 112 -6.53 20.06 18.01
C CYS B 112 -6.08 19.63 19.40
N ALA B 113 -5.72 18.36 19.54
CA ALA B 113 -5.29 17.85 20.84
C ALA B 113 -3.87 18.32 21.15
N CYS B 114 -3.00 18.35 20.15
CA CYS B 114 -1.62 18.76 20.36
C CYS B 114 -1.52 20.22 20.77
N PHE B 115 -2.13 21.10 19.97
CA PHE B 115 -1.90 22.53 20.09
C PHE B 115 -3.15 23.39 20.10
N GLY B 116 -4.31 22.85 19.77
CA GLY B 116 -5.53 23.63 19.71
C GLY B 116 -6.12 23.63 18.32
N GLY B 117 -5.25 23.72 17.31
CA GLY B 117 -5.65 23.52 15.95
C GLY B 117 -6.70 24.50 15.48
N ILE B 118 -7.54 24.02 14.57
CA ILE B 118 -8.55 24.89 13.95
C ILE B 118 -9.52 25.44 14.99
N PRO B 119 -10.06 24.65 15.91
CA PRO B 119 -11.00 25.22 16.88
C PRO B 119 -10.38 26.29 17.74
N ALA B 120 -9.06 26.30 17.87
CA ALA B 120 -8.36 27.30 18.66
C ALA B 120 -8.08 28.59 17.90
N MET B 121 -8.38 28.64 16.60
CA MET B 121 -8.28 29.91 15.88
C MET B 121 -9.20 30.94 16.51
N GLU B 122 -8.77 32.19 16.41
CA GLU B 122 -9.58 33.27 16.95
C GLU B 122 -10.94 33.28 16.27
N PRO B 123 -12.02 33.60 16.99
CA PRO B 123 -12.06 34.02 18.40
C PRO B 123 -12.06 32.85 19.36
N ASN B 124 -11.84 31.62 18.88
CA ASN B 124 -11.81 30.43 19.71
C ASN B 124 -13.08 30.35 20.56
N PRO B 125 -14.25 30.21 19.92
CA PRO B 125 -15.50 30.23 20.69
C PRO B 125 -15.57 29.13 21.73
N SER B 126 -14.94 27.99 21.48
CA SER B 126 -15.00 26.86 22.39
C SER B 126 -13.91 26.92 23.46
N GLY B 127 -13.11 27.97 23.50
CA GLY B 127 -12.02 28.01 24.46
C GLY B 127 -11.10 26.82 24.27
N SER B 128 -10.86 26.45 23.02
CA SER B 128 -10.10 25.25 22.74
C SER B 128 -8.62 25.46 23.03
N THR B 129 -7.99 24.39 23.50
CA THR B 129 -6.56 24.38 23.70
C THR B 129 -6.08 22.94 23.55
N GLY B 130 -4.79 22.80 23.29
CA GLY B 130 -4.20 21.48 23.25
C GLY B 130 -3.95 20.94 24.65
N LEU B 131 -3.60 19.66 24.69
CA LEU B 131 -3.35 19.01 25.98
C LEU B 131 -2.20 19.69 26.72
N GLN B 132 -1.07 19.86 26.03
CA GLN B 132 0.13 20.43 26.63
C GLN B 132 0.65 21.63 25.87
N PHE B 133 -0.05 22.07 24.82
CA PHE B 133 0.34 23.25 24.08
C PHE B 133 -0.91 24.04 23.74
N HIS B 134 -0.74 25.35 23.65
CA HIS B 134 -1.70 26.22 23.00
C HIS B 134 -0.95 26.88 21.85
N LYS B 135 -1.16 26.38 20.65
CA LYS B 135 -0.35 26.74 19.49
C LYS B 135 1.09 26.41 19.88
N ARG B 136 2.06 27.29 19.63
CA ARG B 136 3.44 26.96 19.94
C ARG B 136 3.76 27.08 21.42
N GLU B 137 2.91 27.76 22.19
CA GLU B 137 3.18 28.00 23.59
C GLU B 137 2.91 26.73 24.39
N LYS B 138 3.95 26.26 25.10
CA LYS B 138 3.82 25.05 25.89
C LYS B 138 2.95 25.31 27.12
N GLY B 139 2.18 24.30 27.50
CA GLY B 139 1.38 24.34 28.69
C GLY B 139 -0.05 23.91 28.47
N GLY B 140 -0.63 24.31 27.33
CA GLY B 140 -1.96 23.87 26.95
C GLY B 140 -2.91 23.75 28.11
N PHE B 141 -3.58 22.61 28.21
CA PHE B 141 -4.54 22.38 29.28
C PHE B 141 -3.90 21.72 30.49
N LEU B 142 -3.03 20.74 30.26
CA LEU B 142 -2.42 19.97 31.35
C LEU B 142 -1.24 20.68 32.00
N GLY B 143 -0.70 21.71 31.37
CA GLY B 143 0.44 22.41 31.91
C GLY B 143 1.74 21.91 31.32
N PRO B 144 2.75 22.77 31.30
CA PRO B 144 4.04 22.37 30.72
C PRO B 144 4.71 21.23 31.45
N ASP B 145 4.48 21.10 32.75
CA ASP B 145 5.17 20.12 33.56
C ASP B 145 4.42 18.79 33.66
N PHE B 146 3.28 18.67 33.00
CA PHE B 146 2.57 17.41 33.04
C PHE B 146 3.46 16.30 32.48
N ARG B 147 3.47 15.17 33.17
CA ARG B 147 4.14 13.98 32.70
C ARG B 147 3.25 12.78 32.98
N SER B 148 3.19 11.86 32.02
CA SER B 148 2.46 10.63 32.24
C SER B 148 3.19 9.78 33.26
N LYS B 149 2.53 8.69 33.69
CA LYS B 149 3.11 7.84 34.73
C LYS B 149 4.45 7.24 34.31
N MET B 150 4.72 7.13 33.01
CA MET B 150 6.02 6.68 32.55
C MET B 150 7.00 7.84 32.37
N GLY B 151 6.64 9.03 32.84
CA GLY B 151 7.55 10.16 32.83
C GLY B 151 7.63 10.89 31.51
N LEU B 152 6.81 10.55 30.57
CA LEU B 152 6.81 11.20 29.27
C LEU B 152 5.81 12.34 29.25
N PRO B 153 6.08 13.40 28.49
CA PRO B 153 5.06 14.43 28.31
C PRO B 153 3.96 13.91 27.39
N VAL B 154 2.96 14.74 27.10
CA VAL B 154 1.99 14.36 26.09
C VAL B 154 2.73 14.11 24.78
N ILE B 155 2.63 12.90 24.26
CA ILE B 155 3.19 12.61 22.95
C ILE B 155 2.29 13.27 21.91
N ASN B 156 2.80 14.29 21.26
CA ASN B 156 2.03 15.05 20.29
C ASN B 156 2.20 14.40 18.92
N VAL B 157 1.13 13.81 18.41
CA VAL B 157 1.09 13.29 17.05
C VAL B 157 0.30 14.29 16.24
N PRO B 158 0.94 15.34 15.74
CA PRO B 158 0.20 16.41 15.09
C PRO B 158 -0.31 16.03 13.72
N GLY B 159 -0.83 17.01 13.01
CA GLY B 159 -1.46 16.78 11.74
C GLY B 159 -2.92 17.17 11.84
N CYS B 160 -3.52 17.48 10.71
CA CYS B 160 -4.93 17.84 10.65
C CYS B 160 -5.55 17.17 9.43
N PRO B 161 -5.73 15.84 9.48
CA PRO B 161 -5.45 14.93 10.60
C PRO B 161 -4.02 14.43 10.64
N ALA B 162 -3.68 13.73 11.72
CA ALA B 162 -2.46 12.96 11.74
C ALA B 162 -2.55 11.81 10.75
N HIS B 163 -1.44 11.54 10.09
CA HIS B 163 -1.33 10.34 9.28
C HIS B 163 -1.45 9.11 10.17
N PRO B 164 -2.09 8.03 9.71
CA PRO B 164 -2.23 6.86 10.59
C PRO B 164 -0.89 6.35 11.09
N ASP B 165 0.13 6.35 10.24
CA ASP B 165 1.43 5.82 10.63
C ASP B 165 2.04 6.61 11.77
N TRP B 166 1.76 7.91 11.85
CA TRP B 166 2.35 8.72 12.90
C TRP B 166 1.90 8.28 14.27
N ILE B 167 0.76 7.60 14.36
CA ILE B 167 0.24 7.08 15.61
C ILE B 167 0.41 5.56 15.69
N THR B 168 0.06 4.84 14.63
CA THR B 168 0.11 3.38 14.68
C THR B 168 1.53 2.89 14.88
N GLN B 169 2.49 3.46 14.14
CA GLN B 169 3.88 3.03 14.28
C GLN B 169 4.39 3.31 15.68
N ILE B 170 3.95 4.43 16.28
CA ILE B 170 4.27 4.69 17.68
C ILE B 170 3.63 3.62 18.56
N LEU B 171 2.37 3.29 18.30
CA LEU B 171 1.69 2.27 19.09
C LEU B 171 2.37 0.91 18.90
N VAL B 172 2.78 0.60 17.68
CA VAL B 172 3.50 -0.64 17.44
C VAL B 172 4.81 -0.64 18.20
N ALA B 173 5.53 0.50 18.18
CA ALA B 173 6.78 0.59 18.91
C ALA B 173 6.57 0.36 20.40
N LEU B 174 5.52 0.95 20.96
CA LEU B 174 5.18 0.70 22.36
C LEU B 174 4.83 -0.77 22.57
N ALA B 175 4.10 -1.36 21.63
CA ALA B 175 3.66 -2.74 21.78
C ALA B 175 4.79 -3.73 21.54
N THR B 176 5.82 -3.35 20.76
CA THR B 176 6.91 -4.23 20.41
C THR B 176 8.16 -3.96 21.24
N GLY B 177 8.04 -3.19 22.31
CA GLY B 177 9.16 -2.94 23.20
C GLY B 177 10.13 -1.88 22.72
N ARG B 178 9.70 -1.02 21.80
CA ARG B 178 10.55 0.02 21.23
C ARG B 178 10.16 1.41 21.72
N ALA B 179 9.50 1.50 22.88
CA ALA B 179 9.18 2.81 23.43
C ALA B 179 10.44 3.65 23.62
N GLY B 180 11.55 3.00 23.96
CA GLY B 180 12.81 3.72 24.15
C GLY B 180 13.40 4.26 22.87
N ASP B 181 13.03 3.71 21.73
CA ASP B 181 13.47 4.23 20.45
C ASP B 181 12.72 5.49 20.04
N ILE B 182 11.62 5.80 20.73
CA ILE B 182 10.83 6.98 20.41
C ILE B 182 11.50 8.19 21.03
N THR B 183 11.97 9.10 20.18
CA THR B 183 12.51 10.38 20.62
C THR B 183 11.54 11.47 20.20
N LEU B 184 11.34 12.44 21.07
CA LEU B 184 10.41 13.52 20.85
C LEU B 184 11.16 14.82 20.67
N ASP B 185 10.66 15.68 19.79
CA ASP B 185 11.24 17.00 19.59
C ASP B 185 10.71 17.94 20.65
N ASP B 186 11.00 19.23 20.50
CA ASP B 186 10.58 20.22 21.49
C ASP B 186 9.08 20.36 21.55
N LEU B 187 8.37 19.97 20.50
CA LEU B 187 6.91 19.98 20.49
C LEU B 187 6.32 18.63 20.87
N HIS B 188 7.14 17.75 21.44
CA HIS B 188 6.74 16.42 21.84
C HIS B 188 6.31 15.56 20.65
N ARG B 189 6.77 15.91 19.46
CA ARG B 189 6.44 15.13 18.29
C ARG B 189 7.49 14.04 18.07
N PRO B 190 7.07 12.84 17.64
CA PRO B 190 8.06 11.80 17.33
C PRO B 190 9.01 12.24 16.25
N GLU B 191 10.29 12.35 16.61
CA GLU B 191 11.31 12.77 15.65
C GLU B 191 11.44 11.79 14.50
N THR B 192 11.05 10.53 14.70
CA THR B 192 11.13 9.57 13.61
C THR B 192 10.23 9.96 12.45
N PHE B 193 9.25 10.84 12.70
CA PHE B 193 8.38 11.37 11.66
C PHE B 193 8.55 12.85 11.41
N PHE B 194 9.02 13.61 12.41
CA PHE B 194 8.95 15.06 12.37
C PHE B 194 10.34 15.71 12.43
N LYS B 195 11.38 14.96 12.10
CA LYS B 195 12.66 15.57 11.79
C LYS B 195 12.76 15.95 10.32
N THR B 196 12.05 15.23 9.47
CA THR B 196 11.92 15.58 8.07
C THR B 196 10.96 16.76 7.92
N PHE B 197 10.97 17.33 6.73
CA PHE B 197 10.00 18.33 6.34
C PHE B 197 8.98 17.70 5.40
N THR B 198 7.82 18.34 5.31
CA THR B 198 6.88 17.96 4.28
C THR B 198 7.56 17.99 2.92
N GLN B 199 8.44 18.96 2.73
CA GLN B 199 9.21 19.06 1.51
C GLN B 199 10.12 17.85 1.31
N THR B 200 10.48 17.17 2.39
CA THR B 200 11.32 16.00 2.31
C THR B 200 10.59 14.91 1.54
N GLY B 201 11.04 14.65 0.32
CA GLY B 201 10.39 13.70 -0.54
C GLY B 201 9.32 14.29 -1.43
N CYS B 202 9.07 15.59 -1.33
CA CYS B 202 8.12 16.20 -2.22
C CYS B 202 8.61 16.07 -3.65
N THR B 203 7.68 15.85 -4.56
CA THR B 203 8.03 15.69 -5.97
C THR B 203 8.41 16.99 -6.63
N ARG B 204 8.25 18.12 -5.94
CA ARG B 204 8.49 19.44 -6.52
C ARG B 204 9.75 20.10 -5.98
N VAL B 205 10.54 19.40 -5.17
CA VAL B 205 11.71 20.02 -4.57
C VAL B 205 12.69 20.47 -5.64
N GLN B 206 12.78 19.72 -6.74
CA GLN B 206 13.66 20.13 -7.83
C GLN B 206 13.22 21.49 -8.37
N PHE B 207 11.92 21.69 -8.54
CA PHE B 207 11.42 23.01 -8.92
C PHE B 207 11.73 24.03 -7.84
N PHE B 208 11.56 23.64 -6.57
CA PHE B 208 11.94 24.51 -5.48
C PHE B 208 13.42 24.85 -5.53
N GLU B 209 14.25 23.84 -5.79
CA GLU B 209 15.68 24.08 -5.87
C GLU B 209 15.99 25.13 -6.92
N TYR B 210 15.32 25.05 -8.07
CA TYR B 210 15.53 25.96 -9.17
C TYR B 210 14.51 27.09 -9.18
N LYS B 211 13.73 27.22 -8.11
CA LYS B 211 12.82 28.34 -7.94
C LYS B 211 11.89 28.48 -9.14
N GLN B 212 11.39 27.34 -9.60
CA GLN B 212 10.37 27.27 -10.63
C GLN B 212 9.03 27.11 -9.95
N SER B 213 8.17 28.09 -10.14
CA SER B 213 6.94 28.20 -9.36
C SER B 213 5.78 27.58 -10.12
N THR B 214 4.98 26.80 -9.40
CA THR B 214 3.65 26.48 -9.87
C THR B 214 2.87 27.77 -9.96
N LEU B 215 2.33 28.05 -11.14
CA LEU B 215 1.66 29.32 -11.38
C LEU B 215 0.16 29.22 -11.23
N SER B 216 -0.41 28.04 -11.46
CA SER B 216 -1.84 27.87 -11.39
C SER B 216 -2.16 26.46 -10.92
N PHE B 217 -3.36 26.31 -10.40
CA PHE B 217 -3.84 25.03 -9.92
C PHE B 217 -4.21 24.15 -11.11
N GLY B 218 -4.67 22.95 -10.81
CA GLY B 218 -5.01 22.02 -11.86
C GLY B 218 -3.79 21.68 -12.68
N GLU B 219 -3.94 21.74 -14.00
CA GLU B 219 -2.86 21.37 -14.90
C GLU B 219 -1.61 22.19 -14.66
N GLY B 220 -1.73 23.36 -14.04
CA GLY B 220 -0.57 24.15 -13.70
C GLY B 220 0.33 23.48 -12.68
N THR B 221 -0.21 22.52 -11.91
CA THR B 221 0.57 21.80 -10.92
C THR B 221 1.36 20.65 -11.54
N ARG B 222 1.26 20.44 -12.85
CA ARG B 222 2.10 19.47 -13.53
C ARG B 222 3.56 19.89 -13.51
N THR B 223 3.83 21.14 -13.12
CA THR B 223 5.18 21.64 -13.00
C THR B 223 5.27 22.51 -11.78
N GLY B 224 6.50 22.79 -11.38
CA GLY B 224 6.77 23.86 -10.44
C GLY B 224 6.55 23.44 -9.00
N CYS B 225 6.97 24.34 -8.12
CA CYS B 225 6.84 24.19 -6.69
C CYS B 225 5.80 25.18 -6.20
N LEU B 226 5.07 24.79 -5.17
CA LEU B 226 3.95 25.55 -4.65
C LEU B 226 4.37 26.60 -3.64
N PHE B 227 5.67 26.71 -3.36
CA PHE B 227 6.13 27.63 -2.34
C PHE B 227 5.81 29.07 -2.68
N TYR B 228 6.04 29.46 -3.92
CA TYR B 228 6.14 30.86 -4.27
C TYR B 228 4.78 31.53 -4.53
N GLU B 229 3.82 30.81 -5.06
CA GLU B 229 2.52 31.39 -5.38
C GLU B 229 1.37 30.81 -4.58
N PHE B 230 1.54 29.67 -3.92
CA PHE B 230 0.47 29.02 -3.19
C PHE B 230 0.77 28.85 -1.72
N GLY B 231 1.80 29.50 -1.21
CA GLY B 231 2.06 29.52 0.21
C GLY B 231 2.37 28.18 0.80
N CYS B 232 2.93 27.27 0.01
CA CYS B 232 3.29 25.97 0.55
C CYS B 232 4.26 26.16 1.70
N ARG B 233 3.96 25.50 2.81
CA ARG B 233 4.75 25.58 4.02
C ARG B 233 5.66 24.38 4.20
N GLY B 234 5.85 23.59 3.15
CA GLY B 234 6.61 22.38 3.25
C GLY B 234 7.99 22.59 3.81
N PRO B 235 8.70 23.61 3.31
CA PRO B 235 10.06 23.87 3.81
C PRO B 235 10.10 24.34 5.25
N MET B 236 8.98 24.81 5.80
CA MET B 236 8.90 25.27 7.18
C MET B 236 8.07 24.34 8.04
N THR B 237 7.70 23.18 7.51
CA THR B 237 6.81 22.24 8.19
C THR B 237 7.53 20.93 8.38
N HIS B 238 7.58 20.46 9.62
CA HIS B 238 8.18 19.18 9.93
C HIS B 238 7.13 18.10 9.80
N SER B 239 7.39 17.15 8.93
CA SER B 239 6.45 16.08 8.65
C SER B 239 7.09 15.05 7.72
N PRO B 240 6.63 13.81 7.75
CA PRO B 240 7.07 12.83 6.77
C PRO B 240 6.11 12.71 5.58
N CYS B 241 5.22 13.69 5.42
CA CYS B 241 4.08 13.53 4.53
C CYS B 241 4.49 13.10 3.12
N ASN B 242 5.66 13.51 2.67
CA ASN B 242 6.17 13.08 1.39
C ASN B 242 7.21 11.97 1.51
N ARG B 243 7.51 11.55 2.73
CA ARG B 243 8.28 10.34 2.95
C ARG B 243 7.35 9.14 3.13
N ILE B 244 6.38 9.28 4.02
CA ILE B 244 5.32 8.29 4.21
C ILE B 244 4.08 8.90 3.58
N LEU B 245 3.75 8.43 2.39
CA LEU B 245 2.70 9.05 1.61
C LEU B 245 1.35 8.86 2.27
N TRP B 246 0.49 9.84 2.08
CA TRP B 246 -0.86 9.79 2.62
C TRP B 246 -1.68 8.76 1.87
N ASN B 247 -2.39 7.93 2.63
CA ASN B 247 -3.20 6.86 2.05
C ASN B 247 -2.38 5.96 1.15
N ARG B 248 -1.06 5.96 1.35
CA ARG B 248 -0.13 5.15 0.56
C ARG B 248 -0.11 5.57 -0.89
N GLN B 249 -0.60 6.76 -1.20
CA GLN B 249 -0.72 7.23 -2.57
C GLN B 249 0.09 8.49 -2.83
N SER B 250 -0.07 9.52 -2.02
CA SER B 250 0.38 10.85 -2.41
C SER B 250 0.47 11.73 -1.17
N SER B 251 0.61 13.01 -1.42
CA SER B 251 0.56 14.04 -0.40
C SER B 251 -0.07 15.28 -1.01
N LYS B 252 -0.36 16.26 -0.17
CA LYS B 252 -0.90 17.52 -0.66
C LYS B 252 -0.02 18.08 -1.77
N THR B 253 1.28 18.20 -1.49
CA THR B 253 2.16 18.91 -2.39
C THR B 253 2.39 18.13 -3.67
N ARG B 254 2.46 16.81 -3.57
CA ARG B 254 2.56 15.99 -4.77
C ARG B 254 1.34 16.17 -5.64
N ALA B 255 0.16 16.25 -5.02
CA ALA B 255 -1.08 16.41 -5.75
C ALA B 255 -1.29 17.83 -6.24
N GLY B 256 -0.47 18.78 -5.79
CA GLY B 256 -0.59 20.16 -6.21
C GLY B 256 -1.20 21.07 -5.17
N MET B 257 -1.48 20.56 -3.98
CA MET B 257 -1.98 21.39 -2.90
C MET B 257 -0.82 21.86 -2.04
N PRO B 258 -0.70 23.15 -1.75
CA PRO B 258 0.36 23.61 -0.85
C PRO B 258 0.21 22.97 0.52
N CYS B 259 1.35 22.66 1.12
CA CYS B 259 1.34 22.27 2.52
C CYS B 259 0.86 23.44 3.37
N LEU B 260 -0.12 23.16 4.23
CA LEU B 260 -0.66 24.16 5.13
C LEU B 260 0.10 24.22 6.44
N GLY B 261 1.18 23.46 6.57
CA GLY B 261 1.94 23.45 7.81
C GLY B 261 1.14 22.91 8.97
N CYS B 262 0.34 21.87 8.74
CA CYS B 262 -0.58 21.38 9.74
C CYS B 262 0.06 20.49 10.79
N THR B 263 1.34 20.18 10.64
CA THR B 263 2.06 19.52 11.72
C THR B 263 2.72 20.51 12.65
N GLU B 264 2.68 21.76 12.33
CA GLU B 264 3.27 22.79 13.15
C GLU B 264 2.23 23.40 14.06
N PRO B 265 2.67 23.85 15.24
CA PRO B 265 1.71 24.28 16.27
C PRO B 265 0.86 25.47 15.87
N GLU B 266 1.32 26.30 14.96
CA GLU B 266 0.60 27.50 14.58
C GLU B 266 -0.55 27.24 13.64
N PHE B 267 -0.71 26.00 13.18
CA PHE B 267 -1.73 25.71 12.20
C PHE B 267 -3.12 25.97 12.78
N PRO B 268 -4.01 26.61 12.02
CA PRO B 268 -3.80 27.22 10.70
C PRO B 268 -2.94 28.46 10.80
N HIS B 269 -1.90 28.54 10.00
CA HIS B 269 -0.98 29.66 10.08
C HIS B 269 -1.68 30.94 9.64
N PHE B 270 -1.46 32.02 10.38
CA PHE B 270 -2.11 33.30 10.16
C PHE B 270 -3.62 33.21 10.34
N ASP B 271 -4.10 32.14 10.98
CA ASP B 271 -5.52 31.95 11.25
C ASP B 271 -6.35 32.12 9.98
N LEU B 272 -5.77 31.73 8.85
CA LEU B 272 -6.47 31.81 7.57
C LEU B 272 -6.99 33.21 7.32
N ALA B 273 -6.18 34.20 7.69
CA ALA B 273 -6.55 35.57 7.47
C ALA B 273 -6.62 35.85 5.97
N PRO B 274 -7.38 36.87 5.56
CA PRO B 274 -7.51 37.14 4.14
C PRO B 274 -6.15 37.29 3.46
N GLY B 275 -6.02 36.65 2.30
CA GLY B 275 -4.80 36.69 1.54
C GLY B 275 -3.77 35.65 1.90
N THR B 276 -4.00 34.86 2.95
CA THR B 276 -3.03 33.88 3.40
C THR B 276 -3.40 32.45 3.03
N VAL B 277 -4.50 32.25 2.32
CA VAL B 277 -4.96 30.91 1.95
C VAL B 277 -4.52 30.63 0.52
N PHE B 278 -3.69 29.61 0.35
CA PHE B 278 -3.18 29.21 -0.95
C PHE B 278 -2.47 30.37 -1.64
N LYS B 279 -1.85 31.24 -0.85
CA LYS B 279 -1.05 32.32 -1.36
C LYS B 279 0.21 32.41 -0.54
N THR B 280 1.29 32.83 -1.19
CA THR B 280 2.56 33.05 -0.53
C THR B 280 2.67 34.52 -0.19
N GLN B 281 2.72 34.82 1.10
CA GLN B 281 2.95 36.19 1.53
C GLN B 281 4.33 36.63 1.07
N LYS B 282 4.37 37.77 0.40
CA LYS B 282 5.60 38.31 -0.17
C LYS B 282 5.77 39.77 0.22
N VAL B 283 7.02 40.20 0.24
CA VAL B 283 7.37 41.60 0.44
C VAL B 283 7.74 42.17 -0.93
N SER B 284 7.07 43.23 -1.33
CA SER B 284 7.25 43.87 -2.62
C SER B 284 6.87 42.96 -3.78
N GLY B 285 6.13 41.88 -3.51
CA GLY B 285 5.71 40.95 -4.53
C GLY B 285 6.77 39.96 -4.98
N MET B 286 7.95 39.97 -4.39
CA MET B 286 9.05 39.12 -4.84
C MET B 286 9.66 38.28 -3.74
N ILE B 287 9.79 38.81 -2.54
CA ILE B 287 10.48 38.15 -1.43
C ILE B 287 9.43 37.49 -0.55
N PRO B 288 9.41 36.17 -0.43
CA PRO B 288 8.46 35.54 0.51
C PRO B 288 8.71 36.03 1.92
N LYS B 289 7.62 36.33 2.64
CA LYS B 289 7.77 36.78 4.01
C LYS B 289 8.37 35.69 4.89
N GLU B 290 8.06 34.43 4.60
CA GLU B 290 8.62 33.30 5.31
C GLU B 290 9.50 32.50 4.37
N VAL B 291 10.73 32.25 4.81
CA VAL B 291 11.68 31.47 4.02
C VAL B 291 11.77 30.08 4.65
N PRO B 292 12.42 29.12 3.99
CA PRO B 292 12.51 27.78 4.56
C PRO B 292 13.19 27.80 5.91
N GLU B 293 12.85 26.80 6.72
CA GLU B 293 13.42 26.69 8.04
C GLU B 293 14.94 26.64 7.96
N GLY B 294 15.60 27.38 8.85
CA GLY B 294 17.04 27.42 8.89
C GLY B 294 17.68 28.34 7.89
N THR B 295 16.90 29.01 7.05
CA THR B 295 17.42 29.92 6.04
C THR B 295 17.07 31.35 6.43
N ASP B 296 17.84 32.27 5.87
CA ASP B 296 17.58 33.69 5.99
C ASP B 296 17.23 34.25 4.62
N HIS B 297 16.51 35.37 4.63
CA HIS B 297 16.03 35.94 3.38
C HIS B 297 17.18 36.28 2.44
N LEU B 298 18.25 36.85 2.99
CA LEU B 298 19.36 37.30 2.14
C LEU B 298 19.97 36.13 1.38
N THR B 299 20.36 35.07 2.10
CA THR B 299 20.99 33.94 1.44
C THR B 299 19.99 33.16 0.60
N TYR B 300 18.77 33.02 1.09
CA TYR B 300 17.75 32.31 0.32
C TYR B 300 17.48 33.02 -1.00
N MET B 301 17.27 34.34 -0.94
CA MET B 301 17.02 35.09 -2.16
C MET B 301 18.24 35.07 -3.08
N GLY B 302 19.43 35.22 -2.51
CA GLY B 302 20.63 35.14 -3.31
C GLY B 302 20.77 33.77 -3.97
N LEU B 303 20.57 32.71 -3.20
CA LEU B 303 20.60 31.37 -3.76
C LEU B 303 19.46 31.18 -4.75
N ALA B 304 18.28 31.72 -4.41
CA ALA B 304 17.16 31.62 -5.33
C ALA B 304 17.45 32.31 -6.65
N ALA B 305 18.08 33.49 -6.59
CA ALA B 305 18.43 34.19 -7.81
C ALA B 305 19.40 33.36 -8.64
N ALA B 306 20.43 32.80 -8.00
CA ALA B 306 21.38 31.97 -8.71
C ALA B 306 20.69 30.73 -9.28
N ALA B 307 19.73 30.18 -8.53
CA ALA B 307 19.05 28.97 -8.97
C ALA B 307 18.22 29.24 -10.22
N ARG B 308 17.55 30.38 -10.28
CA ARG B 308 16.77 30.71 -11.47
C ARG B 308 17.65 30.78 -12.71
N ILE B 309 18.82 31.41 -12.58
CA ILE B 309 19.70 31.54 -13.73
C ILE B 309 20.23 30.17 -14.15
N ALA B 310 20.50 29.30 -13.18
CA ALA B 310 21.00 27.97 -13.44
C ALA B 310 19.88 26.97 -13.69
N ALA B 311 18.63 27.40 -13.64
CA ALA B 311 17.50 26.49 -13.74
C ALA B 311 17.55 25.74 -15.07
N PRO B 312 17.53 24.42 -15.06
CA PRO B 312 17.50 23.68 -16.32
C PRO B 312 16.14 23.80 -16.99
N GLN B 313 16.12 23.50 -18.29
CA GLN B 313 14.91 23.67 -19.08
C GLN B 313 13.77 22.80 -18.54
N TRP B 314 14.09 21.57 -18.14
CA TRP B 314 13.04 20.67 -17.67
C TRP B 314 12.35 21.21 -16.43
N SER B 315 13.05 21.99 -15.62
CA SER B 315 12.45 22.56 -14.42
C SER B 315 11.37 23.58 -14.74
N LYS B 316 11.34 24.07 -15.99
CA LYS B 316 10.36 25.05 -16.43
C LYS B 316 9.24 24.43 -17.25
N GLU B 317 9.21 23.11 -17.40
CA GLU B 317 8.22 22.42 -18.19
C GLU B 317 7.45 21.45 -17.31
N ASP B 318 6.36 20.94 -17.87
CA ASP B 318 5.55 19.95 -17.17
C ASP B 318 6.37 18.68 -16.96
N MET B 319 6.28 18.14 -15.76
CA MET B 319 6.93 16.89 -15.43
C MET B 319 5.94 15.84 -14.97
N PHE B 320 4.90 16.24 -14.26
CA PHE B 320 3.83 15.33 -13.85
C PHE B 320 2.78 15.29 -14.95
N VAL B 321 3.21 14.73 -16.07
CA VAL B 321 2.40 14.69 -17.27
C VAL B 321 1.47 13.49 -17.22
N VAL B 322 0.46 13.52 -18.08
CA VAL B 322 -0.48 12.42 -18.20
C VAL B 322 0.26 11.14 -18.52
N LEU C 1 10.34 -44.85 -24.20
CA LEU C 1 9.88 -43.69 -24.92
C LEU C 1 10.75 -42.47 -24.60
N ASP C 2 11.29 -41.84 -25.65
CA ASP C 2 12.10 -40.65 -25.50
C ASP C 2 11.20 -39.44 -25.62
N LEU C 3 11.06 -38.68 -24.54
CA LEU C 3 10.16 -37.53 -24.49
C LEU C 3 10.99 -36.29 -24.18
N PHE C 4 10.77 -35.24 -24.97
CA PHE C 4 11.47 -33.97 -24.81
C PHE C 4 10.45 -32.90 -24.48
N VAL C 5 10.48 -32.42 -23.24
CA VAL C 5 9.54 -31.40 -22.78
C VAL C 5 10.21 -30.04 -22.93
N SER C 6 9.65 -29.21 -23.80
CA SER C 6 10.18 -27.89 -24.05
C SER C 6 9.03 -26.97 -24.41
N PRO C 7 8.75 -25.92 -23.61
CA PRO C 7 9.39 -25.52 -22.36
C PRO C 7 8.75 -26.17 -21.14
N LEU C 8 9.53 -26.45 -20.10
CA LEU C 8 9.01 -26.80 -18.79
C LEU C 8 9.05 -25.52 -17.98
N GLY C 9 7.92 -24.81 -17.95
CA GLY C 9 7.86 -23.49 -17.38
C GLY C 9 7.72 -23.51 -15.87
N ARG C 10 7.54 -22.31 -15.32
CA ARG C 10 7.41 -22.11 -13.89
C ARG C 10 8.62 -22.67 -13.15
N VAL C 11 9.79 -22.51 -13.76
CA VAL C 11 11.06 -22.85 -13.14
C VAL C 11 12.00 -21.65 -13.25
N GLU C 12 11.43 -20.47 -13.33
CA GLU C 12 12.18 -19.21 -13.38
C GLU C 12 13.32 -19.29 -14.38
N GLY C 13 12.95 -19.47 -15.63
CA GLY C 13 13.90 -19.49 -16.72
C GLY C 13 13.54 -20.57 -17.71
N ASP C 14 14.45 -20.81 -18.64
CA ASP C 14 14.23 -21.75 -19.73
C ASP C 14 14.77 -23.12 -19.33
N LEU C 15 13.86 -24.09 -19.24
CA LEU C 15 14.21 -25.47 -18.94
C LEU C 15 13.60 -26.37 -20.00
N ASP C 16 14.43 -27.26 -20.54
CA ASP C 16 13.97 -28.35 -21.38
C ASP C 16 14.37 -29.65 -20.72
N VAL C 17 13.42 -30.55 -20.53
CA VAL C 17 13.65 -31.82 -19.87
C VAL C 17 13.46 -32.92 -20.89
N ARG C 18 14.49 -33.74 -21.05
CA ARG C 18 14.42 -34.95 -21.85
C ARG C 18 14.43 -36.14 -20.91
N VAL C 19 13.50 -37.06 -21.11
CA VAL C 19 13.39 -38.25 -20.28
C VAL C 19 13.24 -39.46 -21.18
N THR C 20 13.66 -40.61 -20.66
CA THR C 20 13.42 -41.91 -21.29
C THR C 20 12.40 -42.62 -20.42
N ILE C 21 11.20 -42.80 -20.95
CA ILE C 21 10.09 -43.40 -20.21
C ILE C 21 9.94 -44.84 -20.65
N ASN C 22 9.96 -45.76 -19.68
CA ASN C 22 9.72 -47.18 -19.91
C ASN C 22 8.57 -47.62 -19.02
N ASP C 23 7.49 -48.11 -19.63
CA ASP C 23 6.32 -48.58 -18.90
C ASP C 23 5.76 -47.49 -17.99
N GLY C 24 5.76 -46.25 -18.48
CA GLY C 24 5.16 -45.16 -17.75
C GLY C 24 6.03 -44.55 -16.67
N VAL C 25 7.28 -44.97 -16.55
CA VAL C 25 8.19 -44.49 -15.51
C VAL C 25 9.44 -43.95 -16.17
N VAL C 26 9.90 -42.79 -15.73
CA VAL C 26 11.13 -42.22 -16.25
C VAL C 26 12.30 -43.07 -15.77
N THR C 27 13.08 -43.59 -16.71
CA THR C 27 14.28 -44.35 -16.40
C THR C 27 15.54 -43.53 -16.51
N SER C 28 15.55 -42.53 -17.38
CA SER C 28 16.65 -41.59 -17.49
C SER C 28 16.08 -40.20 -17.74
N ALA C 29 16.81 -39.19 -17.30
CA ALA C 29 16.37 -37.81 -17.43
C ALA C 29 17.56 -36.92 -17.73
N TRP C 30 17.32 -35.92 -18.57
CA TRP C 30 18.30 -34.88 -18.87
C TRP C 30 17.65 -33.53 -18.62
N THR C 31 18.30 -32.72 -17.81
CA THR C 31 17.85 -31.35 -17.57
C THR C 31 18.71 -30.43 -18.43
N GLU C 32 18.05 -29.65 -19.28
CA GLU C 32 18.72 -28.77 -20.23
C GLU C 32 18.38 -27.33 -19.86
N ALA C 33 19.33 -26.65 -19.23
CA ALA C 33 19.24 -25.21 -19.06
C ALA C 33 19.59 -24.55 -20.38
N ALA C 34 18.63 -23.82 -20.95
CA ALA C 34 18.70 -23.40 -22.35
C ALA C 34 19.00 -21.93 -22.53
N MET C 35 19.19 -21.16 -21.47
CA MET C 35 19.43 -19.73 -21.56
C MET C 35 20.69 -19.38 -20.78
N PHE C 36 21.56 -18.59 -21.40
CA PHE C 36 22.83 -18.21 -20.83
C PHE C 36 23.03 -16.72 -20.99
N ARG C 37 23.46 -16.06 -19.91
CA ARG C 37 23.75 -14.64 -19.93
C ARG C 37 25.21 -14.32 -19.66
N GLY C 38 25.94 -15.20 -18.97
CA GLY C 38 27.36 -15.01 -18.74
C GLY C 38 27.70 -13.87 -17.81
N PHE C 39 26.99 -13.75 -16.69
CA PHE C 39 27.30 -12.69 -15.74
C PHE C 39 28.69 -12.85 -15.15
N GLU C 40 29.12 -14.09 -14.93
CA GLU C 40 30.48 -14.32 -14.43
C GLU C 40 31.51 -13.77 -15.39
N ILE C 41 31.27 -13.96 -16.69
CA ILE C 41 32.15 -13.39 -17.70
C ILE C 41 32.10 -11.87 -17.64
N ILE C 42 30.90 -11.32 -17.53
CA ILE C 42 30.73 -9.87 -17.52
C ILE C 42 31.43 -9.27 -16.31
N LEU C 43 31.37 -9.95 -15.17
CA LEU C 43 31.92 -9.41 -13.94
C LEU C 43 33.43 -9.31 -13.98
N ARG C 44 34.09 -10.08 -14.85
CA ARG C 44 35.54 -10.01 -14.94
C ARG C 44 35.97 -8.60 -15.33
N GLY C 45 36.97 -8.08 -14.62
CA GLY C 45 37.50 -6.77 -14.90
C GLY C 45 36.63 -5.64 -14.40
N LYS C 46 35.53 -5.93 -13.73
CA LYS C 46 34.61 -4.90 -13.27
C LYS C 46 34.99 -4.46 -11.86
N ASP C 47 34.27 -3.46 -11.38
CA ASP C 47 34.51 -2.98 -10.03
C ASP C 47 34.32 -4.14 -9.04
N PRO C 48 35.13 -4.20 -7.98
CA PRO C 48 34.96 -5.31 -7.03
C PRO C 48 33.56 -5.42 -6.47
N GLN C 49 32.84 -4.31 -6.36
CA GLN C 49 31.48 -4.30 -5.86
C GLN C 49 30.44 -4.44 -6.96
N ALA C 50 30.87 -4.68 -8.21
CA ALA C 50 29.92 -4.82 -9.30
C ALA C 50 29.01 -6.03 -9.09
N GLY C 51 29.46 -7.01 -8.32
CA GLY C 51 28.61 -8.15 -8.03
C GLY C 51 27.37 -7.77 -7.25
N LEU C 52 27.47 -6.74 -6.41
CA LEU C 52 26.30 -6.28 -5.67
C LEU C 52 25.21 -5.78 -6.59
N ILE C 53 25.59 -5.31 -7.77
CA ILE C 53 24.62 -4.86 -8.76
C ILE C 53 24.27 -5.98 -9.72
N VAL C 54 25.28 -6.72 -10.19
CA VAL C 54 25.06 -7.71 -11.24
C VAL C 54 24.42 -8.97 -10.68
N CYS C 55 24.95 -9.49 -9.58
CA CYS C 55 24.50 -10.79 -9.11
C CYS C 55 23.02 -10.81 -8.77
N PRO C 56 22.45 -9.79 -8.13
CA PRO C 56 20.99 -9.80 -7.95
C PRO C 56 20.25 -9.97 -9.26
N ARG C 57 20.79 -9.43 -10.35
CA ARG C 57 20.17 -9.59 -11.65
C ARG C 57 20.34 -10.98 -12.21
N ILE C 58 21.00 -11.88 -11.49
CA ILE C 58 20.99 -13.27 -11.90
C ILE C 58 19.57 -13.81 -11.85
N CYS C 59 18.80 -13.21 -10.92
CA CYS C 59 17.48 -13.75 -10.67
C CYS C 59 16.54 -12.79 -9.95
N GLY C 60 15.30 -12.75 -10.37
CA GLY C 60 14.41 -11.76 -9.80
C GLY C 60 13.83 -12.16 -8.46
N ILE C 61 13.73 -13.46 -8.36
CA ILE C 61 13.08 -13.93 -7.18
C ILE C 61 14.06 -14.14 -6.10
N CYS C 62 15.27 -14.40 -6.48
CA CYS C 62 16.24 -14.66 -5.43
C CYS C 62 17.45 -13.74 -5.48
N GLY C 63 17.23 -12.60 -6.12
CA GLY C 63 18.32 -11.67 -6.29
C GLY C 63 18.85 -11.13 -4.97
N GLY C 64 17.96 -10.93 -4.00
CA GLY C 64 18.42 -10.48 -2.69
C GLY C 64 19.35 -11.49 -2.04
N SER C 65 19.09 -12.78 -2.27
CA SER C 65 20.00 -13.81 -1.79
C SER C 65 21.37 -13.67 -2.45
N HIS C 66 21.31 -13.35 -3.72
CA HIS C 66 22.55 -13.11 -4.47
C HIS C 66 23.24 -11.92 -3.83
N LEU C 67 22.55 -10.87 -3.56
CA LEU C 67 23.11 -9.69 -2.92
C LEU C 67 23.71 -10.04 -1.57
N TYR C 68 22.99 -10.84 -0.79
CA TYR C 68 23.43 -11.23 0.54
C TYR C 68 24.79 -11.92 0.47
N LYS C 69 24.92 -12.93 -0.37
CA LYS C 69 26.19 -13.64 -0.48
C LYS C 69 27.22 -12.84 -1.24
N SER C 70 26.81 -12.04 -2.22
CA SER C 70 27.75 -11.20 -2.93
C SER C 70 28.40 -10.20 -1.98
N ALA C 71 27.59 -9.62 -1.09
CA ALA C 71 28.13 -8.71 -0.09
C ALA C 71 29.07 -9.44 0.86
N TYR C 72 28.70 -10.64 1.30
CA TYR C 72 29.54 -11.38 2.23
C TYR C 72 30.82 -11.86 1.55
N ALA C 73 30.76 -12.12 0.25
CA ALA C 73 31.98 -12.41 -0.47
C ALA C 73 32.96 -11.25 -0.37
N LEU C 74 32.45 -10.03 -0.53
CA LEU C 74 33.28 -8.85 -0.36
C LEU C 74 33.69 -8.66 1.09
N ASP C 75 32.77 -8.92 2.03
CA ASP C 75 33.11 -8.79 3.43
C ASP C 75 34.27 -9.70 3.81
N THR C 76 34.25 -10.93 3.30
CA THR C 76 35.37 -11.84 3.56
C THR C 76 36.60 -11.43 2.77
N ALA C 77 36.42 -11.05 1.50
CA ALA C 77 37.56 -10.68 0.67
C ALA C 77 38.29 -9.48 1.27
N TRP C 78 37.54 -8.51 1.77
CA TRP C 78 38.10 -7.29 2.31
C TRP C 78 38.19 -7.30 3.83
N ARG C 79 37.95 -8.46 4.45
CA ARG C 79 38.12 -8.60 5.89
C ARG C 79 37.37 -7.49 6.63
N THR C 80 36.16 -7.22 6.16
CA THR C 80 35.38 -6.11 6.67
C THR C 80 34.85 -6.41 8.07
N HIS C 81 34.31 -5.38 8.69
CA HIS C 81 33.59 -5.50 9.94
C HIS C 81 32.10 -5.35 9.66
N MET C 82 31.31 -6.26 10.21
CA MET C 82 29.87 -6.28 9.98
C MET C 82 29.18 -5.90 11.28
N PRO C 83 28.65 -4.68 11.40
CA PRO C 83 27.91 -4.34 12.61
C PRO C 83 26.76 -5.31 12.80
N PRO C 84 26.43 -5.64 14.05
CA PRO C 84 25.35 -6.62 14.27
C PRO C 84 24.05 -6.23 13.59
N ASN C 85 23.71 -4.94 13.59
CA ASN C 85 22.48 -4.50 12.94
C ASN C 85 22.50 -4.84 11.46
N ALA C 86 23.63 -4.61 10.80
CA ALA C 86 23.73 -4.91 9.38
C ALA C 86 23.52 -6.39 9.14
N THR C 87 24.13 -7.24 9.97
CA THR C 87 23.88 -8.67 9.86
C THR C 87 22.41 -8.98 10.03
N LEU C 88 21.76 -8.34 10.99
CA LEU C 88 20.32 -8.54 11.20
C LEU C 88 19.54 -8.13 9.98
N ILE C 89 19.86 -6.97 9.42
CA ILE C 89 19.13 -6.48 8.25
C ILE C 89 19.33 -7.44 7.09
N ARG C 90 20.57 -7.89 6.89
CA ARG C 90 20.82 -8.88 5.84
C ARG C 90 20.03 -10.15 6.08
N ASN C 91 20.06 -10.64 7.31
CA ASN C 91 19.30 -11.84 7.64
C ASN C 91 17.81 -11.62 7.41
N ILE C 92 17.29 -10.48 7.88
CA ILE C 92 15.88 -10.20 7.75
C ILE C 92 15.48 -10.18 6.29
N CYS C 93 16.27 -9.48 5.48
CA CYS C 93 15.92 -9.31 4.07
C CYS C 93 16.10 -10.59 3.29
N GLN C 94 17.15 -11.37 3.62
CA GLN C 94 17.33 -12.67 3.00
C GLN C 94 16.14 -13.56 3.31
N ALA C 95 15.74 -13.63 4.58
CA ALA C 95 14.60 -14.45 4.97
C ALA C 95 13.32 -13.91 4.35
N CYS C 96 13.15 -12.58 4.35
CA CYS C 96 11.93 -12.00 3.81
C CYS C 96 11.78 -12.33 2.34
N GLU C 97 12.87 -12.28 1.57
CA GLU C 97 12.81 -12.69 0.18
C GLU C 97 12.38 -14.15 0.08
N THR C 98 12.95 -15.00 0.93
CA THR C 98 12.55 -16.40 0.95
C THR C 98 11.10 -16.55 1.39
N LEU C 99 10.68 -15.76 2.38
CA LEU C 99 9.29 -15.80 2.81
C LEU C 99 8.36 -15.37 1.70
N GLN C 100 8.80 -14.46 0.83
CA GLN C 100 8.03 -14.11 -0.34
C GLN C 100 8.04 -15.24 -1.35
N SER C 101 9.20 -15.88 -1.52
CA SER C 101 9.33 -16.92 -2.53
C SER C 101 8.46 -18.12 -2.20
N ILE C 102 8.38 -18.48 -0.92
CA ILE C 102 7.69 -19.71 -0.53
C ILE C 102 6.24 -19.73 -1.02
N PRO C 103 5.41 -18.75 -0.70
CA PRO C 103 4.04 -18.77 -1.24
C PRO C 103 3.99 -18.49 -2.72
N ARG C 104 4.78 -17.51 -3.19
CA ARG C 104 4.73 -17.15 -4.59
C ARG C 104 5.04 -18.37 -5.46
N TYR C 105 6.12 -19.07 -5.15
CA TYR C 105 6.46 -20.25 -5.91
C TYR C 105 5.41 -21.35 -5.72
N PHE C 106 4.97 -21.55 -4.48
CA PHE C 106 4.08 -22.68 -4.20
C PHE C 106 2.79 -22.58 -4.99
N TYR C 107 2.17 -21.39 -4.97
CA TYR C 107 0.88 -21.22 -5.63
C TYR C 107 1.06 -20.94 -7.12
N ALA C 108 1.96 -20.04 -7.47
CA ALA C 108 2.07 -19.60 -8.85
C ALA C 108 2.83 -20.60 -9.70
N LEU C 109 3.87 -21.23 -9.15
CA LEU C 109 4.77 -22.06 -9.92
C LEU C 109 4.52 -23.55 -9.75
N PHE C 110 4.08 -23.99 -8.57
CA PHE C 110 3.97 -25.41 -8.26
C PHE C 110 2.54 -25.90 -8.13
N ALA C 111 1.73 -25.24 -7.29
CA ALA C 111 0.46 -25.83 -6.88
C ALA C 111 -0.54 -25.92 -8.03
N ILE C 112 -0.42 -25.06 -9.04
CA ILE C 112 -1.40 -25.09 -10.12
C ILE C 112 -1.37 -26.43 -10.84
N ASP C 113 -0.23 -27.12 -10.80
CA ASP C 113 -0.16 -28.46 -11.38
C ASP C 113 -0.99 -29.46 -10.62
N LEU C 114 -1.35 -29.16 -9.37
CA LEU C 114 -2.24 -30.04 -8.62
C LEU C 114 -3.63 -30.08 -9.22
N THR C 115 -3.96 -29.15 -10.11
CA THR C 115 -5.22 -29.14 -10.83
C THR C 115 -5.12 -29.92 -12.13
N ASN C 116 -3.99 -30.57 -12.38
CA ASN C 116 -3.82 -31.34 -13.61
C ASN C 116 -4.87 -32.45 -13.68
N LYS C 117 -5.35 -32.70 -14.90
CA LYS C 117 -6.41 -33.69 -15.10
C LYS C 117 -6.00 -35.08 -14.64
N ASN C 118 -4.70 -35.35 -14.52
CA ASN C 118 -4.27 -36.65 -14.03
C ASN C 118 -4.82 -36.97 -12.65
N TYR C 119 -5.17 -35.94 -11.88
CA TYR C 119 -5.74 -36.11 -10.55
C TYR C 119 -7.25 -35.95 -10.54
N ALA C 120 -7.88 -35.94 -11.72
CA ALA C 120 -9.32 -35.74 -11.79
C ALA C 120 -10.08 -36.76 -10.97
N LYS C 121 -9.54 -37.96 -10.81
CA LYS C 121 -10.21 -39.02 -10.07
C LYS C 121 -10.07 -38.87 -8.56
N SER C 122 -9.26 -37.94 -8.09
CA SER C 122 -9.07 -37.77 -6.66
C SER C 122 -10.29 -37.11 -6.05
N LYS C 123 -10.69 -37.59 -4.87
CA LYS C 123 -11.80 -36.98 -4.17
C LYS C 123 -11.49 -35.54 -3.77
N LEU C 124 -10.21 -35.18 -3.72
CA LEU C 124 -9.78 -33.83 -3.38
C LEU C 124 -9.52 -32.97 -4.61
N TYR C 125 -9.71 -33.51 -5.81
CA TYR C 125 -9.35 -32.78 -7.02
C TYR C 125 -10.14 -31.48 -7.14
N ASP C 126 -11.45 -31.55 -6.94
CA ASP C 126 -12.28 -30.37 -7.07
C ASP C 126 -11.81 -29.28 -6.12
N GLU C 127 -11.52 -29.66 -4.88
CA GLU C 127 -11.00 -28.69 -3.91
C GLU C 127 -9.65 -28.15 -4.35
N ALA C 128 -8.79 -29.01 -4.88
CA ALA C 128 -7.50 -28.55 -5.39
C ALA C 128 -7.70 -27.54 -6.51
N VAL C 129 -8.65 -27.80 -7.41
CA VAL C 129 -8.93 -26.87 -8.49
C VAL C 129 -9.43 -25.54 -7.94
N ARG C 130 -10.35 -25.60 -6.96
CA ARG C 130 -10.86 -24.36 -6.38
C ARG C 130 -9.75 -23.57 -5.71
N ARG C 131 -8.81 -24.25 -5.07
CA ARG C 131 -7.77 -23.58 -4.31
C ARG C 131 -6.63 -23.12 -5.20
N PHE C 132 -6.12 -24.01 -6.03
CA PHE C 132 -4.83 -23.83 -6.70
C PHE C 132 -4.96 -23.55 -8.19
N ALA C 133 -6.16 -23.36 -8.70
CA ALA C 133 -6.30 -23.05 -10.11
C ALA C 133 -5.57 -21.75 -10.41
N PRO C 134 -4.87 -21.67 -11.54
CA PRO C 134 -4.09 -20.46 -11.83
C PRO C 134 -4.98 -19.23 -11.93
N TYR C 135 -4.60 -18.20 -11.16
CA TYR C 135 -5.17 -16.86 -11.25
C TYR C 135 -6.58 -16.77 -10.68
N VAL C 136 -7.20 -17.89 -10.33
CA VAL C 136 -8.56 -17.87 -9.80
C VAL C 136 -8.66 -18.75 -8.56
N GLY C 137 -7.63 -19.54 -8.30
CA GLY C 137 -7.61 -20.40 -7.14
C GLY C 137 -7.82 -19.61 -5.87
N THR C 138 -8.75 -20.09 -5.02
CA THR C 138 -9.05 -19.36 -3.80
C THR C 138 -7.84 -19.26 -2.89
N SER C 139 -6.93 -20.22 -2.97
CA SER C 139 -5.65 -20.14 -2.28
C SER C 139 -4.59 -19.47 -3.13
N TYR C 140 -4.68 -19.62 -4.45
CA TYR C 140 -3.73 -19.00 -5.35
C TYR C 140 -3.73 -17.49 -5.21
N GLN C 141 -4.90 -16.87 -5.30
CA GLN C 141 -4.96 -15.40 -5.30
C GLN C 141 -4.37 -14.81 -4.04
N PRO C 142 -4.81 -15.18 -2.83
CA PRO C 142 -4.22 -14.55 -1.63
C PRO C 142 -2.77 -14.93 -1.41
N GLY C 143 -2.40 -16.18 -1.67
CA GLY C 143 -1.02 -16.58 -1.47
C GLY C 143 -0.06 -15.81 -2.36
N VAL C 144 -0.41 -15.65 -3.62
CA VAL C 144 0.42 -14.89 -4.55
C VAL C 144 0.38 -13.41 -4.19
N VAL C 145 -0.82 -12.88 -3.92
CA VAL C 145 -0.95 -11.46 -3.62
C VAL C 145 -0.18 -11.12 -2.36
N LEU C 146 -0.31 -11.94 -1.33
CA LEU C 146 0.35 -11.68 -0.06
C LEU C 146 1.84 -11.98 -0.10
N SER C 147 2.31 -12.72 -1.11
CA SER C 147 3.73 -13.01 -1.20
C SER C 147 4.55 -11.75 -1.40
N ALA C 148 3.93 -10.64 -1.80
CA ALA C 148 4.64 -9.39 -1.94
C ALA C 148 4.95 -8.73 -0.60
N LYS C 149 4.23 -9.12 0.46
CA LYS C 149 4.41 -8.44 1.73
C LYS C 149 5.80 -8.62 2.31
N PRO C 150 6.36 -9.83 2.37
CA PRO C 150 7.71 -9.95 2.97
C PRO C 150 8.75 -9.10 2.27
N VAL C 151 8.64 -8.94 0.94
CA VAL C 151 9.61 -8.13 0.22
C VAL C 151 9.32 -6.64 0.32
N GLU C 152 8.15 -6.27 0.85
CA GLU C 152 7.98 -4.89 1.30
C GLU C 152 8.91 -4.59 2.45
N VAL C 153 9.06 -5.55 3.37
CA VAL C 153 10.05 -5.40 4.44
C VAL C 153 11.45 -5.27 3.86
N TYR C 154 11.75 -6.11 2.87
CA TYR C 154 13.02 -5.99 2.16
C TYR C 154 13.19 -4.59 1.59
N ALA C 155 12.13 -4.06 0.96
CA ALA C 155 12.20 -2.73 0.38
C ALA C 155 12.35 -1.66 1.45
N ILE C 156 11.79 -1.89 2.64
CA ILE C 156 11.92 -0.91 3.70
C ILE C 156 13.39 -0.68 4.03
N PHE C 157 14.16 -1.76 4.08
CA PHE C 157 15.57 -1.68 4.39
C PHE C 157 16.45 -1.55 3.16
N GLY C 158 16.03 -2.12 2.04
CA GLY C 158 16.79 -2.10 0.82
C GLY C 158 16.33 -1.10 -0.21
N GLY C 159 15.24 -0.38 0.04
CA GLY C 159 14.70 0.60 -0.87
C GLY C 159 13.72 0.02 -1.84
N GLN C 160 13.99 -1.20 -2.29
CA GLN C 160 13.10 -1.84 -3.26
C GLN C 160 13.40 -3.32 -3.29
N TRP C 161 12.46 -4.06 -3.89
CA TRP C 161 12.67 -5.43 -4.18
C TRP C 161 11.80 -5.76 -5.38
N PRO C 162 12.34 -6.44 -6.40
CA PRO C 162 13.74 -6.84 -6.52
C PRO C 162 14.63 -5.68 -6.93
N DHI C 163 15.94 -5.89 -6.85
CA DHI C 163 16.88 -5.01 -7.52
C DHI C 163 17.50 -3.97 -6.60
O DHI C 163 17.87 -2.89 -7.04
CB DHI C 163 18.00 -5.83 -8.12
CG DHI C 163 17.54 -6.88 -9.07
ND1 DHI C 163 17.33 -8.19 -8.70
CD2 DHI C 163 17.25 -6.81 -10.39
CE1 DHI C 163 16.92 -8.89 -9.74
NE2 DHI C 163 16.86 -8.07 -10.78
HA DHI C 163 16.43 -4.54 -8.23
HB2 DHI C 163 18.49 -6.28 -7.40
HB3 DHI C 163 18.61 -5.24 -8.58
HD1 DHI C 163 17.44 -8.51 -7.91
HD2 DHI C 163 17.30 -6.05 -10.92
HE1 DHI C 163 16.72 -9.78 -9.74
HE2 DHI C 163 16.62 -8.29 -11.58
N SER C 164 17.65 -4.34 -5.33
CA SER C 164 18.43 -3.54 -4.41
C SER C 164 19.85 -4.07 -4.41
N SER C 165 20.80 -3.20 -4.09
CA SER C 165 22.19 -3.58 -3.87
C SER C 165 22.66 -3.04 -2.53
N PHE C 166 21.72 -2.89 -1.60
CA PHE C 166 21.97 -2.15 -0.37
C PHE C 166 22.84 -2.90 0.61
N MET C 167 23.13 -4.18 0.35
CA MET C 167 24.06 -4.92 1.20
C MET C 167 25.45 -4.73 0.62
N VAL C 168 26.29 -4.03 1.35
CA VAL C 168 27.60 -3.64 0.86
C VAL C 168 28.63 -4.16 1.86
N PRO C 169 29.87 -4.32 1.43
CA PRO C 169 30.92 -4.65 2.40
C PRO C 169 30.91 -3.63 3.52
N GLY C 170 30.94 -4.13 4.75
CA GLY C 170 30.87 -3.28 5.92
C GLY C 170 29.49 -3.16 6.52
N GLY C 171 28.45 -3.63 5.83
CA GLY C 171 27.12 -3.62 6.40
C GLY C 171 26.04 -3.49 5.36
N VAL C 172 25.17 -2.50 5.57
CA VAL C 172 24.12 -2.17 4.63
C VAL C 172 24.15 -0.67 4.40
N MET C 173 23.67 -0.26 3.22
CA MET C 173 23.61 1.17 2.92
C MET C 173 22.58 1.88 3.78
N SER C 174 21.54 1.17 4.18
CA SER C 174 20.39 1.80 4.78
C SER C 174 20.59 2.07 6.25
N ALA C 175 19.79 3.01 6.76
CA ALA C 175 19.79 3.40 8.17
C ALA C 175 18.35 3.31 8.64
N PRO C 176 17.87 2.11 8.93
CA PRO C 176 16.46 1.94 9.29
C PRO C 176 16.09 2.84 10.45
N THR C 177 14.90 3.41 10.35
CA THR C 177 14.31 4.22 11.39
C THR C 177 13.35 3.36 12.22
N LEU C 178 12.79 3.96 13.26
CA LEU C 178 11.84 3.24 14.08
C LEU C 178 10.62 2.81 13.27
N SER C 179 10.09 3.72 12.45
CA SER C 179 8.92 3.39 11.65
C SER C 179 9.21 2.29 10.65
N ASP C 180 10.45 2.20 10.19
CA ASP C 180 10.83 1.13 9.28
C ASP C 180 10.69 -0.23 9.98
N VAL C 181 11.19 -0.32 11.20
CA VAL C 181 11.16 -1.59 11.92
C VAL C 181 9.74 -1.93 12.35
N THR C 182 9.02 -0.94 12.89
CA THR C 182 7.65 -1.19 13.31
C THR C 182 6.77 -1.58 12.13
N ARG C 183 6.94 -0.88 11.00
CA ARG C 183 6.19 -1.22 9.81
C ARG C 183 6.58 -2.61 9.31
N ALA C 184 7.88 -2.92 9.35
CA ALA C 184 8.33 -4.24 8.92
C ALA C 184 7.70 -5.32 9.79
N ILE C 185 7.68 -5.10 11.11
CA ILE C 185 7.02 -6.04 12.01
C ILE C 185 5.55 -6.17 11.66
N ALA C 186 4.90 -5.02 11.44
CA ALA C 186 3.47 -5.03 11.13
C ALA C 186 3.20 -5.76 9.81
N ILE C 187 4.04 -5.53 8.81
CA ILE C 187 3.88 -6.23 7.54
C ILE C 187 4.08 -7.72 7.74
N LEU C 188 5.14 -8.09 8.46
CA LEU C 188 5.43 -9.49 8.70
C LEU C 188 4.32 -10.15 9.50
N GLU C 189 3.85 -9.47 10.55
CA GLU C 189 2.78 -10.03 11.36
C GLU C 189 1.50 -10.19 10.54
N HIS C 190 1.19 -9.18 9.72
CA HIS C 190 0.00 -9.25 8.88
C HIS C 190 0.12 -10.41 7.89
N TRP C 191 1.28 -10.51 7.25
CA TRP C 191 1.50 -11.59 6.29
C TRP C 191 1.43 -12.94 6.98
N ASN C 192 2.06 -13.07 8.13
CA ASN C 192 2.03 -14.33 8.85
C ASN C 192 0.61 -14.69 9.26
N ASP C 193 -0.12 -13.72 9.79
CA ASP C 193 -1.50 -13.97 10.21
C ASP C 193 -2.38 -14.30 9.01
N ASN C 194 -2.29 -13.47 7.96
CA ASN C 194 -3.25 -13.56 6.87
C ASN C 194 -2.99 -14.75 5.97
N TRP C 195 -1.72 -15.00 5.62
CA TRP C 195 -1.41 -16.13 4.76
C TRP C 195 -0.85 -17.33 5.54
N LEU C 196 0.26 -17.13 6.25
CA LEU C 196 0.98 -18.28 6.79
C LEU C 196 0.15 -19.05 7.80
N GLU C 197 -0.53 -18.33 8.70
CA GLU C 197 -1.28 -18.99 9.76
C GLU C 197 -2.72 -19.28 9.33
N LYS C 198 -3.42 -18.28 8.80
CA LYS C 198 -4.82 -18.48 8.45
C LYS C 198 -4.97 -19.37 7.22
N GLN C 199 -4.15 -19.13 6.19
CA GLN C 199 -4.31 -19.83 4.93
C GLN C 199 -3.45 -21.08 4.84
N TRP C 200 -2.13 -20.93 5.02
CA TRP C 200 -1.24 -22.07 4.83
C TRP C 200 -1.41 -23.10 5.94
N LEU C 201 -1.38 -22.65 7.20
CA LEU C 201 -1.36 -23.57 8.32
C LEU C 201 -2.73 -23.84 8.91
N GLY C 202 -3.60 -22.83 8.94
CA GLY C 202 -4.81 -22.95 9.73
C GLY C 202 -4.54 -23.02 11.20
N CYS C 203 -3.36 -22.59 11.63
CA CYS C 203 -2.95 -22.62 13.03
C CYS C 203 -1.75 -21.70 13.18
N SER C 204 -1.31 -21.52 14.42
CA SER C 204 -0.17 -20.66 14.68
C SER C 204 1.10 -21.29 14.14
N VAL C 205 2.09 -20.43 13.86
CA VAL C 205 3.40 -20.91 13.46
C VAL C 205 3.99 -21.77 14.57
N ASP C 206 3.75 -21.38 15.83
CA ASP C 206 4.26 -22.17 16.95
C ASP C 206 3.70 -23.59 16.93
N ARG C 207 2.40 -23.73 16.63
CA ARG C 207 1.80 -25.05 16.60
C ARG C 207 2.45 -25.92 15.53
N TRP C 208 2.67 -25.35 14.35
CA TRP C 208 3.30 -26.12 13.28
C TRP C 208 4.71 -26.53 13.66
N LEU C 209 5.46 -25.62 14.27
CA LEU C 209 6.82 -25.91 14.66
C LEU C 209 6.89 -26.90 15.82
N GLU C 210 5.77 -27.22 16.47
CA GLU C 210 5.82 -28.30 17.46
C GLU C 210 5.94 -29.65 16.77
N ASN C 211 5.74 -29.71 15.46
CA ASN C 211 5.87 -30.96 14.72
C ASN C 211 7.34 -31.34 14.61
N LYS C 212 7.73 -32.39 15.33
CA LYS C 212 9.10 -32.87 15.32
C LYS C 212 9.24 -34.22 14.63
N THR C 213 8.13 -34.80 14.17
CA THR C 213 8.15 -36.08 13.49
C THR C 213 7.13 -36.07 12.37
N TRP C 214 7.29 -37.01 11.44
CA TRP C 214 6.30 -37.15 10.38
C TRP C 214 4.92 -37.46 10.94
N ASN C 215 4.86 -38.33 11.96
CA ASN C 215 3.59 -38.63 12.59
C ASN C 215 2.97 -37.38 13.21
N ASP C 216 3.81 -36.49 13.76
CA ASP C 216 3.29 -35.23 14.27
C ASP C 216 2.64 -34.42 13.15
N VAL C 217 3.27 -34.40 11.97
CA VAL C 217 2.70 -33.70 10.83
C VAL C 217 1.36 -34.31 10.46
N LEU C 218 1.32 -35.65 10.40
CA LEU C 218 0.06 -36.32 10.06
C LEU C 218 -1.00 -36.04 11.12
N ALA C 219 -0.63 -36.11 12.39
CA ALA C 219 -1.58 -35.81 13.45
C ALA C 219 -1.99 -34.35 13.41
N TRP C 220 -1.06 -33.46 13.04
CA TRP C 220 -1.37 -32.05 12.92
C TRP C 220 -2.44 -31.82 11.87
N VAL C 221 -2.37 -32.56 10.75
CA VAL C 221 -3.37 -32.42 9.70
C VAL C 221 -4.74 -32.80 10.22
N ASP C 222 -4.83 -33.89 10.97
CA ASP C 222 -6.10 -34.41 11.47
C ASP C 222 -6.47 -33.86 12.84
N GLU C 223 -5.64 -32.99 13.42
CA GLU C 223 -5.92 -32.49 14.77
C GLU C 223 -7.24 -31.73 14.80
N ASN C 224 -7.48 -30.88 13.81
CA ASN C 224 -8.69 -30.07 13.80
C ASN C 224 -9.00 -29.65 12.37
N GLU C 225 -10.18 -29.05 12.19
CA GLU C 225 -10.64 -28.68 10.86
C GLU C 225 -9.72 -27.64 10.23
N SER C 226 -9.28 -26.65 11.00
CA SER C 226 -8.51 -25.55 10.43
C SER C 226 -7.21 -26.06 9.82
N GLN C 227 -6.50 -26.91 10.54
CA GLN C 227 -5.26 -27.48 10.01
C GLN C 227 -5.55 -28.50 8.93
N TYR C 228 -6.63 -29.25 9.08
CA TYR C 228 -7.00 -30.24 8.07
C TYR C 228 -7.28 -29.59 6.72
N ASN C 229 -8.01 -28.48 6.74
CA ASN C 229 -8.40 -27.79 5.51
C ASN C 229 -7.48 -26.63 5.18
N SER C 230 -6.41 -26.43 5.94
CA SER C 230 -5.41 -25.46 5.55
C SER C 230 -4.73 -25.92 4.28
N ASP C 231 -4.14 -24.96 3.55
CA ASP C 231 -3.42 -25.32 2.35
C ASP C 231 -2.36 -26.36 2.64
N CYS C 232 -1.68 -26.23 3.79
CA CYS C 232 -0.69 -27.23 4.18
C CYS C 232 -1.35 -28.59 4.39
N GLY C 233 -2.40 -28.62 5.21
CA GLY C 233 -3.06 -29.88 5.48
C GLY C 233 -3.67 -30.48 4.22
N PHE C 234 -4.32 -29.65 3.41
CA PHE C 234 -4.84 -30.13 2.15
C PHE C 234 -3.72 -30.62 1.24
N PHE C 235 -2.63 -29.86 1.18
CA PHE C 235 -1.51 -30.25 0.33
C PHE C 235 -0.95 -31.60 0.74
N ILE C 236 -0.78 -31.81 2.04
CA ILE C 236 -0.27 -33.10 2.53
C ILE C 236 -1.24 -34.21 2.16
N ARG C 237 -2.53 -33.99 2.42
CA ARG C 237 -3.53 -35.00 2.09
C ARG C 237 -3.60 -35.21 0.59
N TYR C 238 -3.52 -34.12 -0.19
CA TYR C 238 -3.53 -34.25 -1.64
C TYR C 238 -2.31 -35.03 -2.13
N CYS C 239 -1.13 -34.73 -1.59
CA CYS C 239 0.07 -35.43 -1.99
C CYS C 239 -0.05 -36.92 -1.69
N LEU C 240 -0.52 -37.26 -0.49
CA LEU C 240 -0.66 -38.65 -0.11
C LEU C 240 -1.76 -39.34 -0.92
N ASP C 241 -2.75 -38.59 -1.39
CA ASP C 241 -3.83 -39.17 -2.17
C ASP C 241 -3.42 -39.37 -3.63
N VAL C 242 -2.72 -38.41 -4.21
CA VAL C 242 -2.37 -38.48 -5.63
C VAL C 242 -0.99 -39.08 -5.87
N GLY C 243 -0.20 -39.30 -4.82
CA GLY C 243 1.06 -40.00 -4.95
C GLY C 243 2.29 -39.13 -5.10
N LEU C 244 2.22 -37.85 -4.73
CA LEU C 244 3.40 -37.00 -4.80
C LEU C 244 4.45 -37.37 -3.77
N ASP C 245 4.10 -38.21 -2.79
CA ASP C 245 5.04 -38.76 -1.84
C ASP C 245 5.74 -40.00 -2.36
N LYS C 246 5.38 -40.47 -3.56
CA LYS C 246 5.89 -41.72 -4.09
C LYS C 246 7.06 -41.54 -5.03
N TYR C 247 7.32 -40.32 -5.52
CA TYR C 247 8.39 -40.09 -6.47
C TYR C 247 9.00 -38.71 -6.22
N GLY C 248 10.01 -38.39 -7.02
CA GLY C 248 10.79 -37.19 -6.79
C GLY C 248 11.79 -37.31 -5.66
N GLN C 249 12.13 -38.53 -5.26
CA GLN C 249 13.01 -38.73 -4.12
C GLN C 249 14.37 -38.07 -4.36
N GLY C 250 14.95 -38.31 -5.52
CA GLY C 250 16.22 -37.70 -5.85
C GLY C 250 17.40 -38.42 -5.23
N VAL C 251 18.50 -37.68 -5.12
CA VAL C 251 19.77 -38.26 -4.67
C VAL C 251 19.65 -38.76 -3.24
N GLY C 252 18.95 -38.02 -2.39
CA GLY C 252 18.95 -38.29 -0.98
C GLY C 252 20.14 -37.72 -0.24
N ASN C 253 21.06 -37.08 -0.95
CA ASN C 253 22.20 -36.39 -0.37
C ASN C 253 22.01 -34.90 -0.57
N TYR C 254 22.36 -34.13 0.46
CA TYR C 254 21.95 -32.74 0.53
C TYR C 254 23.11 -31.83 0.88
N LEU C 255 23.07 -30.63 0.32
CA LEU C 255 24.04 -29.58 0.58
C LEU C 255 23.29 -28.39 1.14
N ALA C 256 23.71 -27.94 2.32
CA ALA C 256 23.22 -26.70 2.90
C ALA C 256 24.44 -25.87 3.27
N THR C 257 24.61 -24.74 2.59
CA THR C 257 25.63 -23.78 2.98
C THR C 257 25.17 -22.91 4.14
N GLY C 258 23.88 -22.90 4.44
CA GLY C 258 23.37 -22.14 5.56
C GLY C 258 23.45 -20.66 5.32
N THR C 259 22.70 -19.92 6.13
CA THR C 259 22.76 -18.46 6.12
C THR C 259 22.22 -17.98 7.47
N TYR C 260 21.90 -16.69 7.54
CA TYR C 260 21.39 -16.08 8.77
C TYR C 260 22.41 -16.14 9.90
N PHE C 261 23.46 -15.35 9.72
CA PHE C 261 24.51 -15.29 10.72
C PHE C 261 24.02 -14.70 12.03
N GLU C 262 24.48 -15.27 13.12
CA GLU C 262 24.29 -14.65 14.43
C GLU C 262 25.12 -13.38 14.46
N PRO C 263 24.52 -12.21 14.74
CA PRO C 263 25.28 -10.96 14.57
C PRO C 263 26.59 -10.93 15.36
N SER C 264 26.61 -11.49 16.57
CA SER C 264 27.80 -11.40 17.41
C SER C 264 28.92 -12.31 16.92
N LEU C 265 28.62 -13.30 16.09
CA LEU C 265 29.59 -14.30 15.68
C LEU C 265 30.14 -14.09 14.28
N TYR C 266 29.63 -13.11 13.54
CA TYR C 266 30.10 -12.83 12.20
C TYR C 266 30.28 -11.34 12.00
N GLU C 267 30.77 -10.65 13.03
CA GLU C 267 31.09 -9.24 12.92
C GLU C 267 32.29 -8.99 12.03
N ASN C 268 33.14 -10.00 11.85
CA ASN C 268 34.31 -9.91 10.98
C ASN C 268 34.24 -11.13 10.06
N PRO C 269 33.45 -11.06 9.01
CA PRO C 269 33.23 -12.23 8.16
C PRO C 269 34.53 -12.85 7.68
N THR C 270 34.63 -14.16 7.85
CA THR C 270 35.72 -14.95 7.30
C THR C 270 35.13 -16.23 6.74
N ILE C 271 35.86 -16.83 5.82
CA ILE C 271 35.44 -18.12 5.28
C ILE C 271 35.45 -19.18 6.37
N GLU C 272 36.49 -19.17 7.21
CA GLU C 272 36.64 -20.22 8.21
C GLU C 272 35.57 -20.12 9.30
N GLY C 273 35.25 -18.90 9.74
CA GLY C 273 34.29 -18.70 10.80
C GLY C 273 32.85 -18.68 10.37
N ARG C 274 32.59 -18.95 9.10
CA ARG C 274 31.24 -18.83 8.57
C ARG C 274 30.30 -19.85 9.22
N ASN C 275 30.70 -21.13 9.22
CA ASN C 275 29.78 -22.18 9.63
C ASN C 275 29.31 -21.99 11.07
N ALA C 276 30.22 -21.64 11.97
CA ALA C 276 29.86 -21.53 13.38
C ALA C 276 28.87 -20.41 13.61
N ALA C 277 28.99 -19.31 12.86
CA ALA C 277 28.13 -18.15 13.04
C ALA C 277 26.75 -18.32 12.41
N LEU C 278 26.55 -19.34 11.61
CA LEU C 278 25.28 -19.52 10.94
C LEU C 278 24.18 -19.89 11.93
N ILE C 279 23.00 -19.30 11.74
CA ILE C 279 21.80 -19.73 12.43
C ILE C 279 21.12 -20.84 11.67
N GLY C 280 20.87 -20.61 10.38
CA GLY C 280 20.40 -21.65 9.52
C GLY C 280 21.62 -22.45 9.11
N ARG C 281 21.83 -23.57 9.81
CA ARG C 281 23.12 -24.23 9.76
C ARG C 281 23.44 -24.73 8.38
N SER C 282 24.72 -24.62 8.03
CA SER C 282 25.25 -25.35 6.90
C SER C 282 25.34 -26.83 7.25
N GLY C 283 25.50 -27.64 6.23
CA GLY C 283 25.66 -29.07 6.46
C GLY C 283 25.45 -29.88 5.21
N VAL C 284 26.28 -30.89 5.04
CA VAL C 284 26.15 -31.83 3.93
C VAL C 284 25.69 -33.15 4.52
N PHE C 285 24.53 -33.61 4.05
CA PHE C 285 23.95 -34.87 4.47
C PHE C 285 24.07 -35.84 3.31
N ALA C 286 24.95 -36.82 3.45
CA ALA C 286 25.23 -37.76 2.38
C ALA C 286 25.43 -39.14 2.97
N ASP C 287 24.83 -40.15 2.34
CA ASP C 287 24.96 -41.53 2.78
C ASP C 287 24.48 -41.70 4.21
N GLY C 288 23.49 -40.88 4.60
CA GLY C 288 22.91 -40.97 5.93
C GLY C 288 23.74 -40.34 7.02
N ARG C 289 24.84 -39.69 6.66
CA ARG C 289 25.76 -39.08 7.60
C ARG C 289 25.76 -37.57 7.42
N TYR C 290 26.06 -36.87 8.50
CA TYR C 290 26.15 -35.43 8.51
C TYR C 290 27.61 -35.01 8.35
N PHE C 291 27.86 -34.08 7.45
CA PHE C 291 29.19 -33.53 7.23
C PHE C 291 29.12 -32.02 7.34
N GLU C 292 30.22 -31.44 7.81
CA GLU C 292 30.35 -29.99 7.86
C GLU C 292 30.65 -29.46 6.46
N PHE C 293 29.91 -28.45 6.04
CA PHE C 293 30.13 -27.88 4.72
C PHE C 293 31.48 -27.20 4.66
N ASP C 294 32.20 -27.43 3.56
CA ASP C 294 33.46 -26.75 3.30
C ASP C 294 33.47 -26.33 1.83
N GLN C 295 33.51 -25.02 1.60
CA GLN C 295 33.45 -24.51 0.23
C GLN C 295 34.60 -25.06 -0.60
N ALA C 296 35.71 -25.43 0.03
CA ALA C 296 36.85 -25.97 -0.69
C ALA C 296 36.50 -27.29 -1.39
N ASN C 297 35.48 -27.99 -0.91
CA ASN C 297 35.05 -29.25 -1.50
C ASN C 297 34.12 -29.06 -2.67
N VAL C 298 33.75 -27.82 -2.98
CA VAL C 298 32.85 -27.55 -4.10
C VAL C 298 33.66 -27.55 -5.39
N THR C 299 33.19 -28.30 -6.36
CA THR C 299 33.74 -28.27 -7.71
C THR C 299 32.60 -28.19 -8.70
N GLU C 300 32.87 -27.53 -9.82
CA GLU C 300 31.91 -27.42 -10.90
C GLU C 300 32.47 -28.14 -12.11
N ASP C 301 31.72 -29.11 -12.60
CA ASP C 301 32.08 -29.86 -13.79
C ASP C 301 31.24 -29.37 -14.97
N VAL C 302 31.86 -29.30 -16.13
CA VAL C 302 31.19 -28.80 -17.33
C VAL C 302 31.29 -29.84 -18.44
N THR C 303 31.44 -31.11 -18.05
CA THR C 303 31.59 -32.16 -19.05
C THR C 303 30.37 -32.23 -19.95
N HIS C 304 29.18 -32.16 -19.35
CA HIS C 304 27.93 -32.13 -20.11
C HIS C 304 27.33 -30.74 -20.16
N SER C 305 28.09 -29.73 -19.77
CA SER C 305 27.67 -28.34 -19.82
C SER C 305 28.29 -27.65 -21.02
N PHE C 306 27.62 -26.60 -21.49
CA PHE C 306 28.06 -25.85 -22.66
C PHE C 306 29.19 -24.88 -22.27
N TYR C 307 30.23 -25.46 -21.67
CA TYR C 307 31.41 -24.70 -21.29
C TYR C 307 32.66 -25.53 -21.59
N GLU C 308 33.75 -24.83 -21.81
CA GLU C 308 35.04 -25.49 -21.98
C GLU C 308 35.57 -25.92 -20.63
N GLY C 309 36.28 -27.03 -20.63
CA GLY C 309 36.87 -27.57 -19.43
C GLY C 309 36.92 -29.09 -19.50
N ASN C 310 37.95 -29.65 -18.89
CA ASN C 310 38.14 -31.09 -18.86
C ASN C 310 38.10 -31.69 -17.47
N ARG C 311 38.23 -30.89 -16.42
CA ARG C 311 38.23 -31.39 -15.05
C ARG C 311 37.40 -30.45 -14.18
N PRO C 312 36.86 -30.96 -13.08
CA PRO C 312 36.11 -30.09 -12.16
C PRO C 312 37.00 -28.97 -11.64
N LEU C 313 36.43 -27.78 -11.52
CA LEU C 313 37.14 -26.60 -11.05
C LEU C 313 36.51 -26.11 -9.77
N HIS C 314 37.33 -25.85 -8.77
CA HIS C 314 36.86 -25.08 -7.65
C HIS C 314 36.54 -23.66 -8.12
N PRO C 315 35.43 -23.08 -7.67
CA PRO C 315 34.99 -21.81 -8.27
C PRO C 315 35.99 -20.66 -8.10
N PHE C 316 36.93 -20.76 -7.16
CA PHE C 316 37.95 -19.71 -7.06
C PHE C 316 38.77 -19.66 -8.34
N GLU C 317 39.09 -20.82 -8.90
CA GLU C 317 39.76 -20.93 -10.18
C GLU C 317 38.79 -21.34 -11.29
N GLY C 318 37.50 -21.22 -11.03
CA GLY C 318 36.51 -21.62 -12.01
C GLY C 318 36.53 -20.74 -13.24
N GLU C 319 36.03 -21.31 -14.33
CA GLU C 319 35.96 -20.62 -15.61
C GLU C 319 34.57 -20.78 -16.19
N THR C 320 34.12 -19.75 -16.88
CA THR C 320 32.86 -19.77 -17.60
C THR C 320 33.18 -19.42 -19.04
N ILE C 321 33.55 -20.44 -19.81
CA ILE C 321 33.95 -20.28 -21.20
C ILE C 321 32.91 -20.98 -22.06
N PRO C 322 31.94 -20.26 -22.61
CA PRO C 322 30.86 -20.93 -23.35
C PRO C 322 31.38 -21.66 -24.57
N VAL C 323 30.70 -22.76 -24.88
CA VAL C 323 30.83 -23.44 -26.15
C VAL C 323 29.48 -23.39 -26.85
N ASN C 324 29.51 -23.27 -28.16
CA ASN C 324 28.27 -23.20 -28.91
C ASN C 324 27.45 -24.45 -28.63
N PRO C 325 26.16 -24.33 -28.32
CA PRO C 325 25.36 -25.54 -28.06
C PRO C 325 25.41 -26.54 -29.19
N GLU C 326 25.49 -26.07 -30.45
CA GLU C 326 25.56 -27.01 -31.58
C GLU C 326 26.78 -27.90 -31.45
N ASP C 327 27.94 -27.31 -31.14
CA ASP C 327 29.15 -28.11 -30.96
C ASP C 327 29.11 -28.89 -29.66
N GLY C 328 28.56 -28.28 -28.61
CA GLY C 328 28.52 -28.96 -27.32
C GLY C 328 27.69 -30.22 -27.36
N ARG C 329 26.56 -30.18 -28.07
CA ARG C 329 25.69 -31.36 -28.15
C ARG C 329 26.37 -32.49 -28.90
N ARG C 330 27.26 -32.16 -29.85
CA ARG C 330 28.06 -33.20 -30.49
C ARG C 330 29.04 -33.83 -29.52
N GLN C 331 29.36 -33.15 -28.42
CA GLN C 331 30.25 -33.67 -27.38
C GLN C 331 29.48 -34.21 -26.18
N GLY C 332 28.17 -34.38 -26.32
CA GLY C 332 27.35 -34.88 -25.23
C GLY C 332 26.87 -33.83 -24.26
N LYS C 333 27.23 -32.57 -24.46
CA LYS C 333 26.77 -31.50 -23.58
C LYS C 333 25.34 -31.12 -23.93
N TYR C 334 24.54 -30.88 -22.89
CA TYR C 334 23.12 -30.65 -23.10
C TYR C 334 22.54 -29.57 -22.20
N SER C 335 23.35 -28.83 -21.46
CA SER C 335 22.82 -27.83 -20.56
C SER C 335 23.81 -26.69 -20.37
N TRP C 336 23.28 -25.49 -20.19
CA TRP C 336 24.07 -24.35 -19.77
C TRP C 336 24.34 -24.37 -18.28
N ALA C 337 23.72 -25.28 -17.56
CA ALA C 337 23.99 -25.45 -16.14
C ALA C 337 25.32 -26.17 -15.98
N LYS C 338 26.19 -25.59 -15.17
CA LYS C 338 27.36 -26.34 -14.73
C LYS C 338 26.90 -27.50 -13.85
N SER C 339 27.83 -28.37 -13.53
CA SER C 339 27.53 -29.52 -12.69
C SER C 339 28.29 -29.38 -11.38
N PRO C 340 27.75 -28.64 -10.42
CA PRO C 340 28.42 -28.52 -9.12
C PRO C 340 28.42 -29.85 -8.42
N ARG C 341 29.58 -30.24 -7.89
CA ARG C 341 29.72 -31.46 -7.12
C ARG C 341 30.50 -31.16 -5.86
N TYR C 342 30.20 -31.92 -4.82
CA TYR C 342 30.80 -31.75 -3.51
C TYR C 342 31.62 -32.97 -3.17
N ALA C 343 32.84 -32.75 -2.70
CA ALA C 343 33.74 -33.84 -2.35
C ALA C 343 33.37 -34.32 -0.95
N VAL C 344 32.54 -35.36 -0.88
CA VAL C 344 32.20 -36.01 0.37
C VAL C 344 33.18 -37.17 0.57
N PRO C 345 33.89 -37.24 1.70
CA PRO C 345 34.84 -38.34 1.89
C PRO C 345 34.17 -39.69 1.74
N GLY C 346 34.86 -40.60 1.08
CA GLY C 346 34.34 -41.92 0.79
C GLY C 346 33.42 -41.99 -0.41
N LEU C 347 32.80 -40.88 -0.79
CA LEU C 347 31.90 -40.84 -1.93
C LEU C 347 32.45 -40.06 -3.11
N GLY C 348 33.55 -39.33 -2.92
CA GLY C 348 34.09 -38.51 -3.99
C GLY C 348 33.21 -37.29 -4.25
N ASN C 349 33.32 -36.78 -5.47
CA ASN C 349 32.54 -35.63 -5.90
C ASN C 349 31.16 -36.11 -6.29
N VAL C 350 30.17 -35.80 -5.46
CA VAL C 350 28.83 -36.33 -5.64
C VAL C 350 27.85 -35.17 -5.82
N PRO C 351 26.79 -35.35 -6.58
CA PRO C 351 25.73 -34.33 -6.59
C PRO C 351 25.07 -34.25 -5.23
N LEU C 352 24.72 -33.04 -4.83
CA LEU C 352 24.02 -32.80 -3.58
C LEU C 352 22.78 -31.97 -3.87
N GLU C 353 21.64 -32.43 -3.39
CA GLU C 353 20.41 -31.67 -3.54
C GLU C 353 20.45 -30.48 -2.61
N THR C 354 20.28 -29.29 -3.17
CA THR C 354 20.20 -28.07 -2.41
C THR C 354 18.74 -27.66 -2.28
N GLY C 355 18.45 -26.89 -1.24
CA GLY C 355 17.13 -26.37 -1.06
C GLY C 355 16.66 -26.48 0.37
N PRO C 356 15.41 -26.11 0.60
CA PRO C 356 14.86 -26.20 1.97
C PRO C 356 15.06 -27.56 2.59
N LEU C 357 14.81 -28.63 1.83
CA LEU C 357 15.00 -29.97 2.37
C LEU C 357 16.44 -30.16 2.84
N ALA C 358 17.40 -29.71 2.05
CA ALA C 358 18.80 -29.77 2.47
C ALA C 358 19.01 -29.01 3.77
N ARG C 359 18.40 -27.84 3.89
CA ARG C 359 18.53 -27.08 5.13
C ARG C 359 17.90 -27.82 6.29
N ARG C 360 16.72 -28.42 6.07
CA ARG C 360 16.03 -29.11 7.15
C ARG C 360 16.86 -30.28 7.66
N MET C 361 17.50 -31.03 6.76
CA MET C 361 18.41 -32.09 7.19
C MET C 361 19.61 -31.52 7.91
N ALA C 362 20.16 -30.41 7.42
CA ALA C 362 21.27 -29.76 8.11
C ALA C 362 20.84 -29.31 9.50
N ALA C 363 19.62 -28.77 9.63
CA ALA C 363 19.12 -28.35 10.91
C ALA C 363 18.92 -29.51 11.86
N SER C 364 18.80 -30.73 11.34
CA SER C 364 18.67 -31.91 12.17
C SER C 364 20.01 -32.49 12.59
N ALA C 365 21.11 -31.91 12.12
CA ALA C 365 22.42 -32.39 12.49
C ALA C 365 22.65 -32.16 13.99
N PRO C 366 23.44 -33.01 14.62
CA PRO C 366 23.71 -32.82 16.06
C PRO C 366 24.66 -31.68 16.32
N ASP C 367 24.96 -31.44 17.59
CA ASP C 367 25.92 -30.41 18.00
C ASP C 367 25.51 -29.02 17.53
N ALA C 368 24.21 -28.74 17.60
CA ALA C 368 23.72 -27.40 17.29
C ALA C 368 23.98 -26.46 18.45
N GLU C 369 24.55 -25.29 18.15
CA GLU C 369 24.71 -24.27 19.16
C GLU C 369 23.38 -23.56 19.42
N THR C 370 23.37 -22.74 20.47
CA THR C 370 22.11 -22.15 20.93
C THR C 370 21.48 -21.29 19.84
N HIS C 371 22.28 -20.55 19.10
CA HIS C 371 21.78 -19.67 18.05
C HIS C 371 21.41 -20.43 16.79
N GLN C 372 21.69 -21.72 16.72
CA GLN C 372 21.58 -22.48 15.48
C GLN C 372 20.25 -23.22 15.41
N ASP C 373 19.74 -23.35 14.19
CA ASP C 373 18.53 -24.09 13.94
C ASP C 373 18.74 -25.56 14.28
N ASP C 374 17.97 -26.06 15.24
CA ASP C 374 18.02 -27.45 15.68
C ASP C 374 16.62 -28.01 15.53
N ASP C 375 16.36 -28.68 14.42
CA ASP C 375 15.03 -29.19 14.09
C ASP C 375 15.16 -30.62 13.59
N PRO C 376 14.72 -31.61 14.36
CA PRO C 376 14.80 -33.01 13.91
C PRO C 376 13.65 -33.47 13.03
N LEU C 377 12.76 -32.56 12.63
CA LEU C 377 11.54 -32.98 11.94
C LEU C 377 11.85 -33.75 10.67
N PHE C 378 12.69 -33.19 9.81
CA PHE C 378 12.93 -33.79 8.50
C PHE C 378 13.99 -34.87 8.51
N ALA C 379 14.76 -35.01 9.59
CA ALA C 379 15.49 -36.25 9.79
C ALA C 379 14.52 -37.40 10.00
N ASP C 380 13.46 -37.15 10.76
CA ASP C 380 12.45 -38.19 10.97
C ASP C 380 11.65 -38.44 9.70
N ILE C 381 11.24 -37.38 9.01
CA ILE C 381 10.53 -37.56 7.74
C ILE C 381 11.40 -38.29 6.75
N TYR C 382 12.68 -37.91 6.67
CA TYR C 382 13.59 -38.57 5.75
C TYR C 382 13.73 -40.06 6.07
N ASN C 383 13.85 -40.39 7.36
CA ASN C 383 13.95 -41.80 7.72
C ASN C 383 12.60 -42.51 7.59
N ALA C 384 11.52 -41.81 7.90
CA ALA C 384 10.20 -42.43 7.88
C ALA C 384 9.72 -42.69 6.46
N ILE C 385 9.62 -41.65 5.65
CA ILE C 385 9.07 -41.77 4.29
C ILE C 385 10.06 -41.39 3.21
N GLY C 386 11.21 -40.81 3.56
CA GLY C 386 12.20 -40.46 2.58
C GLY C 386 11.84 -39.19 1.83
N PRO C 387 12.75 -38.75 0.96
CA PRO C 387 12.45 -37.57 0.15
C PRO C 387 11.42 -37.87 -0.91
N SER C 388 10.78 -36.81 -1.38
CA SER C 388 9.76 -36.89 -2.41
C SER C 388 9.41 -35.47 -2.80
N VAL C 389 8.53 -35.35 -3.80
CA VAL C 389 7.99 -34.03 -4.14
C VAL C 389 7.31 -33.42 -2.93
N MET C 390 6.53 -34.22 -2.22
CA MET C 390 5.80 -33.72 -1.06
C MET C 390 6.74 -33.32 0.05
N VAL C 391 7.66 -34.22 0.42
CA VAL C 391 8.59 -33.93 1.51
C VAL C 391 9.46 -32.74 1.16
N ARG C 392 9.95 -32.69 -0.08
CA ARG C 392 10.72 -31.54 -0.51
C ARG C 392 9.90 -30.26 -0.38
N GLN C 393 8.63 -30.31 -0.80
CA GLN C 393 7.77 -29.15 -0.67
C GLN C 393 7.56 -28.79 0.79
N LEU C 394 7.29 -29.80 1.63
CA LEU C 394 7.01 -29.53 3.04
C LEU C 394 8.20 -28.88 3.71
N ALA C 395 9.42 -29.29 3.33
CA ALA C 395 10.61 -28.63 3.85
C ALA C 395 10.60 -27.16 3.50
N ARG C 396 10.21 -26.83 2.26
CA ARG C 396 10.12 -25.44 1.85
C ARG C 396 9.10 -24.69 2.69
N MET C 397 7.91 -25.25 2.84
CA MET C 397 6.85 -24.57 3.56
C MET C 397 7.06 -24.63 5.07
N HIS C 398 7.88 -25.56 5.54
CA HIS C 398 8.22 -25.61 6.95
C HIS C 398 9.06 -24.40 7.36
N GLU C 399 9.81 -23.84 6.43
CA GLU C 399 10.68 -22.71 6.72
C GLU C 399 9.92 -21.40 6.84
N GLY C 400 8.70 -21.34 6.32
CA GLY C 400 7.88 -20.16 6.45
C GLY C 400 7.69 -19.78 7.89
N PRO C 401 7.06 -20.68 8.66
CA PRO C 401 6.92 -20.42 10.10
C PRO C 401 8.25 -20.26 10.80
N LYS C 402 9.25 -21.04 10.40
CA LYS C 402 10.55 -20.97 11.05
C LYS C 402 11.25 -19.65 10.77
N TYR C 403 11.30 -19.26 9.49
CA TYR C 403 11.96 -18.01 9.13
C TYR C 403 11.19 -16.80 9.64
N TYR C 404 9.86 -16.88 9.60
CA TYR C 404 9.06 -15.78 10.12
C TYR C 404 9.45 -15.47 11.56
N LYS C 405 9.54 -16.50 12.40
CA LYS C 405 9.91 -16.28 13.80
C LYS C 405 11.30 -15.67 13.90
N TRP C 406 12.24 -16.15 13.08
CA TRP C 406 13.58 -15.59 13.08
C TRP C 406 13.55 -14.12 12.70
N VAL C 407 12.85 -13.80 11.62
CA VAL C 407 12.77 -12.41 11.18
C VAL C 407 12.10 -11.56 12.23
N ARG C 408 11.01 -12.06 12.81
CA ARG C 408 10.30 -11.32 13.83
C ARG C 408 11.23 -11.03 15.00
N GLN C 409 12.09 -11.98 15.35
CA GLN C 409 13.03 -11.76 16.44
C GLN C 409 14.17 -10.84 16.03
N TRP C 410 14.68 -10.99 14.80
CA TRP C 410 15.74 -10.12 14.34
C TRP C 410 15.29 -8.67 14.32
N LEU C 411 14.05 -8.41 13.90
CA LEU C 411 13.53 -7.06 13.94
C LEU C 411 13.55 -6.52 15.36
N ASP C 412 13.19 -7.36 16.34
CA ASP C 412 13.31 -6.96 17.73
C ASP C 412 14.76 -6.75 18.13
N ASP C 413 15.66 -7.57 17.60
CA ASP C 413 17.06 -7.50 17.97
C ASP C 413 17.73 -6.24 17.46
N LEU C 414 17.15 -5.57 16.47
CA LEU C 414 17.77 -4.39 15.91
C LEU C 414 17.94 -3.32 16.98
N GLU C 415 19.14 -2.76 17.06
CA GLU C 415 19.46 -1.68 17.97
C GLU C 415 19.62 -0.43 17.11
N LEU C 416 18.53 0.32 16.97
CA LEU C 416 18.47 1.35 15.94
C LEU C 416 19.44 2.49 16.19
N LYS C 417 19.96 2.63 17.40
CA LYS C 417 20.98 3.63 17.66
C LYS C 417 22.37 3.16 17.24
N GLU C 418 22.54 1.88 16.95
CA GLU C 418 23.85 1.33 16.66
C GLU C 418 24.13 1.34 15.16
N SER C 419 25.38 1.04 14.83
CA SER C 419 25.85 1.16 13.45
C SER C 419 25.20 0.11 12.56
N PHE C 420 24.93 0.50 11.32
CA PHE C 420 24.50 -0.41 10.27
C PHE C 420 25.57 -0.62 9.22
N TYR C 421 26.72 0.03 9.37
CA TYR C 421 27.73 0.02 8.33
C TYR C 421 29.06 0.42 8.93
N THR C 422 30.09 -0.35 8.63
CA THR C 422 31.46 -0.01 8.96
C THR C 422 32.20 0.20 7.65
N LYS C 423 32.71 1.41 7.44
CA LYS C 423 33.44 1.73 6.22
C LYS C 423 34.56 0.72 6.04
N PRO C 424 34.47 -0.16 5.04
CA PRO C 424 35.56 -1.11 4.80
C PRO C 424 36.70 -0.48 4.04
N VAL C 425 37.84 -1.17 4.08
CA VAL C 425 38.97 -0.85 3.22
C VAL C 425 38.79 -1.63 1.92
N GLU C 426 38.61 -0.90 0.82
CA GLU C 426 38.42 -1.52 -0.49
C GLU C 426 39.78 -2.02 -1.00
N TYR C 427 40.23 -3.11 -0.41
CA TYR C 427 41.51 -3.67 -0.77
C TYR C 427 41.55 -4.02 -2.25
N ALA C 428 42.66 -3.67 -2.90
CA ALA C 428 42.86 -4.03 -4.29
C ALA C 428 42.99 -5.53 -4.47
N GLU C 429 43.27 -6.25 -3.39
CA GLU C 429 43.48 -7.69 -3.42
C GLU C 429 42.53 -8.35 -2.45
N GLY C 430 42.08 -9.56 -2.79
CA GLY C 430 41.27 -10.32 -1.88
C GLY C 430 40.48 -11.43 -2.54
N LYS C 431 40.41 -12.56 -1.86
CA LYS C 431 39.57 -13.68 -2.26
C LYS C 431 38.44 -13.80 -1.25
N GLY C 432 37.22 -13.78 -1.74
CA GLY C 432 36.05 -13.79 -0.88
C GLY C 432 35.16 -14.95 -1.22
N PHE C 433 34.54 -15.53 -0.19
CA PHE C 433 33.54 -16.57 -0.36
C PHE C 433 32.30 -16.12 0.40
N GLY C 434 31.27 -15.75 -0.34
CA GLY C 434 29.97 -15.43 0.22
C GLY C 434 28.99 -16.52 -0.16
N SER C 435 28.30 -17.03 0.84
CA SER C 435 27.29 -18.05 0.61
C SER C 435 26.08 -17.76 1.48
N THR C 436 24.94 -18.19 0.99
CA THR C 436 23.71 -18.05 1.73
C THR C 436 22.79 -19.19 1.33
N GLU C 437 21.59 -19.15 1.87
CA GLU C 437 20.55 -20.11 1.55
C GLU C 437 19.44 -19.28 0.93
N ALA C 438 19.52 -19.11 -0.38
CA ALA C 438 18.38 -18.56 -1.08
C ALA C 438 17.21 -19.51 -0.90
N ALA C 439 16.03 -19.08 -1.37
CA ALA C 439 14.85 -19.91 -1.18
C ALA C 439 15.03 -21.31 -1.74
N ARG C 440 15.93 -21.43 -2.69
CA ARG C 440 16.10 -22.66 -3.39
C ARG C 440 17.28 -23.47 -2.93
N GLY C 441 18.05 -22.95 -2.02
CA GLY C 441 19.14 -23.70 -1.42
C GLY C 441 20.45 -22.96 -1.38
N ALA C 442 21.54 -23.72 -1.46
CA ALA C 442 22.87 -23.16 -1.28
C ALA C 442 23.24 -22.26 -2.44
N LEU C 443 23.41 -20.98 -2.14
CA LEU C 443 23.85 -19.99 -3.11
C LEU C 443 25.20 -19.47 -2.66
N SER C 444 26.20 -19.56 -3.54
CA SER C 444 27.57 -19.30 -3.17
C SER C 444 28.27 -18.44 -4.21
N ASP C 445 29.08 -17.50 -3.74
CA ASP C 445 29.91 -16.66 -4.58
C ASP C 445 31.36 -16.88 -4.20
N TRP C 446 32.20 -17.15 -5.19
CA TRP C 446 33.64 -17.16 -5.03
C TRP C 446 34.17 -16.00 -5.87
N ILE C 447 34.75 -15.01 -5.21
CA ILE C 447 35.23 -13.81 -5.89
C ILE C 447 36.72 -13.69 -5.63
N VAL C 448 37.44 -13.32 -6.68
CA VAL C 448 38.86 -13.02 -6.60
C VAL C 448 39.05 -11.60 -7.07
N ILE C 449 39.51 -10.73 -6.16
CA ILE C 449 39.77 -9.34 -6.46
C ILE C 449 41.27 -9.17 -6.62
N GLU C 450 41.68 -8.61 -7.75
CA GLU C 450 43.08 -8.30 -8.01
C GLU C 450 43.17 -6.99 -8.78
N ASP C 451 44.11 -6.15 -8.38
CA ASP C 451 44.29 -4.84 -8.99
C ASP C 451 43.01 -4.02 -8.93
N SER C 452 42.32 -4.09 -7.80
CA SER C 452 41.08 -3.35 -7.58
C SER C 452 40.05 -3.67 -8.65
N LYS C 453 40.10 -4.90 -9.16
CA LYS C 453 39.22 -5.36 -10.21
C LYS C 453 38.76 -6.77 -9.87
N ILE C 454 37.65 -7.17 -10.45
CA ILE C 454 37.17 -8.55 -10.32
C ILE C 454 38.03 -9.40 -11.24
N LYS C 455 38.95 -10.15 -10.66
CA LYS C 455 39.75 -11.08 -11.44
C LYS C 455 38.96 -12.32 -11.81
N ASN C 456 38.22 -12.87 -10.84
CA ASN C 456 37.37 -14.01 -11.06
C ASN C 456 36.13 -13.88 -10.21
N TYR C 457 35.01 -14.32 -10.77
CA TYR C 457 33.73 -14.25 -10.10
C TYR C 457 32.93 -15.47 -10.53
N GLN C 458 32.79 -16.42 -9.62
CA GLN C 458 32.08 -17.65 -9.89
C GLN C 458 30.88 -17.75 -8.96
N VAL C 459 29.72 -17.95 -9.54
CA VAL C 459 28.47 -18.08 -8.80
C VAL C 459 27.99 -19.52 -8.98
N VAL C 460 27.74 -20.19 -7.87
CA VAL C 460 27.11 -21.50 -7.87
C VAL C 460 25.76 -21.35 -7.20
N THR C 461 24.71 -21.53 -7.96
CA THR C 461 23.37 -21.34 -7.47
C THR C 461 22.76 -22.66 -7.03
N PRO C 462 21.77 -22.63 -6.13
CA PRO C 462 21.18 -23.88 -5.65
C PRO C 462 20.63 -24.76 -6.75
N THR C 463 20.01 -24.16 -7.77
CA THR C 463 19.44 -24.96 -8.84
C THR C 463 20.50 -25.50 -9.78
N ALA C 464 21.66 -24.85 -9.85
CA ALA C 464 22.80 -25.46 -10.54
C ALA C 464 23.20 -26.75 -9.83
N TRP C 465 23.21 -26.75 -8.50
CA TRP C 465 23.44 -27.98 -7.76
C TRP C 465 22.39 -29.01 -8.10
N ASN C 466 21.12 -28.61 -8.11
CA ASN C 466 20.02 -29.53 -8.28
C ASN C 466 19.82 -29.91 -9.74
N ILE C 467 19.83 -28.93 -10.63
CA ILE C 467 19.48 -29.14 -12.03
C ILE C 467 20.71 -29.30 -12.90
N GLY C 468 21.90 -29.14 -12.35
CA GLY C 468 23.11 -29.33 -13.10
C GLY C 468 23.14 -30.70 -13.74
N PRO C 469 23.71 -30.77 -14.94
CA PRO C 469 23.67 -32.03 -15.69
C PRO C 469 24.61 -33.07 -15.13
N ARG C 470 24.72 -34.19 -15.82
CA ARG C 470 25.62 -35.24 -15.39
C ARG C 470 27.06 -34.72 -15.33
N ASP C 471 27.80 -35.21 -14.35
CA ASP C 471 29.20 -34.85 -14.21
C ASP C 471 30.03 -35.76 -15.11
N ALA C 472 31.35 -35.65 -15.00
CA ALA C 472 32.23 -36.44 -15.85
C ALA C 472 32.01 -37.93 -15.65
N SER C 473 31.54 -38.33 -14.48
CA SER C 473 31.26 -39.74 -14.18
C SER C 473 29.86 -40.15 -14.59
N GLU C 474 29.16 -39.30 -15.34
CA GLU C 474 27.80 -39.58 -15.82
C GLU C 474 26.81 -39.72 -14.68
N VAL C 475 27.15 -39.22 -13.51
CA VAL C 475 26.25 -39.25 -12.36
C VAL C 475 25.22 -38.15 -12.54
N LEU C 476 23.95 -38.53 -12.53
CA LEU C 476 22.88 -37.58 -12.78
C LEU C 476 22.81 -36.54 -11.67
N GLY C 477 22.42 -35.34 -12.03
CA GLY C 477 22.19 -34.29 -11.07
C GLY C 477 20.96 -34.59 -10.25
N PRO C 478 20.84 -33.94 -9.10
CA PRO C 478 19.75 -34.29 -8.17
C PRO C 478 18.36 -34.27 -8.80
N ILE C 479 18.06 -33.27 -9.63
CA ILE C 479 16.74 -33.22 -10.26
C ILE C 479 16.63 -34.34 -11.29
N GLU C 480 17.71 -34.61 -12.03
CA GLU C 480 17.68 -35.69 -13.00
C GLU C 480 17.38 -37.03 -12.34
N GLN C 481 18.03 -37.31 -11.21
CA GLN C 481 17.72 -38.54 -10.49
C GLN C 481 16.32 -38.49 -9.88
N ALA C 482 15.90 -37.32 -9.39
CA ALA C 482 14.55 -37.19 -8.87
C ALA C 482 13.52 -37.44 -9.98
N LEU C 483 13.82 -36.97 -11.18
CA LEU C 483 12.95 -37.24 -12.31
C LEU C 483 12.90 -38.74 -12.61
N VAL C 484 14.04 -39.41 -12.50
CA VAL C 484 14.08 -40.85 -12.71
C VAL C 484 13.22 -41.52 -11.66
N GLY C 485 12.36 -42.44 -12.10
CA GLY C 485 11.36 -43.03 -11.24
C GLY C 485 10.04 -42.30 -11.19
N SER C 486 9.95 -41.14 -11.82
CA SER C 486 8.69 -40.40 -11.83
C SER C 486 7.73 -41.04 -12.82
N PRO C 487 6.51 -41.35 -12.41
CA PRO C 487 5.53 -41.88 -13.38
C PRO C 487 5.11 -40.80 -14.36
N ILE C 488 4.75 -41.24 -15.56
CA ILE C 488 4.27 -40.35 -16.61
C ILE C 488 2.93 -40.91 -17.08
N VAL C 489 1.84 -40.42 -16.50
CA VAL C 489 0.51 -40.87 -16.89
C VAL C 489 0.18 -40.40 -18.29
N ASP C 490 0.50 -39.15 -18.61
CA ASP C 490 0.18 -38.54 -19.89
C ASP C 490 1.47 -37.98 -20.48
N ALA C 491 1.95 -38.59 -21.57
CA ALA C 491 3.16 -38.11 -22.22
C ALA C 491 2.94 -36.73 -22.84
N GLU C 492 1.73 -36.46 -23.32
CA GLU C 492 1.45 -35.15 -23.91
C GLU C 492 1.50 -34.04 -22.86
N ASP C 493 1.14 -34.34 -21.62
CA ASP C 493 1.19 -33.38 -20.51
C ASP C 493 1.93 -34.02 -19.34
N PRO C 494 3.25 -34.16 -19.44
CA PRO C 494 4.01 -34.83 -18.38
C PRO C 494 4.14 -33.97 -17.13
N VAL C 495 3.03 -33.82 -16.40
CA VAL C 495 3.02 -32.94 -15.23
C VAL C 495 3.97 -33.44 -14.17
N GLU C 496 4.15 -34.75 -14.06
CA GLU C 496 5.01 -35.30 -13.02
C GLU C 496 6.43 -34.76 -13.15
N LEU C 497 6.90 -34.56 -14.38
CA LEU C 497 8.19 -33.94 -14.57
C LEU C 497 8.20 -32.53 -14.01
N GLY C 498 7.12 -31.78 -14.25
CA GLY C 498 7.01 -30.46 -13.65
C GLY C 498 7.00 -30.50 -12.14
N HIS C 499 6.25 -31.45 -11.57
CA HIS C 499 6.21 -31.58 -10.12
C HIS C 499 7.61 -31.74 -9.56
N VAL C 500 8.39 -32.66 -10.14
CA VAL C 500 9.71 -32.95 -9.61
C VAL C 500 10.62 -31.74 -9.78
N ALA C 501 10.68 -31.19 -10.99
CA ALA C 501 11.52 -30.03 -11.22
C ALA C 501 11.07 -28.85 -10.39
N ARG C 502 9.76 -28.64 -10.29
CA ARG C 502 9.25 -27.53 -9.51
C ARG C 502 9.31 -27.80 -8.01
N SER C 503 9.31 -29.07 -7.61
CA SER C 503 9.46 -29.37 -6.18
C SER C 503 10.78 -28.85 -5.65
N PHE C 504 11.79 -28.76 -6.52
CA PHE C 504 13.04 -28.10 -6.17
C PHE C 504 12.94 -26.59 -6.26
N ASP C 505 11.79 -26.06 -6.68
CA ASP C 505 11.64 -24.63 -6.89
C ASP C 505 12.67 -24.14 -7.90
N SER C 506 12.94 -24.98 -8.90
CA SER C 506 14.05 -24.76 -9.80
C SER C 506 14.00 -23.36 -10.40
N CYS C 507 15.16 -22.70 -10.41
CA CYS C 507 15.30 -21.36 -10.97
C CYS C 507 16.42 -21.46 -12.02
N LEU C 508 16.04 -21.46 -13.31
CA LEU C 508 16.98 -21.66 -14.40
C LEU C 508 17.82 -20.42 -14.68
N VAL C 509 17.27 -19.28 -14.27
CA VAL C 509 18.06 -18.07 -14.49
C VAL C 509 19.20 -18.13 -13.50
N CYS C 510 18.91 -18.61 -12.33
CA CYS C 510 19.97 -18.81 -11.34
C CYS C 510 20.93 -19.90 -11.79
N THR C 511 20.38 -20.96 -12.31
CA THR C 511 21.15 -22.13 -12.67
C THR C 511 22.35 -21.74 -13.54
N VAL C 512 22.14 -20.86 -14.49
CA VAL C 512 23.13 -20.55 -15.52
C VAL C 512 23.84 -19.24 -15.24
N HIS C 513 23.10 -18.24 -14.79
CA HIS C 513 23.59 -16.86 -14.67
C HIS C 513 24.48 -16.53 -15.87
N ALA D 1 -7.87 -8.43 -23.47
CA ALA D 1 -6.78 -8.43 -24.44
C ALA D 1 -5.78 -9.54 -24.13
N SER D 2 -5.40 -10.30 -25.16
CA SER D 2 -4.49 -11.41 -24.97
C SER D 2 -3.08 -10.90 -24.70
N VAL D 3 -2.43 -11.46 -23.68
CA VAL D 3 -1.09 -11.09 -23.28
C VAL D 3 -0.21 -12.34 -23.34
N LEU D 4 0.89 -12.25 -24.08
CA LEU D 4 1.90 -13.29 -24.10
C LEU D 4 3.19 -12.69 -23.55
N TRP D 5 3.67 -13.27 -22.47
CA TRP D 5 4.84 -12.77 -21.76
C TRP D 5 5.96 -13.78 -21.93
N PHE D 6 7.03 -13.36 -22.61
CA PHE D 6 8.17 -14.20 -22.88
C PHE D 6 9.39 -13.65 -22.16
N GLN D 7 10.29 -14.55 -21.78
CA GLN D 7 11.53 -14.20 -21.13
C GLN D 7 12.68 -14.66 -22.00
N GLY D 8 13.53 -13.72 -22.39
CA GLY D 8 14.74 -14.06 -23.09
C GLY D 8 15.91 -14.10 -22.14
N GLY D 9 16.88 -13.22 -22.34
CA GLY D 9 17.98 -13.09 -21.41
C GLY D 9 17.53 -12.39 -20.15
N ALA D 10 16.58 -13.00 -19.45
CA ALA D 10 15.90 -12.40 -18.33
C ALA D 10 16.35 -13.04 -17.02
N CYS D 11 16.22 -12.27 -15.95
CA CYS D 11 16.33 -12.77 -14.59
C CYS D 11 14.97 -12.94 -13.93
N SER D 12 13.89 -12.57 -14.61
CA SER D 12 12.53 -12.62 -14.12
C SER D 12 12.26 -11.56 -13.06
N GLY D 13 13.18 -10.62 -12.87
CA GLY D 13 12.96 -9.58 -11.89
C GLY D 13 11.75 -8.73 -12.21
N ASN D 14 11.53 -8.45 -13.49
CA ASN D 14 10.37 -7.67 -13.87
C ASN D 14 9.08 -8.46 -13.62
N THR D 15 9.12 -9.77 -13.84
CA THR D 15 7.99 -10.62 -13.48
C THR D 15 7.75 -10.58 -11.98
N MET D 16 8.80 -10.78 -11.18
CA MET D 16 8.65 -10.74 -9.73
C MET D 16 8.23 -9.35 -9.26
N SER D 17 8.83 -8.30 -9.84
CA SER D 17 8.36 -6.96 -9.53
C SER D 17 6.92 -6.80 -9.97
N PHE D 18 6.60 -7.30 -11.15
CA PHE D 18 5.23 -7.29 -11.66
C PHE D 18 4.29 -8.00 -10.70
N LEU D 19 4.73 -9.14 -10.15
CA LEU D 19 3.90 -9.89 -9.21
C LEU D 19 3.69 -9.14 -7.90
N ASN D 20 4.56 -8.21 -7.57
CA ASN D 20 4.37 -7.36 -6.39
C ASN D 20 3.35 -6.26 -6.65
N ALA D 21 2.77 -6.22 -7.85
CA ALA D 21 1.87 -5.16 -8.20
C ALA D 21 0.74 -5.06 -7.19
N ASP D 22 0.34 -3.82 -6.91
CA ASP D 22 -0.81 -3.54 -6.08
C ASP D 22 -1.54 -2.37 -6.71
N GLU D 23 -2.85 -2.46 -6.76
CA GLU D 23 -3.68 -1.42 -7.36
C GLU D 23 -3.33 -1.24 -8.82
N PRO D 24 -3.55 -2.26 -9.67
CA PRO D 24 -4.11 -3.58 -9.35
C PRO D 24 -3.04 -4.60 -8.99
N ASN D 25 -3.39 -5.64 -8.24
CA ASN D 25 -2.47 -6.75 -8.10
C ASN D 25 -2.51 -7.60 -9.37
N VAL D 26 -1.49 -8.45 -9.51
CA VAL D 26 -1.33 -9.21 -10.75
C VAL D 26 -2.55 -10.07 -11.02
N VAL D 27 -3.10 -10.70 -9.97
CA VAL D 27 -4.21 -11.62 -10.17
C VAL D 27 -5.43 -10.86 -10.71
N ASP D 28 -5.75 -9.72 -10.09
CA ASP D 28 -6.86 -8.92 -10.56
C ASP D 28 -6.59 -8.40 -11.96
N LEU D 29 -5.35 -8.01 -12.24
CA LEU D 29 -5.00 -7.53 -13.57
C LEU D 29 -5.20 -8.63 -14.61
N ILE D 30 -4.77 -9.85 -14.29
CA ILE D 30 -4.89 -10.95 -15.24
C ILE D 30 -6.36 -11.33 -15.44
N VAL D 31 -7.14 -11.32 -14.38
CA VAL D 31 -8.51 -11.84 -14.41
C VAL D 31 -9.53 -10.73 -14.57
N ASP D 32 -9.42 -9.67 -13.79
CA ASP D 32 -10.48 -8.69 -13.65
C ASP D 32 -10.39 -7.51 -14.60
N PHE D 33 -9.34 -7.42 -15.43
CA PHE D 33 -9.16 -6.30 -16.34
C PHE D 33 -9.22 -6.74 -17.80
N GLY D 34 -9.76 -7.93 -18.08
CA GLY D 34 -9.90 -8.38 -19.45
C GLY D 34 -8.60 -8.71 -20.14
N LEU D 35 -7.52 -8.87 -19.38
CA LEU D 35 -6.20 -9.14 -19.94
C LEU D 35 -5.93 -10.63 -19.86
N ASP D 36 -6.17 -11.33 -20.96
CA ASP D 36 -6.02 -12.78 -21.01
C ASP D 36 -4.54 -13.11 -21.12
N LEU D 37 -3.92 -13.43 -19.99
CA LEU D 37 -2.53 -13.85 -20.00
C LEU D 37 -2.42 -15.25 -20.58
N LEU D 38 -2.16 -15.33 -21.88
CA LEU D 38 -2.11 -16.63 -22.56
C LEU D 38 -1.05 -17.51 -21.94
N TRP D 39 0.13 -16.96 -21.69
CA TRP D 39 1.21 -17.75 -21.13
C TRP D 39 2.25 -16.81 -20.53
N HIS D 40 2.98 -17.35 -19.58
CA HIS D 40 4.08 -16.68 -18.92
C HIS D 40 5.02 -17.75 -18.39
N PRO D 41 6.33 -17.64 -18.63
CA PRO D 41 7.23 -18.72 -18.19
C PRO D 41 7.13 -19.00 -16.70
N SER D 42 6.94 -17.97 -15.89
CA SER D 42 6.87 -18.10 -14.44
C SER D 42 5.48 -18.42 -13.92
N LEU D 43 4.45 -18.27 -14.75
CA LEU D 43 3.07 -18.44 -14.32
C LEU D 43 2.24 -19.33 -15.23
N GLY D 44 2.63 -19.49 -16.49
CA GLY D 44 1.86 -20.27 -17.43
C GLY D 44 1.70 -21.71 -17.00
N LEU D 45 0.45 -22.19 -17.05
CA LEU D 45 0.19 -23.58 -16.70
C LEU D 45 0.76 -24.53 -17.74
N GLU D 46 0.66 -24.17 -19.02
CA GLU D 46 1.06 -25.06 -20.09
C GLU D 46 2.57 -25.28 -20.09
N LEU D 47 2.97 -26.47 -20.56
CA LEU D 47 4.37 -26.82 -20.73
C LEU D 47 4.49 -27.69 -21.95
N GLY D 48 5.71 -27.80 -22.47
CA GLY D 48 5.95 -28.64 -23.61
C GLY D 48 5.12 -28.23 -24.80
N ASN D 49 4.63 -29.22 -25.54
CA ASN D 49 3.88 -28.94 -26.77
C ASN D 49 2.64 -28.11 -26.50
N ASN D 50 2.01 -28.30 -25.34
CA ASN D 50 0.82 -27.51 -25.02
C ASN D 50 1.16 -26.02 -24.98
N ALA D 51 2.28 -25.67 -24.36
CA ALA D 51 2.73 -24.28 -24.37
C ALA D 51 3.12 -23.85 -25.78
N GLN D 52 3.81 -24.73 -26.51
CA GLN D 52 4.23 -24.39 -27.88
C GLN D 52 3.03 -24.09 -28.75
N LYS D 53 1.94 -24.82 -28.57
CA LYS D 53 0.74 -24.58 -29.35
C LYS D 53 0.26 -23.15 -29.19
N VAL D 54 0.29 -22.64 -27.96
CA VAL D 54 -0.09 -21.26 -27.72
C VAL D 54 0.87 -20.31 -28.44
N PHE D 55 2.17 -20.58 -28.33
CA PHE D 55 3.16 -19.69 -28.91
C PHE D 55 3.00 -19.65 -30.43
N TRP D 56 2.87 -20.81 -31.05
CA TRP D 56 2.78 -20.87 -32.51
C TRP D 56 1.52 -20.20 -33.01
N ASP D 57 0.41 -20.39 -32.30
CA ASP D 57 -0.83 -19.73 -32.71
C ASP D 57 -0.67 -18.22 -32.72
N CYS D 58 -0.06 -17.67 -31.68
CA CYS D 58 0.25 -16.24 -31.68
C CYS D 58 1.24 -15.90 -32.78
N ALA D 59 2.29 -16.70 -32.92
CA ALA D 59 3.32 -16.41 -33.90
C ALA D 59 2.76 -16.47 -35.33
N LYS D 60 1.96 -17.47 -35.62
CA LYS D 60 1.42 -17.68 -36.96
C LYS D 60 0.10 -16.94 -37.19
N GLY D 61 -0.42 -16.25 -36.18
CA GLY D 61 -1.66 -15.52 -36.34
C GLY D 61 -2.91 -16.35 -36.20
N GLU D 62 -2.80 -17.60 -35.72
CA GLU D 62 -3.99 -18.42 -35.54
C GLU D 62 -4.92 -17.81 -34.50
N ARG D 63 -4.35 -17.26 -33.43
CA ARG D 63 -5.11 -16.59 -32.38
C ARG D 63 -4.57 -15.19 -32.19
N PRO D 64 -5.42 -14.24 -31.83
CA PRO D 64 -4.95 -12.86 -31.66
C PRO D 64 -3.92 -12.76 -30.55
N LEU D 65 -2.92 -11.90 -30.77
CA LEU D 65 -1.95 -11.53 -29.75
C LEU D 65 -2.01 -10.01 -29.62
N ASP D 66 -2.62 -9.53 -28.54
CA ASP D 66 -2.78 -8.09 -28.38
C ASP D 66 -1.52 -7.46 -27.82
N ILE D 67 -0.98 -8.03 -26.75
CA ILE D 67 0.19 -7.47 -26.08
C ILE D 67 1.23 -8.57 -25.98
N PHE D 68 2.40 -8.34 -26.58
CA PHE D 68 3.55 -9.20 -26.43
C PHE D 68 4.51 -8.52 -25.47
N VAL D 69 4.62 -9.06 -24.26
CA VAL D 69 5.54 -8.55 -23.27
C VAL D 69 6.80 -9.39 -23.35
N PHE D 70 7.93 -8.74 -23.57
CA PHE D 70 9.21 -9.42 -23.59
C PHE D 70 10.05 -8.94 -22.42
N GLU D 71 10.53 -9.89 -21.64
CA GLU D 71 11.41 -9.64 -20.52
C GLU D 71 12.75 -10.29 -20.82
N GLY D 72 13.82 -9.63 -20.43
CA GLY D 72 15.15 -10.10 -20.73
C GLY D 72 15.62 -9.65 -22.10
N THR D 73 16.88 -9.92 -22.36
CA THR D 73 17.49 -9.50 -23.61
C THR D 73 17.07 -10.44 -24.74
N VAL D 74 17.21 -9.93 -25.95
CA VAL D 74 17.19 -10.78 -27.14
C VAL D 74 18.60 -11.33 -27.31
N ILE D 75 18.77 -12.60 -27.02
CA ILE D 75 20.07 -13.23 -27.06
C ILE D 75 20.32 -13.72 -28.48
N GLU D 76 21.36 -13.17 -29.11
CA GLU D 76 21.69 -13.53 -30.48
C GLU D 76 22.92 -14.42 -30.58
N ALA D 77 23.74 -14.46 -29.55
CA ALA D 77 24.90 -15.34 -29.57
C ALA D 77 24.45 -16.79 -29.50
N PRO D 78 25.25 -17.73 -30.02
CA PRO D 78 26.53 -17.51 -30.71
C PRO D 78 26.35 -17.13 -32.18
N ASN D 79 27.13 -16.19 -32.66
CA ASN D 79 27.19 -15.86 -34.09
C ASN D 79 25.80 -15.53 -34.64
N GLY D 80 25.02 -14.79 -33.86
CA GLY D 80 23.71 -14.35 -34.32
C GLY D 80 22.67 -15.45 -34.41
N THR D 81 22.98 -16.66 -33.95
CA THR D 81 22.03 -17.75 -34.02
C THR D 81 21.05 -17.75 -32.86
N GLY D 82 21.40 -17.10 -31.75
CA GLY D 82 20.51 -17.03 -30.62
C GLY D 82 20.43 -18.31 -29.81
N GLN D 83 21.29 -19.28 -30.08
CA GLN D 83 21.20 -20.57 -29.40
C GLN D 83 21.65 -20.52 -27.95
N MET D 84 22.22 -19.40 -27.51
CA MET D 84 22.43 -19.21 -26.07
C MET D 84 21.11 -18.97 -25.35
N ASP D 85 20.01 -18.81 -26.08
CA ASP D 85 18.68 -18.71 -25.51
C ASP D 85 17.75 -19.52 -26.41
N MET D 86 17.61 -20.81 -26.10
CA MET D 86 16.72 -21.71 -26.80
C MET D 86 15.44 -21.85 -26.00
N PHE D 87 14.31 -21.54 -26.63
CA PHE D 87 13.03 -21.59 -25.97
C PHE D 87 12.01 -22.24 -26.89
N ALA D 88 11.34 -23.27 -26.39
CA ALA D 88 10.25 -23.91 -27.11
C ALA D 88 10.72 -24.38 -28.49
N GLY D 89 11.94 -24.90 -28.56
CA GLY D 89 12.47 -25.48 -29.77
C GLY D 89 13.07 -24.50 -30.75
N ARG D 90 13.09 -23.22 -30.45
CA ARG D 90 13.66 -22.20 -31.31
C ARG D 90 14.55 -21.28 -30.51
N PRO D 91 15.49 -20.60 -31.16
CA PRO D 91 16.14 -19.47 -30.50
C PRO D 91 15.09 -18.44 -30.11
N MET D 92 15.23 -17.89 -28.90
CA MET D 92 14.26 -16.93 -28.42
C MET D 92 14.09 -15.76 -29.38
N LYS D 93 15.18 -15.36 -30.04
CA LYS D 93 15.09 -14.24 -30.98
C LYS D 93 14.09 -14.54 -32.09
N ASP D 94 14.02 -15.80 -32.53
CA ASP D 94 13.06 -16.18 -33.56
C ASP D 94 11.63 -16.01 -33.06
N TRP D 95 11.38 -16.40 -31.81
CA TRP D 95 10.08 -16.16 -31.20
C TRP D 95 9.78 -14.66 -31.16
N VAL D 96 10.78 -13.86 -30.79
CA VAL D 96 10.59 -12.42 -30.70
C VAL D 96 10.20 -11.86 -32.06
N THR D 97 10.91 -12.30 -33.11
CA THR D 97 10.61 -11.81 -34.45
C THR D 97 9.15 -12.07 -34.81
N ASP D 98 8.68 -13.31 -34.60
CA ASP D 98 7.33 -13.68 -34.99
C ASP D 98 6.29 -13.02 -34.09
N LEU D 99 6.50 -13.09 -32.78
CA LEU D 99 5.48 -12.61 -31.85
C LEU D 99 5.41 -11.09 -31.83
N ALA D 100 6.56 -10.41 -31.91
CA ALA D 100 6.55 -8.96 -31.96
C ALA D 100 5.83 -8.47 -33.22
N GLY D 101 6.06 -9.14 -34.35
CA GLY D 101 5.38 -8.78 -35.57
C GLY D 101 3.92 -9.17 -35.60
N ALA D 102 3.52 -10.15 -34.78
CA ALA D 102 2.13 -10.57 -34.70
C ALA D 102 1.36 -9.85 -33.61
N ALA D 103 2.03 -9.07 -32.77
CA ALA D 103 1.40 -8.46 -31.61
C ALA D 103 0.89 -7.06 -31.93
N GLN D 104 -0.27 -6.72 -31.39
CA GLN D 104 -0.80 -5.37 -31.53
C GLN D 104 0.08 -4.38 -30.78
N ILE D 105 0.57 -4.77 -29.61
CA ILE D 105 1.48 -3.96 -28.81
C ILE D 105 2.62 -4.85 -28.36
N VAL D 106 3.83 -4.31 -28.43
CA VAL D 106 5.02 -4.98 -27.93
C VAL D 106 5.54 -4.13 -26.79
N VAL D 107 5.65 -4.74 -25.61
CA VAL D 107 6.15 -4.07 -24.42
C VAL D 107 7.45 -4.75 -24.03
N ALA D 108 8.52 -3.98 -24.03
CA ALA D 108 9.79 -4.42 -23.46
C ALA D 108 9.80 -4.01 -22.00
N ILE D 109 9.78 -5.00 -21.11
CA ILE D 109 9.76 -4.75 -19.68
C ILE D 109 11.15 -5.07 -19.15
N GLY D 110 11.75 -4.09 -18.51
CA GLY D 110 13.10 -4.24 -18.01
C GLY D 110 14.15 -3.77 -19.00
N ASP D 111 15.27 -3.31 -18.45
CA ASP D 111 16.36 -2.80 -19.28
C ASP D 111 16.82 -3.84 -20.29
N CYS D 112 16.85 -5.10 -19.87
CA CYS D 112 17.34 -6.15 -20.76
C CYS D 112 16.56 -6.15 -22.05
N ALA D 113 15.24 -6.13 -21.96
CA ALA D 113 14.40 -6.13 -23.15
C ALA D 113 14.41 -4.76 -23.83
N CYS D 114 14.40 -3.70 -23.03
CA CYS D 114 14.37 -2.36 -23.60
C CYS D 114 15.66 -2.04 -24.35
N PHE D 115 16.80 -2.23 -23.70
CA PHE D 115 18.07 -1.74 -24.20
C PHE D 115 19.21 -2.74 -24.17
N GLY D 116 19.06 -3.87 -23.52
CA GLY D 116 20.14 -4.85 -23.41
C GLY D 116 20.56 -5.06 -21.97
N GLY D 117 20.60 -3.98 -21.21
CA GLY D 117 20.76 -4.07 -19.78
C GLY D 117 22.06 -4.75 -19.38
N ILE D 118 22.00 -5.42 -18.23
CA ILE D 118 23.20 -6.04 -17.67
C ILE D 118 23.79 -7.09 -18.60
N PRO D 119 23.01 -8.00 -19.19
CA PRO D 119 23.62 -8.99 -20.08
C PRO D 119 24.31 -8.38 -21.27
N ALA D 120 23.94 -7.16 -21.65
CA ALA D 120 24.56 -6.48 -22.77
C ALA D 120 25.85 -5.75 -22.40
N MET D 121 26.22 -5.71 -21.11
CA MET D 121 27.52 -5.16 -20.76
C MET D 121 28.62 -5.96 -21.43
N GLU D 122 29.72 -5.26 -21.72
CA GLU D 122 30.84 -5.92 -22.35
C GLU D 122 31.35 -7.04 -21.44
N PRO D 123 31.79 -8.17 -22.00
CA PRO D 123 31.94 -8.45 -23.43
C PRO D 123 30.65 -8.94 -24.07
N ASN D 124 29.53 -8.88 -23.36
CA ASN D 124 28.24 -9.31 -23.87
C ASN D 124 28.34 -10.74 -24.42
N PRO D 125 28.64 -11.72 -23.57
CA PRO D 125 28.84 -13.08 -24.07
C PRO D 125 27.62 -13.64 -24.79
N SER D 126 26.42 -13.23 -24.39
CA SER D 126 25.20 -13.74 -24.98
C SER D 126 24.76 -12.97 -26.21
N GLY D 127 25.54 -11.98 -26.65
CA GLY D 127 25.11 -11.18 -27.78
C GLY D 127 23.79 -10.52 -27.48
N SER D 128 23.60 -10.07 -26.25
CA SER D 128 22.32 -9.54 -25.83
C SER D 128 22.06 -8.17 -26.44
N THR D 129 20.80 -7.91 -26.75
CA THR D 129 20.37 -6.61 -27.21
C THR D 129 18.91 -6.43 -26.81
N GLY D 130 18.49 -5.18 -26.76
CA GLY D 130 17.10 -4.89 -26.53
C GLY D 130 16.26 -5.11 -27.77
N LEU D 131 14.94 -5.07 -27.58
CA LEU D 131 14.02 -5.28 -28.69
C LEU D 131 14.23 -4.23 -29.76
N GLN D 132 14.22 -2.97 -29.37
CA GLN D 132 14.32 -1.85 -30.29
C GLN D 132 15.46 -0.91 -29.95
N PHE D 133 16.26 -1.22 -28.93
CA PHE D 133 17.41 -0.42 -28.57
C PHE D 133 18.56 -1.35 -28.21
N HIS D 134 19.77 -0.89 -28.47
CA HIS D 134 20.97 -1.45 -27.88
C HIS D 134 21.61 -0.32 -27.09
N LYS D 135 21.41 -0.34 -25.78
CA LYS D 135 21.75 0.78 -24.91
C LYS D 135 20.99 1.99 -25.47
N ARG D 136 21.61 3.15 -25.63
CA ARG D 136 20.88 4.32 -26.10
C ARG D 136 20.63 4.28 -27.60
N GLU D 137 21.36 3.44 -28.34
CA GLU D 137 21.25 3.42 -29.79
C GLU D 137 19.97 2.70 -30.20
N LYS D 138 19.12 3.40 -30.94
CA LYS D 138 17.87 2.83 -31.39
C LYS D 138 18.11 1.77 -32.46
N GLY D 139 17.29 0.74 -32.43
CA GLY D 139 17.30 -0.31 -33.44
C GLY D 139 17.32 -1.70 -32.85
N GLY D 140 18.06 -1.89 -31.76
CA GLY D 140 18.07 -3.14 -31.04
C GLY D 140 17.99 -4.35 -31.94
N PHE D 141 17.08 -5.26 -31.62
CA PHE D 141 16.91 -6.48 -32.41
C PHE D 141 15.88 -6.30 -33.53
N LEU D 142 14.77 -5.63 -33.24
CA LEU D 142 13.69 -5.48 -34.20
C LEU D 142 13.92 -4.38 -35.22
N GLY D 143 14.87 -3.49 -34.97
CA GLY D 143 15.13 -2.38 -35.86
C GLY D 143 14.42 -1.12 -35.42
N PRO D 144 14.98 0.03 -35.80
CA PRO D 144 14.37 1.31 -35.39
C PRO D 144 12.97 1.50 -35.93
N ASP D 145 12.67 0.95 -37.10
CA ASP D 145 11.41 1.19 -37.77
C ASP D 145 10.34 0.18 -37.40
N PHE D 146 10.64 -0.77 -36.52
CA PHE D 146 9.62 -1.72 -36.12
C PHE D 146 8.45 -0.99 -35.49
N ARG D 147 7.25 -1.39 -35.88
CA ARG D 147 6.03 -0.89 -35.28
C ARG D 147 5.08 -2.06 -35.09
N SER D 148 4.41 -2.08 -33.95
CA SER D 148 3.39 -3.10 -33.72
C SER D 148 2.19 -2.85 -34.63
N LYS D 149 1.27 -3.80 -34.66
CA LYS D 149 0.12 -3.68 -35.54
C LYS D 149 -0.73 -2.47 -35.25
N MET D 150 -0.65 -1.91 -34.05
CA MET D 150 -1.34 -0.67 -33.74
C MET D 150 -0.47 0.55 -34.02
N GLY D 151 0.66 0.36 -34.70
CA GLY D 151 1.49 1.47 -35.11
C GLY D 151 2.40 2.02 -34.05
N LEU D 152 2.48 1.38 -32.93
CA LEU D 152 3.34 1.85 -31.85
C LEU D 152 4.69 1.15 -31.92
N PRO D 153 5.75 1.81 -31.50
CA PRO D 153 7.03 1.11 -31.37
C PRO D 153 7.00 0.19 -30.17
N VAL D 154 8.11 -0.50 -29.90
CA VAL D 154 8.19 -1.27 -28.67
C VAL D 154 8.01 -0.30 -27.51
N ILE D 155 6.99 -0.55 -26.70
CA ILE D 155 6.81 0.25 -25.48
C ILE D 155 7.85 -0.22 -24.49
N ASN D 156 8.82 0.65 -24.20
CA ASN D 156 9.91 0.31 -23.31
C ASN D 156 9.51 0.66 -21.89
N VAL D 157 9.33 -0.36 -21.06
CA VAL D 157 9.10 -0.18 -19.64
C VAL D 157 10.41 -0.52 -18.96
N PRO D 158 11.32 0.44 -18.84
CA PRO D 158 12.66 0.13 -18.35
C PRO D 158 12.68 -0.11 -16.86
N GLY D 159 13.89 -0.22 -16.33
CA GLY D 159 14.07 -0.57 -14.94
C GLY D 159 14.80 -1.88 -14.86
N CYS D 160 15.47 -2.11 -13.74
CA CYS D 160 16.19 -3.37 -13.50
C CYS D 160 15.94 -3.79 -12.07
N PRO D 161 14.73 -4.26 -11.77
CA PRO D 161 13.58 -4.47 -12.66
C PRO D 161 12.73 -3.23 -12.86
N ALA D 162 11.77 -3.32 -13.77
CA ALA D 162 10.72 -2.33 -13.84
C ALA D 162 9.84 -2.43 -12.59
N HIS D 163 9.41 -1.29 -12.12
CA HIS D 163 8.40 -1.25 -11.07
C HIS D 163 7.10 -1.84 -11.61
N PRO D 164 6.34 -2.57 -10.79
CA PRO D 164 5.10 -3.16 -11.32
C PRO D 164 4.16 -2.14 -11.92
N ASP D 165 4.06 -0.96 -11.30
CA ASP D 165 3.15 0.06 -11.79
C ASP D 165 3.52 0.54 -13.18
N TRP D 166 4.82 0.53 -13.51
CA TRP D 166 5.23 1.01 -14.82
C TRP D 166 4.66 0.16 -15.94
N ILE D 167 4.30 -1.09 -15.65
CA ILE D 167 3.71 -1.99 -16.62
C ILE D 167 2.22 -2.17 -16.36
N THR D 168 1.83 -2.40 -15.11
CA THR D 168 0.42 -2.69 -14.82
C THR D 168 -0.46 -1.49 -15.15
N GLN D 169 -0.02 -0.29 -14.77
CA GLN D 169 -0.82 0.89 -15.05
C GLN D 169 -0.96 1.11 -16.56
N ILE D 170 0.10 0.78 -17.30
CA ILE D 170 0.00 0.81 -18.77
C ILE D 170 -0.99 -0.24 -19.24
N LEU D 171 -0.92 -1.44 -18.67
CA LEU D 171 -1.87 -2.48 -19.05
C LEU D 171 -3.29 -2.10 -18.67
N VAL D 172 -3.47 -1.48 -17.50
CA VAL D 172 -4.79 -1.01 -17.11
C VAL D 172 -5.28 0.05 -18.09
N ALA D 173 -4.39 0.97 -18.47
CA ALA D 173 -4.77 2.01 -19.42
C ALA D 173 -5.21 1.40 -20.74
N LEU D 174 -4.47 0.39 -21.23
CA LEU D 174 -4.88 -0.31 -22.43
C LEU D 174 -6.22 -1.01 -22.22
N ALA D 175 -6.41 -1.60 -21.04
CA ALA D 175 -7.63 -2.35 -20.77
C ALA D 175 -8.82 -1.44 -20.52
N THR D 176 -8.58 -0.21 -20.07
CA THR D 176 -9.64 0.72 -19.72
C THR D 176 -9.87 1.76 -20.81
N GLY D 177 -9.31 1.56 -21.99
CA GLY D 177 -9.54 2.46 -23.10
C GLY D 177 -8.69 3.72 -23.09
N ARG D 178 -7.60 3.72 -22.34
CA ARG D 178 -6.73 4.89 -22.22
C ARG D 178 -5.41 4.71 -22.93
N ALA D 179 -5.35 3.83 -23.93
CA ALA D 179 -4.14 3.68 -24.71
C ALA D 179 -3.72 5.00 -25.32
N GLY D 180 -4.68 5.83 -25.69
CA GLY D 180 -4.37 7.13 -26.29
C GLY D 180 -3.78 8.11 -25.31
N ASP D 181 -3.99 7.92 -24.02
CA ASP D 181 -3.37 8.75 -23.01
C ASP D 181 -1.91 8.42 -22.78
N ILE D 182 -1.45 7.28 -23.31
CA ILE D 182 -0.07 6.86 -23.14
C ILE D 182 0.79 7.61 -24.14
N THR D 183 1.68 8.46 -23.65
CA THR D 183 2.66 9.14 -24.47
C THR D 183 4.04 8.56 -24.14
N LEU D 184 4.84 8.37 -25.18
CA LEU D 184 6.15 7.77 -25.05
C LEU D 184 7.23 8.82 -25.33
N ASP D 185 8.33 8.74 -24.60
CA ASP D 185 9.46 9.62 -24.83
C ASP D 185 10.29 9.06 -25.97
N ASP D 186 11.46 9.66 -26.20
CA ASP D 186 12.33 9.24 -27.30
C ASP D 186 12.85 7.83 -27.11
N LEU D 187 12.86 7.32 -25.88
CA LEU D 187 13.25 5.95 -25.60
C LEU D 187 12.06 5.02 -25.53
N HIS D 188 10.91 5.46 -26.02
CA HIS D 188 9.67 4.69 -26.00
C HIS D 188 9.20 4.39 -24.59
N ARG D 189 9.63 5.18 -23.62
CA ARG D 189 9.20 4.99 -22.25
C ARG D 189 7.93 5.79 -21.98
N PRO D 190 6.99 5.24 -21.21
CA PRO D 190 5.80 6.02 -20.85
C PRO D 190 6.16 7.28 -20.09
N GLU D 191 5.87 8.43 -20.70
CA GLU D 191 6.17 9.70 -20.08
C GLU D 191 5.43 9.90 -18.77
N THR D 192 4.30 9.21 -18.58
CA THR D 192 3.58 9.34 -17.33
C THR D 192 4.40 8.85 -16.16
N PHE D 193 5.44 8.06 -16.43
CA PHE D 193 6.36 7.58 -15.40
C PHE D 193 7.77 8.14 -15.56
N PHE D 194 8.17 8.50 -16.77
CA PHE D 194 9.57 8.77 -17.07
C PHE D 194 9.81 10.20 -17.54
N LYS D 195 8.90 11.11 -17.23
CA LYS D 195 9.19 12.52 -17.33
C LYS D 195 9.79 13.05 -16.04
N THR D 196 9.46 12.43 -14.92
CA THR D 196 10.09 12.72 -13.66
C THR D 196 11.48 12.10 -13.60
N PHE D 197 12.24 12.51 -12.61
CA PHE D 197 13.51 11.90 -12.29
C PHE D 197 13.36 11.03 -11.06
N THR D 198 14.29 10.09 -10.92
CA THR D 198 14.38 9.36 -9.66
C THR D 198 14.48 10.35 -8.51
N GLN D 199 15.20 11.44 -8.73
CA GLN D 199 15.31 12.49 -7.72
C GLN D 199 13.98 13.13 -7.42
N THR D 200 13.04 13.06 -8.36
CA THR D 200 11.72 13.62 -8.15
C THR D 200 11.02 12.88 -7.02
N GLY D 201 10.88 13.54 -5.88
CA GLY D 201 10.31 12.92 -4.71
C GLY D 201 11.33 12.26 -3.81
N CYS D 202 12.60 12.28 -4.17
CA CYS D 202 13.60 11.72 -3.28
C CYS D 202 13.62 12.51 -1.98
N THR D 203 13.81 11.79 -0.88
CA THR D 203 13.82 12.43 0.42
C THR D 203 15.09 13.22 0.68
N ARG D 204 16.07 13.15 -0.22
CA ARG D 204 17.36 13.80 -0.04
C ARG D 204 17.56 15.01 -0.94
N VAL D 205 16.53 15.41 -1.69
CA VAL D 205 16.70 16.52 -2.64
C VAL D 205 17.06 17.79 -1.90
N GLN D 206 16.54 17.98 -0.69
CA GLN D 206 16.90 19.16 0.09
C GLN D 206 18.40 19.19 0.35
N PHE D 207 18.96 18.02 0.71
CA PHE D 207 20.42 17.92 0.85
C PHE D 207 21.10 18.18 -0.48
N PHE D 208 20.53 17.64 -1.56
CA PHE D 208 21.06 17.91 -2.89
C PHE D 208 20.99 19.40 -3.20
N GLU D 209 19.87 20.04 -2.87
CA GLU D 209 19.73 21.47 -3.10
C GLU D 209 20.84 22.24 -2.41
N TYR D 210 21.16 21.86 -1.18
CA TYR D 210 22.17 22.51 -0.39
C TYR D 210 23.51 21.79 -0.46
N LYS D 211 23.64 20.83 -1.36
CA LYS D 211 24.91 20.17 -1.62
C LYS D 211 25.51 19.61 -0.34
N GLN D 212 24.64 19.01 0.47
CA GLN D 212 25.05 18.29 1.65
C GLN D 212 25.11 16.80 1.30
N SER D 213 26.31 16.24 1.40
CA SER D 213 26.59 14.93 0.86
C SER D 213 26.45 13.86 1.95
N THR D 214 25.78 12.78 1.60
CA THR D 214 25.92 11.57 2.37
C THR D 214 27.38 11.13 2.30
N LEU D 215 28.00 10.96 3.45
CA LEU D 215 29.42 10.65 3.50
C LEU D 215 29.70 9.17 3.66
N SER D 216 28.77 8.44 4.27
CA SER D 216 28.98 7.02 4.51
C SER D 216 27.64 6.31 4.47
N PHE D 217 27.72 5.01 4.22
CA PHE D 217 26.54 4.17 4.17
C PHE D 217 26.03 3.91 5.57
N GLY D 218 24.96 3.15 5.67
CA GLY D 218 24.37 2.87 6.96
C GLY D 218 23.88 4.15 7.59
N GLU D 219 24.22 4.34 8.86
CA GLU D 219 23.75 5.49 9.61
C GLU D 219 24.16 6.80 8.95
N GLY D 220 25.18 6.79 8.10
CA GLY D 220 25.54 7.99 7.36
C GLY D 220 24.49 8.44 6.38
N THR D 221 23.59 7.53 5.99
CA THR D 221 22.51 7.88 5.08
C THR D 221 21.33 8.52 5.79
N ARG D 222 21.40 8.70 7.10
CA ARG D 222 20.38 9.45 7.82
C ARG D 222 20.40 10.91 7.44
N THR D 223 21.43 11.35 6.72
CA THR D 223 21.52 12.71 6.24
C THR D 223 22.10 12.69 4.84
N GLY D 224 21.97 13.82 4.16
CA GLY D 224 22.73 14.08 2.96
C GLY D 224 22.13 13.43 1.73
N CYS D 225 22.69 13.82 0.61
CA CYS D 225 22.33 13.32 -0.70
C CYS D 225 23.45 12.43 -1.22
N LEU D 226 23.07 11.41 -1.96
CA LEU D 226 23.99 10.39 -2.43
C LEU D 226 24.70 10.78 -3.73
N PHE D 227 24.40 11.95 -4.26
CA PHE D 227 24.95 12.35 -5.55
C PHE D 227 26.47 12.44 -5.50
N TYR D 228 27.01 13.03 -4.46
CA TYR D 228 28.38 13.51 -4.47
C TYR D 228 29.41 12.44 -4.14
N GLU D 229 29.08 11.50 -3.27
CA GLU D 229 30.04 10.47 -2.87
C GLU D 229 29.65 9.07 -3.28
N PHE D 230 28.40 8.83 -3.67
CA PHE D 230 27.93 7.49 -4.00
C PHE D 230 27.41 7.38 -5.42
N GLY D 231 27.67 8.39 -6.26
CA GLY D 231 27.35 8.29 -7.67
C GLY D 231 25.87 8.16 -7.95
N CYS D 232 25.02 8.68 -7.09
CA CYS D 232 23.60 8.62 -7.36
C CYS D 232 23.31 9.29 -8.68
N ARG D 233 22.55 8.59 -9.53
CA ARG D 233 22.20 9.07 -10.85
C ARG D 233 20.79 9.63 -10.90
N GLY D 234 20.19 9.89 -9.75
CA GLY D 234 18.82 10.32 -9.69
C GLY D 234 18.55 11.55 -10.53
N PRO D 235 19.42 12.56 -10.44
CA PRO D 235 19.22 13.78 -11.23
C PRO D 235 19.38 13.56 -12.72
N MET D 236 20.01 12.47 -13.15
CA MET D 236 20.22 12.17 -14.56
C MET D 236 19.40 10.98 -15.00
N THR D 237 18.48 10.50 -14.16
CA THR D 237 17.72 9.30 -14.41
C THR D 237 16.25 9.65 -14.41
N HIS D 238 15.56 9.30 -15.48
CA HIS D 238 14.14 9.51 -15.58
C HIS D 238 13.41 8.31 -15.01
N SER D 239 12.60 8.56 -13.99
CA SER D 239 11.89 7.51 -13.29
C SER D 239 10.92 8.12 -12.29
N PRO D 240 9.87 7.41 -11.94
CA PRO D 240 9.01 7.85 -10.84
C PRO D 240 9.37 7.20 -9.51
N CYS D 241 10.56 6.61 -9.42
CA CYS D 241 10.87 5.70 -8.31
C CYS D 241 10.62 6.33 -6.96
N ASN D 242 10.78 7.64 -6.84
CA ASN D 242 10.48 8.33 -5.60
C ASN D 242 9.14 9.05 -5.66
N ARG D 243 8.44 8.95 -6.77
CA ARG D 243 7.05 9.37 -6.84
C ARG D 243 6.13 8.19 -6.55
N ILE D 244 6.34 7.08 -7.25
CA ILE D 244 5.65 5.83 -7.00
C ILE D 244 6.67 4.93 -6.30
N LEU D 245 6.54 4.81 -4.99
CA LEU D 245 7.54 4.13 -4.21
C LEU D 245 7.59 2.65 -4.55
N TRP D 246 8.79 2.10 -4.43
CA TRP D 246 8.99 0.68 -4.69
C TRP D 246 8.38 -0.14 -3.57
N ASN D 247 7.64 -1.18 -3.95
CA ASN D 247 6.96 -2.04 -3.01
C ASN D 247 6.06 -1.24 -2.07
N ARG D 248 5.66 -0.05 -2.52
CA ARG D 248 4.80 0.86 -1.75
C ARG D 248 5.46 1.31 -0.45
N GLN D 249 6.78 1.19 -0.37
CA GLN D 249 7.51 1.50 0.85
C GLN D 249 8.54 2.60 0.65
N SER D 250 9.40 2.48 -0.35
CA SER D 250 10.60 3.28 -0.38
C SER D 250 11.18 3.26 -1.78
N SER D 251 12.41 3.74 -1.89
CA SER D 251 13.21 3.66 -3.10
C SER D 251 14.66 3.48 -2.68
N LYS D 252 15.50 3.22 -3.67
CA LYS D 252 16.93 3.11 -3.41
C LYS D 252 17.43 4.32 -2.65
N THR D 253 17.16 5.50 -3.18
CA THR D 253 17.77 6.72 -2.67
C THR D 253 17.21 7.07 -1.30
N ARG D 254 15.92 6.82 -1.09
CA ARG D 254 15.34 7.03 0.23
C ARG D 254 15.99 6.12 1.25
N ALA D 255 16.26 4.88 0.85
CA ALA D 255 16.89 3.91 1.74
C ALA D 255 18.37 4.14 1.91
N GLY D 256 18.97 5.01 1.11
CA GLY D 256 20.38 5.29 1.19
C GLY D 256 21.21 4.66 0.09
N MET D 257 20.59 4.00 -0.86
CA MET D 257 21.30 3.46 -1.99
C MET D 257 21.28 4.45 -3.14
N PRO D 258 22.42 4.76 -3.75
CA PRO D 258 22.40 5.65 -4.91
C PRO D 258 21.58 5.05 -6.04
N CYS D 259 20.87 5.91 -6.75
CA CYS D 259 20.25 5.49 -7.99
C CYS D 259 21.31 5.08 -8.99
N LEU D 260 21.16 3.89 -9.56
CA LEU D 260 22.08 3.38 -10.55
C LEU D 260 21.69 3.79 -11.96
N GLY D 261 20.65 4.61 -12.11
CA GLY D 261 20.21 5.03 -13.42
C GLY D 261 19.69 3.89 -14.26
N CYS D 262 18.97 2.97 -13.63
CA CYS D 262 18.56 1.74 -14.29
C CYS D 262 17.36 1.91 -15.20
N THR D 263 16.74 3.08 -15.23
CA THR D 263 15.74 3.37 -16.23
C THR D 263 16.33 3.98 -17.48
N GLU D 264 17.58 4.29 -17.47
CA GLU D 264 18.25 4.88 -18.60
C GLU D 264 18.92 3.81 -19.43
N PRO D 265 19.01 4.03 -20.74
CA PRO D 265 19.49 2.98 -21.64
C PRO D 265 20.91 2.52 -21.40
N GLU D 266 21.74 3.36 -20.80
CA GLU D 266 23.15 3.03 -20.60
C GLU D 266 23.37 2.11 -19.42
N PHE D 267 22.33 1.80 -18.66
CA PHE D 267 22.50 1.00 -17.46
C PHE D 267 23.02 -0.39 -17.82
N PRO D 268 23.99 -0.92 -17.08
CA PRO D 268 24.76 -0.27 -16.01
C PRO D 268 25.69 0.80 -16.57
N HIS D 269 25.64 1.99 -16.02
CA HIS D 269 26.44 3.08 -16.54
C HIS D 269 27.92 2.80 -16.29
N PHE D 270 28.73 3.06 -17.30
CA PHE D 270 30.16 2.78 -17.28
C PHE D 270 30.45 1.29 -17.13
N ASP D 271 29.45 0.45 -17.40
CA ASP D 271 29.59 -1.00 -17.36
C ASP D 271 30.20 -1.44 -16.03
N LEU D 272 29.90 -0.71 -14.96
CA LEU D 272 30.39 -1.05 -13.63
C LEU D 272 31.91 -1.17 -13.64
N ALA D 273 32.55 -0.29 -14.37
CA ALA D 273 33.99 -0.28 -14.42
C ALA D 273 34.55 0.06 -13.04
N PRO D 274 35.78 -0.33 -12.76
CA PRO D 274 36.35 -0.05 -11.45
C PRO D 274 36.26 1.42 -11.09
N GLY D 275 35.84 1.70 -9.86
CA GLY D 275 35.70 3.04 -9.36
C GLY D 275 34.38 3.71 -9.65
N THR D 276 33.49 3.07 -10.42
CA THR D 276 32.21 3.65 -10.80
C THR D 276 31.03 3.08 -10.04
N VAL D 277 31.26 2.16 -9.10
CA VAL D 277 30.19 1.53 -8.34
C VAL D 277 30.08 2.23 -7.00
N PHE D 278 28.92 2.84 -6.74
CA PHE D 278 28.66 3.55 -5.51
C PHE D 278 29.69 4.63 -5.26
N LYS D 279 30.20 5.21 -6.34
CA LYS D 279 31.12 6.34 -6.26
C LYS D 279 30.71 7.36 -7.30
N THR D 280 30.94 8.62 -6.98
CA THR D 280 30.69 9.72 -7.90
C THR D 280 31.99 10.05 -8.60
N GLN D 281 32.02 9.85 -9.90
CA GLN D 281 33.17 10.27 -10.68
C GLN D 281 33.31 11.78 -10.61
N LYS D 282 34.51 12.23 -10.26
CA LYS D 282 34.79 13.64 -10.07
C LYS D 282 36.05 14.02 -10.82
N VAL D 283 36.13 15.30 -11.18
CA VAL D 283 37.33 15.88 -11.77
C VAL D 283 38.02 16.69 -10.67
N SER D 284 39.29 16.37 -10.42
CA SER D 284 40.08 17.00 -9.37
C SER D 284 39.54 16.71 -7.98
N GLY D 285 38.65 15.72 -7.85
CA GLY D 285 38.08 15.36 -6.58
C GLY D 285 36.96 16.26 -6.09
N MET D 286 36.54 17.24 -6.89
CA MET D 286 35.53 18.20 -6.45
C MET D 286 34.36 18.33 -7.42
N ILE D 287 34.61 18.28 -8.72
CA ILE D 287 33.60 18.52 -9.73
C ILE D 287 33.09 17.18 -10.23
N PRO D 288 31.81 16.84 -10.01
CA PRO D 288 31.29 15.59 -10.59
C PRO D 288 31.44 15.59 -12.10
N LYS D 289 31.86 14.45 -12.64
CA LYS D 289 32.00 14.36 -14.09
C LYS D 289 30.64 14.49 -14.77
N GLU D 290 29.59 13.98 -14.14
CA GLU D 290 28.24 14.10 -14.65
C GLU D 290 27.43 14.99 -13.73
N VAL D 291 26.77 15.99 -14.31
CA VAL D 291 25.94 16.91 -13.56
C VAL D 291 24.48 16.54 -13.84
N PRO D 292 23.53 17.10 -13.10
CA PRO D 292 22.13 16.76 -13.34
C PRO D 292 21.71 17.08 -14.75
N GLU D 293 20.71 16.35 -15.23
CA GLU D 293 20.21 16.55 -16.57
C GLU D 293 19.77 18.00 -16.76
N GLY D 294 20.13 18.57 -17.91
CA GLY D 294 19.79 19.93 -18.22
C GLY D 294 20.67 20.98 -17.61
N THR D 295 21.66 20.58 -16.83
CA THR D 295 22.58 21.51 -16.18
C THR D 295 23.95 21.41 -16.82
N ASP D 296 24.72 22.47 -16.65
CA ASP D 296 26.12 22.50 -17.06
C ASP D 296 26.99 22.62 -15.83
N HIS D 297 28.24 22.17 -15.98
CA HIS D 297 29.14 22.14 -14.83
C HIS D 297 29.33 23.53 -14.24
N LEU D 298 29.48 24.55 -15.09
CA LEU D 298 29.78 25.88 -14.59
C LEU D 298 28.65 26.40 -13.70
N THR D 299 27.42 26.37 -14.20
CA THR D 299 26.30 26.88 -13.42
C THR D 299 25.98 25.96 -12.25
N TYR D 300 26.08 24.65 -12.46
CA TYR D 300 25.82 23.72 -11.36
C TYR D 300 26.81 23.93 -10.23
N MET D 301 28.10 24.01 -10.56
CA MET D 301 29.11 24.23 -9.53
C MET D 301 28.94 25.59 -8.88
N GLY D 302 28.66 26.62 -9.68
CA GLY D 302 28.41 27.93 -9.11
C GLY D 302 27.21 27.93 -8.19
N LEU D 303 26.11 27.32 -8.64
CA LEU D 303 24.94 27.19 -7.78
C LEU D 303 25.25 26.31 -6.59
N ALA D 304 26.01 25.23 -6.81
CA ALA D 304 26.38 24.36 -5.71
C ALA D 304 27.20 25.11 -4.67
N ALA D 305 28.14 25.94 -5.13
CA ALA D 305 28.94 26.72 -4.20
C ALA D 305 28.05 27.66 -3.39
N ALA D 306 27.13 28.36 -4.06
CA ALA D 306 26.22 29.25 -3.36
C ALA D 306 25.34 28.46 -2.39
N ALA D 307 24.92 27.26 -2.80
CA ALA D 307 24.05 26.45 -1.96
C ALA D 307 24.75 26.03 -0.67
N ARG D 308 26.02 25.65 -0.77
CA ARG D 308 26.77 25.27 0.43
C ARG D 308 26.84 26.42 1.43
N ILE D 309 27.09 27.63 0.95
CA ILE D 309 27.19 28.77 1.85
C ILE D 309 25.84 29.08 2.47
N ALA D 310 24.77 28.91 1.70
CA ALA D 310 23.43 29.15 2.19
C ALA D 310 22.81 27.94 2.87
N ALA D 311 23.55 26.83 2.95
CA ALA D 311 23.00 25.61 3.47
C ALA D 311 22.53 25.79 4.91
N PRO D 312 21.28 25.50 5.22
CA PRO D 312 20.83 25.61 6.61
C PRO D 312 21.43 24.51 7.47
N GLN D 313 21.38 24.74 8.78
CA GLN D 313 22.01 23.81 9.72
C GLN D 313 21.39 22.43 9.63
N TRP D 314 20.07 22.35 9.49
CA TRP D 314 19.41 21.05 9.45
C TRP D 314 19.87 20.22 8.26
N SER D 315 20.27 20.86 7.17
CA SER D 315 20.74 20.12 6.00
C SER D 315 22.06 19.40 6.27
N LYS D 316 22.76 19.78 7.35
CA LYS D 316 24.02 19.18 7.72
C LYS D 316 23.89 18.17 8.85
N GLU D 317 22.67 17.90 9.32
CA GLU D 317 22.42 16.99 10.41
C GLU D 317 21.55 15.85 9.95
N ASP D 318 21.45 14.84 10.82
CA ASP D 318 20.60 13.70 10.55
C ASP D 318 19.15 14.14 10.49
N MET D 319 18.44 13.65 9.50
CA MET D 319 17.02 13.92 9.35
C MET D 319 16.20 12.65 9.35
N PHE D 320 16.73 11.57 8.78
CA PHE D 320 16.08 10.26 8.80
C PHE D 320 16.52 9.53 10.06
N VAL D 321 16.08 10.08 11.18
CA VAL D 321 16.49 9.59 12.48
C VAL D 321 15.57 8.45 12.90
N VAL D 322 16.04 7.70 13.89
CA VAL D 322 15.27 6.60 14.44
C VAL D 322 13.93 7.10 14.93
O O E . -20.83 13.16 9.05
MG MG F . -24.47 25.34 10.93
FE FCO G . -21.12 14.86 7.72
C1 FCO G . -22.78 14.85 8.53
N1 FCO G . -23.76 14.88 9.05
C2 FCO G . -21.59 13.55 6.46
N2 FCO G . -21.84 12.72 5.72
C3 FCO G . -21.49 16.24 6.56
O3 FCO G . -21.72 17.06 5.82
NI 3NI H . -19.41 13.88 9.46
C1K VK3 I . 10.61 31.65 -7.22
O1K VK3 I . 10.34 31.78 -8.40
C2K VK3 I . 11.25 32.77 -6.48
C3K VK3 I . 11.57 32.68 -5.19
C4K VK3 I . 11.28 31.44 -4.45
O4K VK3 I . 11.58 31.35 -3.26
C5K VK3 I . 10.66 30.30 -5.14
C6K VK3 I . 10.38 29.12 -4.46
C7K VK3 I . 9.79 28.05 -5.12
C8K VK3 I . 9.45 28.16 -6.45
C9K VK3 I . 9.72 29.33 -7.13
C10 VK3 I . 10.32 30.40 -6.49
C11 VK3 I . 12.21 33.82 -4.47
H2K1 VK3 I . 11.44 33.67 -7.07
H6K1 VK3 I . 10.63 29.02 -3.41
H7K1 VK3 I . 9.57 27.13 -4.58
H8K1 VK3 I . 8.99 27.32 -6.96
H9K1 VK3 I . 9.46 29.39 -8.20
H111 VK3 I . 13.06 33.52 -3.84
H112 VK3 I . 12.59 34.58 -5.16
H113 VK3 I . 11.52 34.34 -3.80
FE1 F3S J . -7.68 18.21 12.42
FE3 F3S J . -8.58 18.29 14.95
FE4 F3S J . -9.98 16.96 13.08
S1 F3S J . -6.48 17.96 14.29
S2 F3S J . -8.40 16.18 11.64
S3 F3S J . -9.61 19.25 13.14
S4 F3S J . -9.72 16.33 15.22
FE1 F3S K . 1.43 19.80 5.09
FE3 F3S K . 1.43 17.16 5.55
FE4 F3S K . -0.14 18.75 7.01
S1 F3S K . 1.48 18.16 3.57
S2 F3S K . -0.71 20.46 5.62
S3 F3S K . 2.18 18.77 7.01
S4 F3S K . -0.69 16.70 6.26
FE1 F3S L . 7.66 23.12 -3.00
FE3 F3S L . 5.97 22.67 -0.97
FE4 F3S L . 7.10 20.61 -2.24
S1 F3S L . 7.58 24.20 -1.05
S2 F3S L . 9.12 21.35 -2.94
S3 F3S L . 5.59 22.10 -3.18
S4 F3S L . 6.72 20.74 -0.03
O O M . 16.27 -19.05 -7.89
MG MG N . 28.41 -20.29 -11.93
FE FCO O . 18.20 -18.62 -6.98
C1 FCO O . 18.48 -20.39 -7.44
N1 FCO O . 18.66 -21.43 -7.76
C2 FCO O . 17.32 -19.04 -5.38
N2 FCO O . 16.76 -19.27 -4.43
C3 FCO O . 19.81 -18.39 -6.13
O3 FCO O . 20.79 -18.26 -5.59
NI 3NI P . 16.49 -17.62 -8.72
C1K VK3 Q . 28.48 18.64 -2.69
O1K VK3 Q . 28.88 18.71 -1.54
C2K VK3 Q . 29.23 19.31 -3.78
C3K VK3 Q . 28.84 19.27 -5.05
C4K VK3 Q . 27.60 18.55 -5.41
O4K VK3 Q . 27.22 18.51 -6.58
C5K VK3 Q . 26.82 17.87 -4.35
C6K VK3 Q . 25.65 17.18 -4.68
C7K VK3 Q . 24.92 16.55 -3.68
C8K VK3 Q . 25.34 16.60 -2.37
C9K VK3 Q . 26.50 17.28 -2.05
C10 VK3 Q . 27.24 17.92 -3.04
C11 VK3 Q . 29.60 19.95 -6.13
H2K1 VK3 Q . 30.14 19.84 -3.47
H6K1 VK3 Q . 25.30 17.13 -5.69
H7K1 VK3 Q . 24.01 16.00 -3.93
H8K1 VK3 Q . 24.76 16.10 -1.59
H9K1 VK3 Q . 26.82 17.31 -1.00
H111 VK3 Q . 28.98 20.53 -6.82
H112 VK3 Q . 30.34 20.65 -5.72
H113 VK3 Q . 30.17 19.24 -6.75
FE1 F3S R . 17.40 4.42 -9.87
FE3 F3S R . 14.82 3.74 -9.68
FE4 F3S R . 16.47 2.25 -11.16
S1 F3S R . 16.12 4.48 -8.04
S2 F3S R . 18.48 2.41 -10.14
S3 F3S R . 15.87 4.45 -11.59
S4 F3S R . 14.81 1.46 -9.84
FE1 F3S S . 20.42 12.98 -4.11
FE3 F3S S . 20.05 10.79 -5.62
FE4 F3S S . 18.05 11.73 -4.13
S1 F3S S . 21.09 12.66 -6.21
S2 F3S S . 18.35 13.97 -4.02
S3 F3S S . 20.03 10.85 -3.33
S4 F3S S . 17.85 10.86 -6.21
FE1 F3S T . 16.93 -6.30 -14.77
FE3 F3S T . 16.77 -7.75 -17.03
FE4 F3S T . 16.24 -8.91 -14.66
S1 F3S T . 16.03 -5.68 -16.72
S2 F3S T . 15.36 -7.24 -13.40
S3 F3S T . 18.29 -8.07 -15.34
S4 F3S T . 15.17 -9.32 -16.61
#